data_2WBK
#
_entry.id   2WBK
#
_cell.length_a   91.447
_cell.length_b   115.504
_cell.length_c   97.705
_cell.angle_alpha   90.00
_cell.angle_beta   115.99
_cell.angle_gamma   90.00
#
_symmetry.space_group_name_H-M   'P 1 21 1'
#
loop_
_entity.id
_entity.type
_entity.pdbx_description
1 polymer BETA-MANNOSIDASE
2 non-polymer 1,2-ETHANEDIOL
3 non-polymer 'CHLORIDE ION'
4 non-polymer '2,4-dinitrophenyl 2-deoxy-2-fluoro-beta-D-mannopyranoside'
5 non-polymer 'BROMIDE ION'
6 water water
#
_entity_poly.entity_id   1
_entity_poly.type   'polypeptide(L)'
_entity_poly.pdbx_seq_one_letter_code
;QGNDTSEVMLLDTGWEFSQSGTEKWMPATVPGTVHQDLISHELLPNPFYGMNEKKIQWVENEDWEYRTSFIVSEEQLNRD
GIQLIFEGLDTYADVYLNGSLLLKADNMFVGYTLPVKSVLRKGENHLYIYFHSPIRQTLPQYASNGFNYPADNDHHEKHL
SVFSRKAPYSYGWDWGIRMVTSGVWRPVTLRFYDIATISDYYVRQLSLTDENARLSNELIVNQIVPQKIPAEVRVNVSLN
GTTVTEVKQQVTLQPGINHITLPAEVTNPVRWMPNGWGTPTLYDFSAQIACGDRIVAEQSHRIGLRTIRVVNEKDKDGES
FYFEVNGIPMFAKGANYIPQDALLPNVTTERYQTLFRDMKEANMNMVRIWGGGTYENNLFYDLADENGILVWQDFMFACT
PYPSDPTFLKRVEAEAVYNIRRLRNHASLAMWCGNNEILEALKYWGFEKKFTPEVYQGLMHGYDKLFRELLPSTVKEFDS
DRFYVHSSPYLANWGRPESWGTGDSHNWGVWYGKKPFESLDTDLPRFMSQFGFQSFPEMKTIAAFAAPEDYQIESEVMNA
HQKSSIGNSLIRTYMERDYIIPESFEDFVYVGLVLQGQGMRHGLEAHRRNRPYCMGTLYWQLNDSWPVVSWSSIDYYGNW
KALHYQAKRAFAPVLINPIQQNDSLSVYLISDRLDTMEQMTLEMKVVDFDGKTLGKKIQVHSLEVPANTSKCVYRAKLDG
WLTPEDCRRSFLKLILKDKSGHQVAESVHFFRKTKDLQLPPTSVSYQMKQTDGKCELTLFSSMLAKDIFIETPLQGARYS
DNFFDLLPGERKKVIITSPRIKKGEELPVNIKHIRETYKLEHHHHHH
;
_entity_poly.pdbx_strand_id   A,B
#
# COMPACT_ATOMS: atom_id res chain seq x y z
N ASN A 3 19.25 10.32 8.02
CA ASN A 3 18.73 10.71 9.37
C ASN A 3 19.82 11.43 10.18
N ASP A 4 20.43 10.81 11.19
CA ASP A 4 21.53 11.46 11.94
C ASP A 4 22.47 10.39 12.50
N THR A 5 23.51 10.83 13.22
CA THR A 5 24.59 9.95 13.76
C THR A 5 24.22 9.28 15.08
N SER A 6 23.03 9.56 15.63
CA SER A 6 22.59 8.93 16.86
C SER A 6 22.38 7.42 16.63
N GLU A 7 22.50 6.61 17.66
CA GLU A 7 22.08 5.21 17.61
C GLU A 7 20.87 4.98 18.54
N VAL A 8 19.80 4.37 18.04
CA VAL A 8 18.64 4.06 18.86
C VAL A 8 18.57 2.58 19.09
N MET A 9 18.41 2.19 20.37
CA MET A 9 18.29 0.80 20.79
C MET A 9 16.91 0.60 21.37
N LEU A 10 16.16 -0.33 20.81
CA LEU A 10 14.78 -0.62 21.20
C LEU A 10 14.79 -1.61 22.33
N LEU A 11 14.34 -1.20 23.51
CA LEU A 11 14.25 -2.13 24.62
C LEU A 11 12.92 -2.82 24.46
N ASP A 12 12.81 -3.66 23.45
CA ASP A 12 11.55 -4.40 23.28
C ASP A 12 11.64 -5.91 23.43
N THR A 13 12.72 -6.43 23.97
CA THR A 13 12.77 -7.89 24.22
C THR A 13 13.50 -8.17 25.51
N GLY A 14 13.42 -9.40 25.97
CA GLY A 14 14.15 -9.80 27.16
C GLY A 14 13.46 -9.38 28.42
N TRP A 15 12.18 -9.00 28.33
CA TRP A 15 11.51 -8.54 29.53
C TRP A 15 10.79 -9.66 30.26
N GLU A 16 10.72 -9.54 31.59
CA GLU A 16 10.05 -10.50 32.44
C GLU A 16 9.19 -9.74 33.40
N PHE A 17 8.20 -10.43 33.96
CA PHE A 17 7.27 -9.82 34.88
C PHE A 17 6.96 -10.70 36.10
N SER A 18 6.45 -10.08 37.16
CA SER A 18 6.14 -10.81 38.37
C SER A 18 5.06 -10.13 39.16
N GLN A 19 4.19 -10.94 39.72
CA GLN A 19 3.25 -10.52 40.73
C GLN A 19 4.10 -10.21 41.95
N SER A 20 4.04 -8.97 42.43
CA SER A 20 4.90 -8.54 43.52
CA SER A 20 4.90 -8.52 43.51
C SER A 20 4.64 -9.35 44.77
N GLY A 21 5.71 -9.73 45.46
CA GLY A 21 5.55 -10.60 46.61
C GLY A 21 5.78 -12.08 46.31
N THR A 22 5.73 -12.48 45.03
CA THR A 22 5.89 -13.91 44.69
C THR A 22 7.31 -14.38 44.32
N GLU A 23 8.17 -13.47 43.88
CA GLU A 23 9.51 -13.87 43.43
C GLU A 23 9.47 -14.82 42.22
N LYS A 24 8.29 -15.01 41.61
CA LYS A 24 8.22 -15.77 40.34
C LYS A 24 8.23 -14.87 39.08
N TRP A 25 9.23 -15.05 38.22
CA TRP A 25 9.42 -14.29 37.00
C TRP A 25 9.12 -15.13 35.79
N MET A 26 8.40 -14.53 34.84
CA MET A 26 7.95 -15.19 33.61
CA MET A 26 8.01 -15.20 33.60
C MET A 26 8.16 -14.25 32.42
N PRO A 27 8.32 -14.80 31.17
CA PRO A 27 8.51 -13.84 30.04
C PRO A 27 7.33 -12.86 29.82
N ALA A 28 7.67 -11.66 29.39
CA ALA A 28 6.72 -10.58 29.19
C ALA A 28 6.87 -10.00 27.79
N THR A 29 5.81 -9.38 27.26
CA THR A 29 5.88 -8.68 25.97
C THR A 29 5.70 -7.16 26.25
N VAL A 30 6.69 -6.38 25.82
CA VAL A 30 6.71 -4.92 25.95
C VAL A 30 6.92 -4.29 24.58
N PRO A 31 6.09 -3.28 24.21
CA PRO A 31 4.96 -2.76 24.94
C PRO A 31 3.92 -3.83 25.20
N GLY A 32 3.26 -3.75 26.35
CA GLY A 32 2.20 -4.72 26.64
C GLY A 32 1.56 -4.40 27.98
N THR A 33 0.74 -5.31 28.50
CA THR A 33 -0.01 -5.09 29.72
C THR A 33 0.07 -6.33 30.61
N VAL A 34 -0.19 -6.14 31.90
CA VAL A 34 -0.18 -7.23 32.89
C VAL A 34 -1.14 -8.30 32.43
N HIS A 35 -2.35 -7.90 32.03
CA HIS A 35 -3.38 -8.85 31.57
C HIS A 35 -2.92 -9.69 30.40
N GLN A 36 -2.36 -9.08 29.37
CA GLN A 36 -1.93 -9.88 28.23
C GLN A 36 -0.83 -10.85 28.64
N ASP A 37 0.08 -10.36 29.51
CA ASP A 37 1.20 -11.21 29.89
C ASP A 37 0.69 -12.45 30.60
N LEU A 38 -0.27 -12.23 31.49
CA LEU A 38 -0.96 -13.30 32.23
C LEU A 38 -1.71 -14.24 31.28
N ILE A 39 -2.51 -13.65 30.37
CA ILE A 39 -3.27 -14.41 29.34
C ILE A 39 -2.32 -15.34 28.56
N SER A 40 -1.15 -14.82 28.19
CA SER A 40 -0.23 -15.56 27.35
C SER A 40 0.48 -16.73 28.09
N HIS A 41 0.38 -16.77 29.43
CA HIS A 41 0.78 -17.95 30.18
C HIS A 41 -0.40 -18.74 30.74
N GLU A 42 -1.61 -18.43 30.30
CA GLU A 42 -2.81 -19.10 30.78
C GLU A 42 -3.03 -18.87 32.23
N LEU A 43 -2.57 -17.73 32.70
CA LEU A 43 -2.77 -17.45 34.09
C LEU A 43 -4.06 -16.65 34.28
N LEU A 44 -4.65 -16.22 33.17
CA LEU A 44 -6.04 -15.62 33.14
C LEU A 44 -6.80 -16.33 32.01
N PRO A 45 -8.11 -16.54 32.18
CA PRO A 45 -8.89 -17.03 31.04
C PRO A 45 -9.10 -15.90 30.02
N ASN A 46 -9.70 -16.21 28.86
CA ASN A 46 -10.03 -15.19 27.90
C ASN A 46 -11.02 -14.20 28.55
N PRO A 47 -10.56 -12.93 28.77
CA PRO A 47 -11.32 -11.92 29.54
C PRO A 47 -12.62 -11.52 28.87
N PHE A 48 -12.66 -11.64 27.53
CA PHE A 48 -13.81 -11.28 26.71
C PHE A 48 -14.83 -12.41 26.59
N TYR A 49 -14.47 -13.62 27.05
CA TYR A 49 -15.40 -14.77 26.92
C TYR A 49 -16.42 -14.92 28.09
N GLY A 50 -17.67 -15.13 27.75
CA GLY A 50 -18.59 -15.70 28.72
C GLY A 50 -18.79 -14.80 29.89
N MET A 51 -18.66 -15.36 31.09
CA MET A 51 -18.80 -14.59 32.34
C MET A 51 -17.41 -14.22 32.90
N ASN A 52 -16.38 -14.24 32.06
CA ASN A 52 -15.02 -14.10 32.58
C ASN A 52 -14.69 -12.73 33.20
N GLU A 53 -15.51 -11.69 32.96
CA GLU A 53 -15.15 -10.38 33.51
C GLU A 53 -14.89 -10.41 35.03
N LYS A 54 -15.80 -11.05 35.78
CA LYS A 54 -15.71 -11.17 37.25
C LYS A 54 -14.40 -11.86 37.66
N LYS A 55 -13.98 -12.83 36.85
CA LYS A 55 -12.83 -13.69 37.17
C LYS A 55 -11.48 -13.01 36.96
N ILE A 56 -11.40 -11.85 36.31
CA ILE A 56 -10.08 -11.22 36.04
C ILE A 56 -9.88 -9.98 36.92
N GLN A 57 -10.89 -9.67 37.70
CA GLN A 57 -10.87 -8.48 38.55
C GLN A 57 -9.73 -8.53 39.61
N TRP A 58 -9.34 -9.72 40.03
CA TRP A 58 -8.29 -9.83 41.05
C TRP A 58 -7.00 -9.12 40.67
N VAL A 59 -6.72 -8.97 39.39
CA VAL A 59 -5.42 -8.46 38.93
C VAL A 59 -5.20 -7.00 39.38
N GLU A 60 -6.28 -6.22 39.45
CA GLU A 60 -6.18 -4.79 39.78
C GLU A 60 -5.80 -4.53 41.25
N ASN A 61 -5.87 -5.57 42.07
CA ASN A 61 -5.59 -5.46 43.50
C ASN A 61 -4.16 -5.82 43.84
N GLU A 62 -3.37 -6.34 42.87
CA GLU A 62 -1.97 -6.71 43.04
C GLU A 62 -1.04 -5.62 42.46
N ASP A 63 0.20 -5.61 42.92
CA ASP A 63 1.26 -4.80 42.34
C ASP A 63 2.00 -5.73 41.38
N TRP A 64 2.62 -5.15 40.34
CA TRP A 64 3.32 -5.93 39.29
C TRP A 64 4.65 -5.35 39.00
N GLU A 65 5.62 -6.25 38.82
CA GLU A 65 6.94 -5.78 38.57
C GLU A 65 7.42 -6.21 37.21
N TYR A 66 8.28 -5.41 36.59
CA TYR A 66 8.82 -5.76 35.26
C TYR A 66 10.29 -5.49 35.30
N ARG A 67 11.05 -6.31 34.58
CA ARG A 67 12.51 -6.07 34.46
C ARG A 67 13.07 -6.50 33.13
N THR A 68 14.17 -5.82 32.77
CA THR A 68 15.00 -6.33 31.69
C THR A 68 16.49 -5.98 31.92
N SER A 69 17.35 -6.58 31.09
CA SER A 69 18.77 -6.34 31.10
C SER A 69 19.22 -6.09 29.68
N PHE A 70 20.26 -5.29 29.51
CA PHE A 70 20.79 -4.97 28.18
C PHE A 70 22.29 -4.58 28.32
N ILE A 71 23.03 -4.70 27.20
CA ILE A 71 24.45 -4.45 27.13
C ILE A 71 24.71 -3.08 26.60
N VAL A 72 25.66 -2.40 27.20
CA VAL A 72 26.19 -1.17 26.64
C VAL A 72 27.68 -1.37 26.40
N SER A 73 28.13 -1.08 25.18
CA SER A 73 29.53 -1.28 24.85
C SER A 73 30.36 -0.12 25.35
N GLU A 74 31.68 -0.29 25.26
CA GLU A 74 32.60 0.79 25.59
C GLU A 74 32.37 2.03 24.70
N GLU A 75 32.28 1.85 23.37
CA GLU A 75 32.04 2.99 22.48
C GLU A 75 30.68 3.63 22.72
N GLN A 76 29.69 2.83 23.13
CA GLN A 76 28.36 3.36 23.38
C GLN A 76 28.38 4.25 24.60
N LEU A 77 29.15 3.83 25.58
CA LEU A 77 29.28 4.53 26.83
C LEU A 77 30.05 5.83 26.63
N ASN A 78 30.91 5.90 25.61
CA ASN A 78 31.62 7.14 25.32
C ASN A 78 30.83 8.13 24.48
N ARG A 79 29.66 7.79 23.95
CA ARG A 79 28.90 8.85 23.25
C ARG A 79 28.68 10.04 24.23
N ASP A 80 28.45 11.24 23.69
CA ASP A 80 28.23 12.43 24.55
C ASP A 80 27.03 12.34 25.49
N GLY A 81 25.89 11.84 24.98
CA GLY A 81 24.66 11.76 25.76
C GLY A 81 23.99 10.43 25.58
N ILE A 82 23.20 10.00 26.56
CA ILE A 82 22.45 8.77 26.38
C ILE A 82 21.13 9.01 27.10
N GLN A 83 20.02 8.88 26.37
CA GLN A 83 18.68 9.19 26.91
C GLN A 83 17.90 7.89 26.95
N LEU A 84 17.06 7.78 27.96
CA LEU A 84 16.10 6.71 28.08
C LEU A 84 14.69 7.31 27.96
N ILE A 85 13.93 6.82 26.98
CA ILE A 85 12.62 7.40 26.69
C ILE A 85 11.52 6.37 26.94
N PHE A 86 10.55 6.73 27.80
CA PHE A 86 9.35 5.93 27.98
C PHE A 86 8.19 6.73 27.32
N GLU A 87 7.61 6.19 26.26
CA GLU A 87 6.52 6.87 25.58
C GLU A 87 5.23 6.70 26.35
N GLY A 88 5.20 5.75 27.29
CA GLY A 88 3.95 5.49 28.09
C GLY A 88 4.22 4.51 29.22
N LEU A 89 3.85 4.92 30.44
CA LEU A 89 3.80 4.04 31.60
C LEU A 89 2.43 4.14 32.27
N ASP A 90 1.77 3.00 32.43
CA ASP A 90 0.41 2.94 32.97
C ASP A 90 0.51 2.21 34.31
N THR A 91 0.55 2.86 35.46
CA THR A 91 0.49 4.33 35.62
C THR A 91 1.43 4.80 36.73
N TYR A 92 1.24 4.28 37.94
CA TYR A 92 2.07 4.62 39.10
C TYR A 92 3.26 3.65 39.06
N ALA A 93 4.37 4.11 38.47
CA ALA A 93 5.52 3.23 38.20
C ALA A 93 6.79 3.86 38.70
N ASP A 94 7.51 3.09 39.54
CA ASP A 94 8.83 3.52 39.99
C ASP A 94 9.83 2.84 39.07
N VAL A 95 10.70 3.64 38.45
CA VAL A 95 11.60 3.13 37.43
C VAL A 95 13.02 3.15 37.99
N TYR A 96 13.65 1.98 38.07
CA TYR A 96 15.00 1.84 38.60
C TYR A 96 16.00 1.35 37.53
N LEU A 97 17.17 1.99 37.48
CA LEU A 97 18.19 1.58 36.54
C LEU A 97 19.51 1.50 37.33
N ASN A 98 20.18 0.37 37.30
CA ASN A 98 21.47 0.21 38.01
C ASN A 98 21.50 0.85 39.43
N GLY A 99 20.47 0.64 40.22
CA GLY A 99 20.43 1.19 41.59
C GLY A 99 19.83 2.57 41.73
N SER A 100 19.58 3.23 40.60
CA SER A 100 19.06 4.56 40.64
C SER A 100 17.55 4.64 40.36
N LEU A 101 16.84 5.37 41.24
CA LEU A 101 15.43 5.70 41.02
C LEU A 101 15.38 6.82 40.00
N LEU A 102 15.02 6.51 38.77
CA LEU A 102 15.01 7.59 37.75
C LEU A 102 13.74 8.37 37.78
N LEU A 103 12.66 7.67 38.15
CA LEU A 103 11.38 8.27 37.89
C LEU A 103 10.29 7.62 38.72
N LYS A 104 9.48 8.45 39.36
CA LYS A 104 8.19 8.04 39.93
C LYS A 104 7.09 8.60 38.97
N ALA A 105 6.68 7.77 38.01
CA ALA A 105 5.75 8.14 36.95
C ALA A 105 4.35 8.11 37.53
N ASP A 106 3.49 9.00 37.07
CA ASP A 106 2.11 9.03 37.65
C ASP A 106 1.12 9.57 36.64
N ASN A 107 1.44 9.42 35.36
CA ASN A 107 0.52 9.89 34.33
C ASN A 107 0.69 9.05 33.09
N MET A 108 -0.31 8.22 32.83
CA MET A 108 -0.33 7.33 31.65
C MET A 108 -0.12 8.11 30.33
N PHE A 109 -0.57 9.36 30.31
CA PHE A 109 -0.65 10.12 29.07
C PHE A 109 0.62 10.95 28.79
N VAL A 110 1.66 10.75 29.59
CA VAL A 110 2.91 11.56 29.46
C VAL A 110 4.05 10.69 29.03
N GLY A 111 4.82 11.15 28.04
CA GLY A 111 6.08 10.48 27.65
C GLY A 111 7.27 10.99 28.45
N TYR A 112 8.22 10.12 28.86
CA TYR A 112 9.34 10.60 29.70
C TYR A 112 10.68 10.45 29.00
N THR A 113 11.48 11.50 29.03
CA THR A 113 12.86 11.46 28.44
C THR A 113 13.92 11.64 29.53
N LEU A 114 14.70 10.62 29.83
CA LEU A 114 15.55 10.63 31.01
C LEU A 114 17.03 10.59 30.64
N PRO A 115 17.84 11.55 31.14
CA PRO A 115 19.29 11.43 30.82
C PRO A 115 19.90 10.30 31.65
N VAL A 116 20.61 9.38 31.03
CA VAL A 116 21.04 8.24 31.85
C VAL A 116 22.51 7.86 31.71
N LYS A 117 23.29 8.68 30.99
CA LYS A 117 24.69 8.36 30.75
C LYS A 117 25.50 8.02 32.05
N SER A 118 25.30 8.83 33.10
CA SER A 118 26.06 8.69 34.37
C SER A 118 25.62 7.47 35.24
N VAL A 119 24.49 6.83 34.90
CA VAL A 119 24.05 5.67 35.67
CA VAL A 119 23.98 5.68 35.64
C VAL A 119 24.30 4.36 34.92
N LEU A 120 24.58 4.45 33.61
CA LEU A 120 24.83 3.29 32.77
C LEU A 120 26.19 2.70 33.05
N ARG A 121 26.33 1.40 32.81
CA ARG A 121 27.58 0.70 33.09
C ARG A 121 28.04 -0.03 31.82
N LYS A 122 29.37 -0.15 31.65
CA LYS A 122 29.91 -1.03 30.62
C LYS A 122 29.45 -2.44 30.83
N GLY A 123 28.94 -3.06 29.77
CA GLY A 123 28.52 -4.44 29.86
C GLY A 123 27.07 -4.44 30.31
N GLU A 124 26.72 -5.31 31.25
CA GLU A 124 25.31 -5.51 31.62
C GLU A 124 24.67 -4.37 32.46
N ASN A 125 23.42 -4.01 32.14
CA ASN A 125 22.65 -2.93 32.79
C ASN A 125 21.27 -3.47 33.15
N HIS A 126 20.70 -3.03 34.29
CA HIS A 126 19.45 -3.65 34.79
C HIS A 126 18.38 -2.60 35.05
N LEU A 127 17.24 -2.82 34.40
CA LEU A 127 16.12 -1.93 34.39
C LEU A 127 14.99 -2.73 35.08
N TYR A 128 14.46 -2.16 36.16
CA TYR A 128 13.34 -2.71 36.95
C TYR A 128 12.31 -1.62 37.10
N ILE A 129 11.04 -1.99 36.96
CA ILE A 129 9.95 -1.05 37.06
C ILE A 129 8.92 -1.69 37.97
N TYR A 130 8.56 -1.00 39.06
CA TYR A 130 7.51 -1.46 39.99
C TYR A 130 6.21 -0.68 39.72
N PHE A 131 5.14 -1.39 39.36
CA PHE A 131 3.86 -0.78 39.07
C PHE A 131 2.96 -0.97 40.29
N HIS A 132 2.76 0.10 41.08
CA HIS A 132 1.73 0.10 42.13
C HIS A 132 0.35 0.00 41.49
N SER A 133 -0.51 -0.78 42.13
CA SER A 133 -1.88 -0.96 41.75
C SER A 133 -2.50 0.43 41.82
N PRO A 134 -3.23 0.80 40.78
CA PRO A 134 -3.76 2.16 40.81
C PRO A 134 -4.99 2.22 41.69
N ILE A 135 -5.44 1.03 42.12
CA ILE A 135 -6.51 0.90 43.11
C ILE A 135 -5.94 1.15 44.54
N ARG A 136 -5.02 0.27 44.96
CA ARG A 136 -4.26 0.34 46.22
C ARG A 136 -3.65 1.70 46.43
N GLN A 137 -3.04 2.22 45.39
CA GLN A 137 -2.45 3.52 45.39
C GLN A 137 -3.48 4.60 45.65
N THR A 138 -4.73 4.44 45.20
CA THR A 138 -5.73 5.50 45.44
C THR A 138 -6.78 5.28 46.54
N LEU A 139 -6.78 4.09 47.14
CA LEU A 139 -7.70 3.86 48.28
C LEU A 139 -7.48 4.89 49.42
N PRO A 140 -6.21 5.19 49.78
CA PRO A 140 -6.13 6.17 50.87
C PRO A 140 -6.63 7.54 50.43
N GLN A 141 -6.41 7.87 49.15
CA GLN A 141 -6.77 9.16 48.63
C GLN A 141 -8.27 9.40 48.69
N TYR A 142 -9.01 8.38 48.27
CA TYR A 142 -10.45 8.34 48.35
C TYR A 142 -10.95 8.37 49.79
N ALA A 143 -10.28 7.61 50.66
CA ALA A 143 -10.69 7.65 52.06
C ALA A 143 -10.52 9.06 52.62
N SER A 144 -9.50 9.80 52.20
CA SER A 144 -9.36 11.22 52.67
C SER A 144 -10.40 12.17 52.05
N ASN A 145 -11.05 11.75 50.96
CA ASN A 145 -11.88 12.66 50.15
C ASN A 145 -13.19 13.04 50.83
N GLY A 146 -13.78 12.11 51.58
CA GLY A 146 -14.97 12.45 52.31
C GLY A 146 -16.24 12.43 51.44
N PHE A 147 -16.12 12.23 50.12
CA PHE A 147 -17.30 11.92 49.29
C PHE A 147 -16.80 11.04 48.15
N ASN A 148 -17.75 10.42 47.44
CA ASN A 148 -17.52 9.65 46.23
C ASN A 148 -17.92 10.53 45.03
N TYR A 149 -17.01 10.72 44.10
CA TYR A 149 -17.33 11.35 42.85
C TYR A 149 -18.35 10.44 42.11
N PRO A 150 -19.28 11.07 41.36
CA PRO A 150 -20.38 10.36 40.78
C PRO A 150 -20.03 9.87 39.36
N ALA A 151 -19.01 9.02 39.27
CA ALA A 151 -18.58 8.49 37.99
C ALA A 151 -19.22 7.09 37.91
N ASP A 152 -20.46 7.03 37.41
CA ASP A 152 -21.15 5.76 37.29
C ASP A 152 -20.54 4.78 36.31
N ASN A 153 -19.71 5.23 35.35
CA ASN A 153 -19.05 4.32 34.44
C ASN A 153 -17.81 3.65 35.05
N ASP A 154 -17.39 4.13 36.22
CA ASP A 154 -16.38 3.48 37.03
C ASP A 154 -17.01 2.30 37.82
N HIS A 155 -16.85 1.09 37.29
CA HIS A 155 -17.60 -0.09 37.78
C HIS A 155 -16.99 -0.70 39.08
N HIS A 156 -17.13 0.04 40.16
CA HIS A 156 -16.64 -0.32 41.49
C HIS A 156 -17.52 0.55 42.41
N GLU A 157 -17.81 0.03 43.60
CA GLU A 157 -18.39 0.84 44.70
C GLU A 157 -17.63 2.18 44.89
N LYS A 158 -16.30 2.15 44.87
CA LYS A 158 -15.50 3.36 45.03
C LYS A 158 -14.98 3.83 43.68
N HIS A 159 -15.27 5.09 43.37
CA HIS A 159 -15.02 5.62 42.05
C HIS A 159 -13.63 6.24 42.02
N LEU A 160 -12.63 5.37 41.89
CA LEU A 160 -11.26 5.77 42.04
C LEU A 160 -10.60 6.27 40.76
N SER A 161 -11.28 6.03 39.64
CA SER A 161 -10.78 6.51 38.35
C SER A 161 -10.42 7.98 38.41
N VAL A 162 -11.27 8.78 39.04
CA VAL A 162 -11.10 10.25 38.91
C VAL A 162 -9.80 10.81 39.52
N PHE A 163 -9.19 10.02 40.41
CA PHE A 163 -7.94 10.39 41.04
C PHE A 163 -6.70 10.12 40.19
N SER A 164 -6.83 9.28 39.17
CA SER A 164 -5.67 8.84 38.39
C SER A 164 -5.77 9.38 36.98
N ARG A 165 -4.64 9.86 36.50
CA ARG A 165 -4.47 10.18 35.08
C ARG A 165 -4.14 8.88 34.34
N LYS A 166 -5.23 8.22 33.93
CA LYS A 166 -5.23 6.87 33.44
C LYS A 166 -6.55 6.73 32.68
N ALA A 167 -6.48 6.04 31.54
CA ALA A 167 -7.62 5.88 30.61
C ALA A 167 -8.88 5.62 31.36
N PRO A 168 -9.81 6.59 31.32
CA PRO A 168 -11.10 6.40 32.07
C PRO A 168 -11.80 5.08 31.77
N TYR A 169 -11.91 4.71 30.51
CA TYR A 169 -12.62 3.48 30.14
C TYR A 169 -12.04 2.19 30.80
N SER A 170 -10.78 2.19 31.28
CA SER A 170 -10.17 0.96 31.84
C SER A 170 -10.87 0.52 33.09
N TYR A 171 -11.52 1.46 33.79
CA TYR A 171 -12.35 1.19 34.96
C TYR A 171 -13.74 0.68 34.59
N GLY A 172 -14.00 0.49 33.32
CA GLY A 172 -15.37 0.12 32.91
C GLY A 172 -15.94 1.23 32.04
N TRP A 173 -17.00 0.92 31.30
CA TRP A 173 -17.84 1.94 30.66
C TRP A 173 -19.15 1.25 30.26
N ASP A 174 -20.13 2.01 29.76
CA ASP A 174 -21.43 1.36 29.44
C ASP A 174 -21.46 0.58 28.14
N TRP A 175 -20.31 0.41 27.51
CA TRP A 175 -20.16 -0.54 26.40
C TRP A 175 -18.84 -1.24 26.70
N GLY A 176 -18.35 -1.08 27.94
CA GLY A 176 -16.98 -1.54 28.20
C GLY A 176 -16.79 -2.58 29.27
N ILE A 177 -15.71 -3.34 29.15
CA ILE A 177 -15.28 -4.28 30.20
C ILE A 177 -14.29 -3.57 31.13
N ARG A 178 -14.36 -3.86 32.43
CA ARG A 178 -13.40 -3.25 33.37
C ARG A 178 -12.17 -4.13 33.42
N MET A 179 -11.06 -3.55 32.99
CA MET A 179 -9.75 -4.19 32.96
C MET A 179 -8.77 -3.09 33.34
N VAL A 180 -8.59 -2.93 34.65
CA VAL A 180 -7.76 -1.84 35.20
C VAL A 180 -6.34 -2.36 35.20
N THR A 181 -5.72 -2.21 34.04
CA THR A 181 -4.45 -2.84 33.73
C THR A 181 -3.28 -1.94 34.06
N SER A 182 -2.06 -2.47 33.93
CA SER A 182 -0.84 -1.68 34.16
C SER A 182 0.20 -2.09 33.15
N GLY A 183 1.32 -1.41 33.10
CA GLY A 183 2.43 -1.90 32.23
C GLY A 183 3.11 -0.83 31.40
N VAL A 184 4.07 -1.27 30.60
CA VAL A 184 4.83 -0.35 29.75
C VAL A 184 4.02 -0.30 28.45
N TRP A 185 3.11 0.64 28.33
CA TRP A 185 2.14 0.52 27.29
C TRP A 185 2.51 1.13 25.93
N ARG A 186 3.65 1.83 25.86
CA ARG A 186 4.23 2.34 24.61
C ARG A 186 5.73 2.07 24.68
N PRO A 187 6.46 2.21 23.56
CA PRO A 187 7.85 1.81 23.49
C PRO A 187 8.81 2.57 24.39
N VAL A 188 9.89 1.84 24.71
CA VAL A 188 10.96 2.25 25.55
C VAL A 188 12.15 2.27 24.61
N THR A 189 12.85 3.39 24.53
CA THR A 189 14.00 3.41 23.65
C THR A 189 15.17 4.04 24.38
N LEU A 190 16.35 3.68 23.92
CA LEU A 190 17.55 4.23 24.44
C LEU A 190 18.33 4.87 23.29
N ARG A 191 18.72 6.14 23.43
CA ARG A 191 19.31 6.83 22.32
C ARG A 191 20.71 7.31 22.68
N PHE A 192 21.70 6.96 21.86
CA PHE A 192 23.11 7.27 22.12
C PHE A 192 23.48 8.31 21.09
N TYR A 193 23.88 9.51 21.49
CA TYR A 193 24.04 10.58 20.50
C TYR A 193 25.21 11.51 20.78
N ASP A 194 25.58 12.28 19.76
CA ASP A 194 26.63 13.30 19.85
C ASP A 194 26.04 14.69 20.01
N ILE A 195 26.69 15.50 20.86
CA ILE A 195 26.45 16.97 20.95
C ILE A 195 25.10 17.47 21.51
N ALA A 196 24.01 17.18 20.79
CA ALA A 196 22.67 17.62 21.15
C ALA A 196 21.56 16.71 20.55
N THR A 197 20.35 16.79 21.13
CA THR A 197 19.15 16.27 20.49
C THR A 197 18.20 17.38 20.17
N ILE A 198 17.28 17.13 19.27
CA ILE A 198 16.15 18.07 19.06
C ILE A 198 15.03 17.61 20.01
N SER A 199 14.73 18.34 21.11
CA SER A 199 13.67 17.91 22.07
CA SER A 199 13.69 17.92 22.06
C SER A 199 12.30 18.28 21.55
N ASP A 200 12.22 19.30 20.69
CA ASP A 200 10.96 19.63 20.04
C ASP A 200 11.18 20.31 18.69
N TYR A 201 10.31 19.98 17.73
CA TYR A 201 10.38 20.61 16.44
C TYR A 201 8.94 20.96 16.08
N TYR A 202 8.66 22.27 16.02
CA TYR A 202 7.33 22.75 15.76
C TYR A 202 7.35 23.59 14.47
N VAL A 203 6.55 23.16 13.50
CA VAL A 203 6.45 23.89 12.24
C VAL A 203 5.20 24.73 12.35
N ARG A 204 5.41 26.04 12.49
CA ARG A 204 4.32 26.90 12.78
C ARG A 204 3.93 27.71 11.55
N GLN A 205 2.69 27.55 11.16
CA GLN A 205 2.15 28.24 10.03
C GLN A 205 1.82 29.67 10.46
N LEU A 206 2.51 30.64 9.86
CA LEU A 206 2.24 32.04 10.18
C LEU A 206 1.09 32.55 9.36
N SER A 207 1.06 32.17 8.07
CA SER A 207 -0.04 32.61 7.21
C SER A 207 -0.08 31.71 5.97
N LEU A 208 -1.25 31.56 5.39
CA LEU A 208 -1.40 30.84 4.14
C LEU A 208 -2.35 31.54 3.16
N THR A 209 -1.86 31.82 1.94
CA THR A 209 -2.72 32.30 0.83
C THR A 209 -2.45 31.38 -0.38
N ASP A 210 -3.22 31.54 -1.46
CA ASP A 210 -2.94 30.78 -2.66
C ASP A 210 -1.55 31.02 -3.18
N GLU A 211 -1.06 32.23 -2.98
CA GLU A 211 0.24 32.62 -3.47
C GLU A 211 1.38 32.18 -2.55
N ASN A 212 1.12 32.06 -1.24
CA ASN A 212 2.24 31.87 -0.31
C ASN A 212 1.91 31.22 1.03
N ALA A 213 2.73 30.25 1.38
CA ALA A 213 2.76 29.75 2.75
C ALA A 213 3.97 30.29 3.50
N ARG A 214 3.70 30.92 4.65
CA ARG A 214 4.73 31.48 5.52
C ARG A 214 4.82 30.63 6.81
N LEU A 215 5.95 29.94 6.98
CA LEU A 215 6.10 29.03 8.13
C LEU A 215 7.20 29.52 9.04
N SER A 216 7.09 29.18 10.31
CA SER A 216 8.21 29.37 11.22
C SER A 216 8.66 28.04 11.83
N ASN A 217 9.88 27.65 11.55
CA ASN A 217 10.43 26.42 12.10
C ASN A 217 10.99 26.70 13.47
N GLU A 218 10.29 26.27 14.51
CA GLU A 218 10.78 26.47 15.86
C GLU A 218 11.37 25.20 16.42
N LEU A 219 12.62 25.31 16.87
CA LEU A 219 13.36 24.19 17.43
C LEU A 219 13.85 24.45 18.81
N ILE A 220 13.75 23.42 19.64
CA ILE A 220 14.36 23.42 20.94
C ILE A 220 15.36 22.31 20.88
N VAL A 221 16.61 22.72 21.09
CA VAL A 221 17.72 21.86 20.96
C VAL A 221 18.38 21.81 22.32
N ASN A 222 18.56 20.61 22.85
CA ASN A 222 19.23 20.42 24.12
C ASN A 222 20.65 19.87 23.95
N GLN A 223 21.65 20.70 24.27
CA GLN A 223 23.03 20.31 24.11
C GLN A 223 23.57 19.71 25.37
N ILE A 224 24.25 18.60 25.24
CA ILE A 224 24.67 17.84 26.40
C ILE A 224 26.17 18.04 26.73
N VAL A 225 26.95 18.72 25.88
CA VAL A 225 28.41 18.84 26.10
C VAL A 225 28.69 20.22 26.67
N PRO A 226 29.81 20.38 27.42
CA PRO A 226 30.16 21.68 28.09
C PRO A 226 30.57 22.84 27.17
N GLN A 227 31.13 22.55 26.00
CA GLN A 227 31.72 23.58 25.14
C GLN A 227 30.70 24.44 24.44
N LYS A 228 31.19 25.50 23.80
CA LYS A 228 30.40 26.31 22.87
C LYS A 228 30.58 25.63 21.51
N ILE A 229 29.47 25.23 20.89
CA ILE A 229 29.56 24.42 19.64
C ILE A 229 29.07 25.16 18.41
N PRO A 230 30.00 25.48 17.49
CA PRO A 230 29.51 26.08 16.22
C PRO A 230 28.72 25.02 15.45
N ALA A 231 27.56 25.39 14.92
CA ALA A 231 26.79 24.41 14.15
C ALA A 231 25.99 25.13 13.09
N GLU A 232 25.43 24.34 12.18
CA GLU A 232 24.55 24.91 11.19
C GLU A 232 23.14 24.24 11.25
N VAL A 233 22.10 25.04 11.50
CA VAL A 233 20.76 24.51 11.48
C VAL A 233 20.16 24.59 10.05
N ARG A 234 19.57 23.47 9.60
CA ARG A 234 19.08 23.31 8.22
C ARG A 234 17.67 22.77 8.18
N VAL A 235 16.81 23.43 7.42
CA VAL A 235 15.49 22.92 7.18
C VAL A 235 15.32 22.68 5.71
N ASN A 236 15.04 21.43 5.34
CA ASN A 236 14.64 21.09 3.96
C ASN A 236 13.16 20.76 3.90
N VAL A 237 12.49 21.45 2.96
CA VAL A 237 11.08 21.29 2.67
C VAL A 237 11.06 20.61 1.29
N SER A 238 10.40 19.45 1.23
CA SER A 238 10.36 18.62 0.00
CA SER A 238 10.36 18.61 0.01
C SER A 238 8.96 18.06 -0.21
N LEU A 239 8.65 17.76 -1.45
CA LEU A 239 7.34 17.24 -1.78
C LEU A 239 7.63 16.11 -2.71
N ASN A 240 7.11 14.95 -2.35
CA ASN A 240 7.22 13.79 -3.17
C ASN A 240 8.69 13.47 -3.57
N GLY A 241 9.63 13.76 -2.66
CA GLY A 241 11.08 13.48 -2.87
C GLY A 241 11.89 14.62 -3.49
N THR A 242 11.21 15.69 -3.87
CA THR A 242 11.89 16.79 -4.55
C THR A 242 11.85 18.03 -3.66
N THR A 243 13.02 18.58 -3.37
CA THR A 243 13.19 19.84 -2.62
C THR A 243 12.34 20.94 -3.19
N VAL A 244 11.67 21.66 -2.30
CA VAL A 244 10.82 22.77 -2.69
C VAL A 244 11.51 24.09 -2.28
N THR A 245 12.17 24.04 -1.11
CA THR A 245 12.89 25.17 -0.51
C THR A 245 13.76 24.65 0.63
N GLU A 246 14.86 25.35 0.88
CA GLU A 246 15.85 24.93 1.85
C GLU A 246 16.36 26.19 2.49
N VAL A 247 16.38 26.25 3.82
CA VAL A 247 16.91 27.40 4.51
C VAL A 247 17.97 26.95 5.47
N LYS A 248 18.92 27.84 5.80
CA LYS A 248 19.94 27.52 6.80
C LYS A 248 20.22 28.65 7.79
N GLN A 249 20.95 28.36 8.86
CA GLN A 249 21.32 29.34 9.86
C GLN A 249 22.57 28.85 10.60
N GLN A 250 23.57 29.72 10.70
CA GLN A 250 24.77 29.47 11.48
CA GLN A 250 24.75 29.40 11.49
C GLN A 250 24.42 29.74 12.93
N VAL A 251 24.84 28.86 13.83
CA VAL A 251 24.59 29.11 15.24
C VAL A 251 25.84 28.73 16.05
N THR A 252 25.90 29.17 17.29
CA THR A 252 26.85 28.58 18.24
C THR A 252 26.03 28.01 19.40
N LEU A 253 26.06 26.70 19.59
CA LEU A 253 25.17 26.10 20.59
C LEU A 253 25.79 26.20 21.99
N GLN A 254 24.96 26.54 22.97
CA GLN A 254 25.37 26.61 24.40
C GLN A 254 24.87 25.36 25.13
N PRO A 255 25.63 24.89 26.13
CA PRO A 255 25.18 23.69 26.87
C PRO A 255 23.75 23.90 27.38
N GLY A 256 22.95 22.84 27.46
CA GLY A 256 21.55 22.99 27.85
C GLY A 256 20.66 23.39 26.68
N ILE A 257 19.60 24.14 26.99
CA ILE A 257 18.53 24.41 26.07
C ILE A 257 18.87 25.57 25.15
N ASN A 258 18.50 25.46 23.86
CA ASN A 258 18.74 26.52 22.86
C ASN A 258 17.45 26.74 22.08
N HIS A 259 17.12 27.97 21.74
CA HIS A 259 15.91 28.26 21.00
C HIS A 259 16.22 28.79 19.62
N ILE A 260 15.85 28.03 18.60
CA ILE A 260 16.21 28.39 17.24
C ILE A 260 14.91 28.46 16.44
N THR A 261 14.82 29.47 15.59
CA THR A 261 13.69 29.76 14.73
C THR A 261 14.30 30.08 13.36
N LEU A 262 13.89 29.34 12.33
CA LEU A 262 14.15 29.66 10.91
C LEU A 262 12.83 29.83 10.19
N PRO A 263 12.63 30.97 9.50
CA PRO A 263 11.47 31.07 8.60
C PRO A 263 11.66 30.22 7.32
N ALA A 264 10.55 29.81 6.71
CA ALA A 264 10.58 29.16 5.41
C ALA A 264 9.28 29.53 4.72
N GLU A 265 9.37 29.70 3.41
CA GLU A 265 8.22 30.06 2.57
C GLU A 265 8.10 29.07 1.40
N VAL A 266 6.85 28.69 1.08
CA VAL A 266 6.53 27.91 -0.08
C VAL A 266 5.61 28.77 -0.90
N THR A 267 6.05 29.17 -2.08
CA THR A 267 5.15 29.98 -2.93
C THR A 267 4.25 29.02 -3.68
N ASN A 268 3.02 29.45 -3.96
CA ASN A 268 2.07 28.62 -4.67
C ASN A 268 1.99 27.25 -3.97
N PRO A 269 1.71 27.24 -2.63
CA PRO A 269 1.66 25.99 -1.89
C PRO A 269 0.56 25.07 -2.40
N VAL A 270 0.77 23.76 -2.30
CA VAL A 270 -0.32 22.82 -2.57
C VAL A 270 -1.08 22.45 -1.27
N ARG A 271 -2.32 22.89 -1.17
CA ARG A 271 -3.07 22.73 0.07
C ARG A 271 -3.45 21.27 0.39
N TRP A 272 -3.36 20.91 1.67
CA TRP A 272 -4.02 19.73 2.22
C TRP A 272 -5.53 19.97 2.25
N MET A 273 -6.27 19.05 1.69
CA MET A 273 -7.71 19.13 1.66
C MET A 273 -8.26 17.83 2.32
N PRO A 274 -9.45 17.92 2.95
CA PRO A 274 -10.04 16.78 3.64
C PRO A 274 -10.71 15.84 2.67
N ASN A 275 -10.97 14.66 3.17
CA ASN A 275 -11.60 13.61 2.39
C ASN A 275 -12.89 14.09 1.74
N GLY A 276 -12.91 14.00 0.39
CA GLY A 276 -14.06 14.40 -0.42
C GLY A 276 -13.85 15.77 -1.05
N TRP A 277 -12.80 16.47 -0.59
CA TRP A 277 -12.51 17.75 -1.19
C TRP A 277 -11.24 17.70 -1.98
N GLY A 278 -10.62 16.55 -2.16
CA GLY A 278 -9.37 16.58 -2.93
C GLY A 278 -8.24 15.91 -2.20
N THR A 279 -6.99 16.24 -2.53
CA THR A 279 -5.92 15.37 -2.07
C THR A 279 -5.39 15.86 -0.69
N PRO A 280 -5.17 14.93 0.25
CA PRO A 280 -4.57 15.33 1.54
C PRO A 280 -3.06 15.50 1.39
N THR A 281 -2.65 16.43 0.54
CA THR A 281 -1.22 16.65 0.27
C THR A 281 -0.40 16.95 1.50
N LEU A 282 0.74 16.27 1.59
CA LEU A 282 1.64 16.35 2.74
C LEU A 282 3.06 16.62 2.29
N TYR A 283 3.61 17.77 2.73
CA TYR A 283 5.02 18.09 2.60
C TYR A 283 5.91 17.34 3.60
N ASP A 284 7.15 17.14 3.23
CA ASP A 284 8.15 16.73 4.19
C ASP A 284 9.08 17.86 4.62
N PHE A 285 9.05 18.14 5.93
CA PHE A 285 9.99 19.10 6.56
C PHE A 285 10.95 18.34 7.40
N SER A 286 12.23 18.50 7.14
CA SER A 286 13.27 17.86 7.94
C SER A 286 14.16 18.93 8.50
N ALA A 287 14.31 18.98 9.82
CA ALA A 287 15.28 19.89 10.44
C ALA A 287 16.55 19.15 10.86
N GLN A 288 17.69 19.75 10.61
CA GLN A 288 18.97 19.09 10.85
C GLN A 288 19.87 20.02 11.64
N ILE A 289 20.64 19.46 12.56
CA ILE A 289 21.66 20.21 13.26
C ILE A 289 22.96 19.64 12.75
N ALA A 290 23.71 20.45 11.98
CA ALA A 290 25.00 19.99 11.47
C ALA A 290 26.21 20.62 12.22
N CYS A 291 27.20 19.80 12.56
CA CYS A 291 28.41 20.23 13.24
C CYS A 291 29.54 19.69 12.40
N GLY A 292 30.10 20.55 11.55
CA GLY A 292 31.13 20.16 10.61
C GLY A 292 30.50 19.28 9.58
N ASP A 293 30.95 18.04 9.54
CA ASP A 293 30.44 17.11 8.55
C ASP A 293 29.28 16.24 9.08
N ARG A 294 29.08 16.21 10.39
CA ARG A 294 28.11 15.29 10.96
C ARG A 294 26.75 15.95 11.11
N ILE A 295 25.70 15.24 10.69
CA ILE A 295 24.35 15.55 11.14
C ILE A 295 24.16 14.86 12.52
N VAL A 296 24.21 15.67 13.57
CA VAL A 296 24.15 15.12 14.97
C VAL A 296 22.72 14.89 15.43
N ALA A 297 21.77 15.60 14.81
CA ALA A 297 20.38 15.49 15.17
C ALA A 297 19.57 15.88 13.96
N GLU A 298 18.57 15.09 13.66
CA GLU A 298 17.66 15.41 12.62
C GLU A 298 16.24 15.10 13.17
N GLN A 299 15.23 15.82 12.73
CA GLN A 299 13.88 15.43 13.02
C GLN A 299 13.00 15.83 11.89
N SER A 300 11.99 15.00 11.55
CA SER A 300 11.07 15.40 10.50
CA SER A 300 11.07 15.29 10.44
C SER A 300 9.60 15.31 10.86
N HIS A 301 8.79 16.08 10.15
CA HIS A 301 7.34 16.01 10.28
C HIS A 301 6.79 15.97 8.86
N ARG A 302 5.67 15.29 8.69
CA ARG A 302 4.83 15.51 7.51
C ARG A 302 3.87 16.66 7.83
N ILE A 303 3.72 17.57 6.86
CA ILE A 303 3.05 18.82 7.10
C ILE A 303 2.03 19.03 6.01
N GLY A 304 0.79 19.31 6.40
CA GLY A 304 -0.24 19.66 5.44
C GLY A 304 -0.47 21.16 5.60
N LEU A 305 -0.45 21.87 4.47
CA LEU A 305 -0.69 23.31 4.48
C LEU A 305 -2.15 23.58 4.26
N ARG A 306 -2.80 24.17 5.27
CA ARG A 306 -4.23 24.41 5.23
C ARG A 306 -4.59 25.31 6.40
N THR A 307 -5.71 26.02 6.29
CA THR A 307 -6.26 26.74 7.41
C THR A 307 -7.45 25.95 7.88
N ILE A 308 -7.61 25.88 9.20
CA ILE A 308 -8.82 25.34 9.78
C ILE A 308 -9.28 26.37 10.80
N ARG A 309 -10.55 26.73 10.73
CA ARG A 309 -11.06 27.73 11.64
C ARG A 309 -12.42 27.28 12.10
N VAL A 310 -12.57 27.11 13.43
CA VAL A 310 -13.87 26.80 13.99
C VAL A 310 -14.59 28.09 14.28
N VAL A 311 -15.73 28.26 13.65
CA VAL A 311 -16.49 29.47 13.77
C VAL A 311 -17.58 29.21 14.80
N ASN A 312 -17.50 29.96 15.89
CA ASN A 312 -18.39 29.80 17.02
C ASN A 312 -18.78 31.22 17.39
N GLU A 313 -19.86 31.69 16.77
CA GLU A 313 -20.28 33.06 16.88
C GLU A 313 -21.76 33.15 17.07
N LYS A 314 -22.18 34.19 17.81
CA LYS A 314 -23.59 34.55 17.95
C LYS A 314 -24.09 34.87 16.56
N ASP A 315 -25.23 34.33 16.20
CA ASP A 315 -25.82 34.62 14.90
C ASP A 315 -27.34 34.53 15.07
N LYS A 316 -28.08 34.68 13.97
CA LYS A 316 -29.55 34.81 14.02
C LYS A 316 -30.23 33.63 14.68
N ASP A 317 -29.56 32.47 14.63
CA ASP A 317 -30.18 31.20 15.02
C ASP A 317 -29.78 30.75 16.44
N GLY A 318 -28.78 31.42 17.00
CA GLY A 318 -28.30 31.14 18.36
C GLY A 318 -26.81 31.41 18.35
N GLU A 319 -26.00 30.35 18.44
CA GLU A 319 -24.55 30.45 18.28
C GLU A 319 -24.13 29.33 17.35
N SER A 320 -23.47 29.74 16.27
CA SER A 320 -23.01 28.81 15.22
C SER A 320 -21.94 27.86 15.79
N PHE A 321 -21.64 26.79 15.07
CA PHE A 321 -20.54 25.86 15.46
C PHE A 321 -20.17 25.04 14.23
N TYR A 322 -19.16 25.50 13.49
CA TYR A 322 -18.85 24.82 12.24
C TYR A 322 -17.39 24.98 11.88
N PHE A 323 -16.90 24.20 10.92
CA PHE A 323 -15.51 24.20 10.61
C PHE A 323 -15.35 24.78 9.25
N GLU A 324 -14.41 25.69 9.13
CA GLU A 324 -14.10 26.30 7.87
C GLU A 324 -12.73 25.84 7.43
N VAL A 325 -12.64 25.24 6.26
CA VAL A 325 -11.41 24.60 5.89
C VAL A 325 -10.92 25.18 4.58
N ASN A 326 -9.69 25.66 4.63
CA ASN A 326 -9.10 26.47 3.55
C ASN A 326 -10.12 27.50 3.06
N GLY A 327 -10.88 28.07 3.99
CA GLY A 327 -11.74 29.21 3.67
C GLY A 327 -13.14 28.83 3.32
N ILE A 328 -13.46 27.54 3.27
CA ILE A 328 -14.81 27.11 2.87
C ILE A 328 -15.47 26.34 4.01
N PRO A 329 -16.72 26.70 4.33
CA PRO A 329 -17.46 26.00 5.37
C PRO A 329 -17.68 24.53 4.97
N MET A 330 -17.33 23.60 5.87
CA MET A 330 -17.29 22.17 5.54
C MET A 330 -18.31 21.47 6.42
N PHE A 331 -19.35 20.90 5.83
CA PHE A 331 -20.25 20.09 6.65
C PHE A 331 -19.45 18.82 7.15
N ALA A 332 -19.38 18.62 8.48
CA ALA A 332 -18.56 17.54 9.01
C ALA A 332 -19.40 16.26 9.06
N LYS A 333 -18.74 15.14 8.72
CA LYS A 333 -19.37 13.83 8.62
C LYS A 333 -18.42 12.77 9.19
N GLY A 334 -18.81 12.14 10.29
CA GLY A 334 -17.92 11.15 10.92
C GLY A 334 -18.53 10.63 12.18
N ALA A 335 -17.70 10.38 13.19
CA ALA A 335 -18.17 9.68 14.36
C ALA A 335 -17.26 9.87 15.58
N ASN A 336 -17.75 9.41 16.73
CA ASN A 336 -17.00 9.51 17.96
C ASN A 336 -16.19 8.21 18.03
N TYR A 337 -14.90 8.35 18.32
CA TYR A 337 -14.00 7.18 18.36
C TYR A 337 -13.68 6.77 19.81
N ILE A 338 -13.77 5.47 20.09
CA ILE A 338 -13.29 4.96 21.39
C ILE A 338 -12.02 4.12 21.19
N PRO A 339 -11.31 3.73 22.28
CA PRO A 339 -10.20 2.77 22.16
C PRO A 339 -10.66 1.46 21.50
N GLN A 340 -9.78 0.94 20.65
CA GLN A 340 -10.08 -0.25 19.85
C GLN A 340 -9.90 -1.56 20.65
N ASP A 341 -9.39 -1.49 21.87
CA ASP A 341 -9.17 -2.68 22.69
C ASP A 341 -9.18 -2.38 24.14
N ALA A 342 -9.71 -3.31 24.94
CA ALA A 342 -9.48 -3.25 26.40
C ALA A 342 -7.97 -3.21 26.73
N LEU A 343 -7.14 -3.77 25.86
CA LEU A 343 -5.68 -3.77 26.08
C LEU A 343 -4.98 -3.02 24.93
N LEU A 344 -4.68 -1.76 25.19
CA LEU A 344 -4.20 -0.82 24.14
C LEU A 344 -3.05 -1.34 23.28
N PRO A 345 -2.03 -1.96 23.93
CA PRO A 345 -0.88 -2.35 23.08
C PRO A 345 -1.22 -3.52 22.21
N ASN A 346 -2.39 -4.13 22.41
CA ASN A 346 -2.81 -5.21 21.52
C ASN A 346 -3.29 -4.68 20.14
N VAL A 347 -3.53 -3.37 20.02
CA VAL A 347 -4.05 -2.88 18.76
C VAL A 347 -2.88 -2.78 17.75
N THR A 348 -3.03 -3.39 16.57
CA THR A 348 -1.88 -3.55 15.67
C THR A 348 -1.83 -2.39 14.68
N THR A 349 -0.68 -2.20 14.01
CA THR A 349 -0.56 -1.29 12.91
C THR A 349 -1.65 -1.54 11.88
N GLU A 350 -1.87 -2.81 11.52
CA GLU A 350 -2.89 -3.18 10.55
C GLU A 350 -4.30 -2.82 11.01
N ARG A 351 -4.63 -3.09 12.28
CA ARG A 351 -5.95 -2.64 12.81
C ARG A 351 -6.19 -1.13 12.70
N TYR A 352 -5.18 -0.33 13.05
CA TYR A 352 -5.24 1.15 12.86
C TYR A 352 -5.51 1.51 11.41
N GLN A 353 -4.64 1.01 10.51
CA GLN A 353 -4.80 1.11 9.05
C GLN A 353 -6.20 0.72 8.53
N THR A 354 -6.73 -0.42 8.94
CA THR A 354 -8.05 -0.84 8.51
C THR A 354 -9.12 0.12 9.02
N LEU A 355 -8.99 0.55 10.26
CA LEU A 355 -10.00 1.51 10.80
C LEU A 355 -10.07 2.81 9.96
N PHE A 356 -8.92 3.35 9.57
CA PHE A 356 -8.93 4.55 8.73
C PHE A 356 -9.51 4.30 7.35
N ARG A 357 -9.25 3.10 6.82
CA ARG A 357 -9.88 2.68 5.59
C ARG A 357 -11.41 2.67 5.79
N ASP A 358 -11.87 2.20 6.94
CA ASP A 358 -13.31 2.15 7.21
C ASP A 358 -13.99 3.52 7.22
N MET A 359 -13.36 4.46 7.89
CA MET A 359 -13.81 5.85 7.91
C MET A 359 -13.70 6.42 6.49
N LYS A 360 -12.59 6.24 5.82
CA LYS A 360 -12.44 6.86 4.48
C LYS A 360 -13.48 6.32 3.49
N GLU A 361 -13.66 5.01 3.47
CA GLU A 361 -14.65 4.41 2.59
C GLU A 361 -16.11 4.73 2.96
N ALA A 362 -16.37 5.11 4.20
CA ALA A 362 -17.69 5.61 4.51
C ALA A 362 -17.81 7.11 4.22
N ASN A 363 -16.84 7.69 3.53
CA ASN A 363 -16.96 9.10 3.12
C ASN A 363 -16.92 10.13 4.28
N MET A 364 -16.27 9.76 5.37
CA MET A 364 -16.19 10.58 6.56
C MET A 364 -15.08 11.63 6.34
N ASN A 365 -15.19 12.78 6.98
CA ASN A 365 -14.09 13.72 6.93
C ASN A 365 -13.75 14.18 8.35
N MET A 366 -14.33 13.53 9.36
CA MET A 366 -13.97 13.90 10.72
C MET A 366 -14.09 12.75 11.70
N VAL A 367 -13.20 12.73 12.69
CA VAL A 367 -13.40 11.83 13.80
C VAL A 367 -13.17 12.63 15.10
N ARG A 368 -13.94 12.34 16.13
CA ARG A 368 -13.68 12.89 17.45
C ARG A 368 -13.09 11.81 18.37
N ILE A 369 -11.91 12.12 18.95
CA ILE A 369 -11.29 11.21 19.90
C ILE A 369 -11.86 11.56 21.28
N TRP A 370 -12.87 10.78 21.68
CA TRP A 370 -13.66 11.05 22.89
C TRP A 370 -12.83 10.88 24.15
N GLY A 371 -13.07 11.78 25.12
CA GLY A 371 -12.22 11.90 26.30
C GLY A 371 -12.22 10.80 27.38
N GLY A 372 -12.93 9.68 27.16
CA GLY A 372 -12.86 8.51 28.05
C GLY A 372 -11.78 7.50 27.65
N GLY A 373 -10.99 7.79 26.60
CA GLY A 373 -10.02 6.83 26.10
C GLY A 373 -8.60 7.27 26.37
N THR A 374 -7.82 7.47 25.29
CA THR A 374 -6.46 8.02 25.40
C THR A 374 -6.23 9.08 24.36
N TYR A 375 -5.21 9.92 24.57
CA TYR A 375 -4.60 10.66 23.47
C TYR A 375 -3.95 9.67 22.52
N GLU A 376 -4.46 9.57 21.31
CA GLU A 376 -4.08 8.41 20.45
C GLU A 376 -2.62 8.44 20.03
N ASN A 377 -2.12 7.30 19.59
CA ASN A 377 -0.73 7.26 19.19
C ASN A 377 -0.36 8.06 17.92
N ASN A 378 0.95 8.23 17.70
CA ASN A 378 1.41 8.95 16.51
C ASN A 378 0.87 8.36 15.22
N LEU A 379 0.76 7.01 15.13
CA LEU A 379 0.22 6.37 13.94
C LEU A 379 -1.23 6.81 13.60
N PHE A 380 -2.10 6.93 14.60
CA PHE A 380 -3.47 7.33 14.38
C PHE A 380 -3.62 8.70 13.66
N TYR A 381 -2.86 9.70 14.13
CA TYR A 381 -2.82 11.04 13.56
CA TYR A 381 -2.80 11.05 13.58
C TYR A 381 -2.09 11.07 12.23
N ASP A 382 -1.06 10.24 12.08
CA ASP A 382 -0.45 10.13 10.76
C ASP A 382 -1.45 9.62 9.73
N LEU A 383 -2.29 8.67 10.13
CA LEU A 383 -3.27 8.13 9.21
C LEU A 383 -4.39 9.10 8.90
N ALA A 384 -4.88 9.84 9.92
CA ALA A 384 -5.82 10.89 9.66
C ALA A 384 -5.18 11.89 8.70
N ASP A 385 -3.88 12.19 8.88
CA ASP A 385 -3.23 13.15 7.99
C ASP A 385 -3.36 12.73 6.53
N GLU A 386 -2.95 11.48 6.24
CA GLU A 386 -2.86 10.99 4.84
C GLU A 386 -4.20 10.47 4.31
N ASN A 387 -5.24 10.43 5.16
CA ASN A 387 -6.57 10.15 4.69
C ASN A 387 -7.55 11.33 4.68
N GLY A 388 -7.07 12.53 4.97
CA GLY A 388 -7.90 13.73 4.94
C GLY A 388 -8.99 13.73 5.99
N ILE A 389 -8.75 13.06 7.14
CA ILE A 389 -9.72 13.01 8.24
C ILE A 389 -9.34 14.04 9.32
N LEU A 390 -10.19 15.06 9.51
CA LEU A 390 -10.07 16.01 10.63
C LEU A 390 -10.26 15.33 11.99
N VAL A 391 -9.47 15.74 12.97
CA VAL A 391 -9.55 15.19 14.30
C VAL A 391 -9.94 16.27 15.32
N TRP A 392 -11.01 16.00 16.05
CA TRP A 392 -11.41 16.69 17.25
C TRP A 392 -10.84 15.90 18.43
N GLN A 393 -9.90 16.51 19.15
CA GLN A 393 -9.24 15.85 20.26
C GLN A 393 -9.78 16.35 21.61
N ASP A 394 -10.58 15.53 22.31
CA ASP A 394 -10.96 15.80 23.69
C ASP A 394 -9.68 15.63 24.55
N PHE A 395 -9.51 16.45 25.59
CA PHE A 395 -8.64 16.03 26.69
C PHE A 395 -9.35 14.89 27.41
N MET A 396 -8.61 14.17 28.25
CA MET A 396 -9.11 12.88 28.72
C MET A 396 -9.92 12.95 30.01
N PHE A 397 -11.07 13.64 29.92
CA PHE A 397 -12.03 13.81 31.01
C PHE A 397 -13.45 13.54 30.52
N ALA A 398 -14.18 12.67 31.20
CA ALA A 398 -15.50 12.32 30.70
C ALA A 398 -16.53 11.95 31.71
N CYS A 399 -17.68 12.61 31.60
CA CYS A 399 -18.91 12.18 32.27
C CYS A 399 -19.00 12.31 33.79
N THR A 400 -17.99 12.93 34.41
CA THR A 400 -18.00 13.13 35.82
C THR A 400 -17.22 14.39 36.10
N PRO A 401 -17.55 15.11 37.18
CA PRO A 401 -16.53 16.09 37.62
C PRO A 401 -15.28 15.35 38.18
N TYR A 402 -14.17 16.09 38.24
CA TYR A 402 -12.85 15.61 38.58
C TYR A 402 -12.32 16.51 39.71
N PRO A 403 -11.29 16.03 40.44
CA PRO A 403 -10.56 16.86 41.42
C PRO A 403 -9.93 18.06 40.73
N SER A 404 -9.61 19.10 41.50
CA SER A 404 -8.97 20.29 40.91
C SER A 404 -7.96 20.88 41.89
N ASP A 405 -7.41 20.03 42.76
CA ASP A 405 -6.41 20.46 43.71
C ASP A 405 -5.10 20.76 42.97
N PRO A 406 -4.18 21.52 43.60
CA PRO A 406 -2.93 21.93 42.93
C PRO A 406 -2.09 20.78 42.33
N THR A 407 -2.01 19.68 43.04
CA THR A 407 -1.25 18.53 42.60
C THR A 407 -1.89 17.87 41.37
N PHE A 408 -3.17 17.53 41.48
CA PHE A 408 -3.87 17.00 40.34
C PHE A 408 -3.71 17.94 39.10
N LEU A 409 -3.84 19.27 39.28
CA LEU A 409 -3.72 20.22 38.14
C LEU A 409 -2.31 20.26 37.50
N LYS A 410 -1.26 20.16 38.34
CA LYS A 410 0.12 20.00 37.83
C LYS A 410 0.26 18.75 36.96
N ARG A 411 -0.38 17.67 37.37
CA ARG A 411 -0.33 16.45 36.56
C ARG A 411 -1.06 16.64 35.21
N VAL A 412 -2.24 17.23 35.27
CA VAL A 412 -2.96 17.54 34.07
C VAL A 412 -2.13 18.47 33.15
N GLU A 413 -1.48 19.49 33.72
CA GLU A 413 -0.73 20.41 32.96
C GLU A 413 0.39 19.69 32.19
N ALA A 414 1.05 18.75 32.84
CA ALA A 414 2.10 18.04 32.17
C ALA A 414 1.53 17.18 31.05
N GLU A 415 0.39 16.52 31.23
CA GLU A 415 -0.17 15.81 30.06
C GLU A 415 -0.64 16.78 28.94
N ALA A 416 -1.21 17.92 29.32
CA ALA A 416 -1.75 18.87 28.33
C ALA A 416 -0.60 19.37 27.48
N VAL A 417 0.49 19.82 28.10
CA VAL A 417 1.70 20.27 27.34
C VAL A 417 2.35 19.09 26.56
N TYR A 418 2.49 17.96 27.19
CA TYR A 418 3.14 16.85 26.46
C TYR A 418 2.34 16.48 25.19
N ASN A 419 1.04 16.24 25.31
CA ASN A 419 0.26 15.85 24.11
C ASN A 419 -0.01 16.96 23.11
N ILE A 420 -0.04 18.23 23.55
CA ILE A 420 -0.10 19.33 22.58
C ILE A 420 1.18 19.39 21.72
N ARG A 421 2.37 19.38 22.34
CA ARG A 421 3.61 19.38 21.57
C ARG A 421 3.76 18.12 20.70
N ARG A 422 3.33 16.97 21.20
CA ARG A 422 3.36 15.71 20.40
C ARG A 422 2.51 15.83 19.12
N LEU A 423 1.40 16.56 19.21
CA LEU A 423 0.38 16.48 18.20
C LEU A 423 0.20 17.71 17.33
N ARG A 424 0.82 18.85 17.70
CA ARG A 424 0.54 20.14 17.04
C ARG A 424 1.02 20.26 15.60
N ASN A 425 1.85 19.33 15.11
CA ASN A 425 2.26 19.40 13.68
C ASN A 425 1.42 18.57 12.70
N HIS A 426 0.40 17.91 13.23
CA HIS A 426 -0.55 17.15 12.40
C HIS A 426 -1.59 18.00 11.64
N ALA A 427 -1.53 17.94 10.30
CA ALA A 427 -2.54 18.58 9.43
C ALA A 427 -3.95 18.21 9.85
N SER A 428 -4.12 16.98 10.32
CA SER A 428 -5.44 16.54 10.76
C SER A 428 -5.96 17.22 12.02
N LEU A 429 -5.10 17.71 12.89
CA LEU A 429 -5.52 18.16 14.20
C LEU A 429 -6.36 19.43 14.05
N ALA A 430 -7.62 19.42 14.48
CA ALA A 430 -8.54 20.51 14.17
C ALA A 430 -8.96 21.36 15.36
N MET A 431 -9.01 20.78 16.56
CA MET A 431 -9.45 21.53 17.74
C MET A 431 -9.24 20.66 18.97
N TRP A 432 -9.30 21.32 20.12
CA TRP A 432 -9.24 20.70 21.43
C TRP A 432 -10.53 20.98 22.17
N CYS A 433 -10.95 20.01 22.95
CA CYS A 433 -12.16 20.11 23.73
C CYS A 433 -11.79 19.63 25.15
N GLY A 434 -12.08 20.49 26.13
CA GLY A 434 -11.68 20.22 27.50
C GLY A 434 -12.24 18.92 28.06
N ASN A 435 -13.50 18.58 27.76
CA ASN A 435 -14.07 17.31 28.24
C ASN A 435 -15.30 16.88 27.53
N ASN A 436 -15.78 15.68 27.84
CA ASN A 436 -17.06 15.21 27.37
C ASN A 436 -18.16 15.27 28.45
N GLU A 437 -19.13 16.16 28.22
CA GLU A 437 -20.41 16.15 28.95
C GLU A 437 -20.31 16.56 30.41
N ILE A 438 -19.16 17.10 30.83
CA ILE A 438 -19.00 17.34 32.27
C ILE A 438 -19.90 18.52 32.79
N LEU A 439 -19.91 19.64 32.09
CA LEU A 439 -20.86 20.71 32.42
C LEU A 439 -22.30 20.20 32.32
N GLU A 440 -22.60 19.39 31.31
CA GLU A 440 -23.93 18.80 31.26
C GLU A 440 -24.29 17.99 32.51
N ALA A 441 -23.37 17.11 32.90
CA ALA A 441 -23.44 16.36 34.15
C ALA A 441 -23.68 17.25 35.39
N LEU A 442 -22.92 18.34 35.49
CA LEU A 442 -22.99 19.24 36.64
C LEU A 442 -24.34 19.96 36.69
N LYS A 443 -24.88 20.33 35.53
CA LYS A 443 -26.19 21.04 35.51
C LYS A 443 -27.43 20.16 35.56
N TYR A 444 -27.41 19.06 34.82
CA TYR A 444 -28.64 18.30 34.48
C TYR A 444 -28.78 16.89 34.94
N TRP A 445 -27.73 16.28 35.49
CA TRP A 445 -27.84 14.86 35.78
C TRP A 445 -28.25 14.56 37.22
N GLY A 446 -28.63 15.60 37.98
CA GLY A 446 -29.28 15.40 39.27
C GLY A 446 -28.24 15.14 40.33
N PHE A 447 -27.08 15.76 40.15
CA PHE A 447 -25.92 15.62 41.07
C PHE A 447 -26.07 16.51 42.30
N GLU A 448 -26.73 17.65 42.16
CA GLU A 448 -26.84 18.60 43.26
C GLU A 448 -27.51 17.92 44.46
N LYS A 449 -28.39 16.97 44.14
CA LYS A 449 -29.12 16.23 45.14
C LYS A 449 -28.26 15.15 45.80
N LYS A 450 -27.08 14.86 45.25
CA LYS A 450 -26.20 13.82 45.77
C LYS A 450 -25.11 14.29 46.75
N PHE A 451 -24.84 15.59 46.77
CA PHE A 451 -23.81 16.12 47.64
C PHE A 451 -24.33 17.31 48.45
N THR A 452 -23.63 17.62 49.55
CA THR A 452 -23.91 18.82 50.34
C THR A 452 -23.78 20.04 49.40
N PRO A 453 -24.40 21.18 49.76
CA PRO A 453 -24.20 22.36 48.94
C PRO A 453 -22.72 22.79 48.87
N GLU A 454 -21.95 22.51 49.91
CA GLU A 454 -20.55 22.95 49.94
C GLU A 454 -19.67 22.14 48.99
N VAL A 455 -19.94 20.85 48.94
CA VAL A 455 -19.16 19.97 48.06
C VAL A 455 -19.51 20.37 46.61
N TYR A 456 -20.81 20.40 46.32
CA TYR A 456 -21.26 20.79 44.98
C TYR A 456 -20.67 22.14 44.55
N GLN A 457 -20.74 23.16 45.39
CA GLN A 457 -20.09 24.41 45.00
C GLN A 457 -18.57 24.25 44.72
N GLY A 458 -17.90 23.40 45.52
CA GLY A 458 -16.50 23.16 45.31
C GLY A 458 -16.27 22.43 43.97
N LEU A 459 -17.20 21.54 43.61
CA LEU A 459 -17.19 20.94 42.29
C LEU A 459 -17.38 21.97 41.12
N MET A 460 -18.28 22.93 41.31
CA MET A 460 -18.48 23.97 40.27
C MET A 460 -17.23 24.86 40.12
N HIS A 461 -16.65 25.30 41.24
CA HIS A 461 -15.43 26.06 41.18
CA HIS A 461 -15.43 26.07 41.19
C HIS A 461 -14.32 25.22 40.58
N GLY A 462 -14.26 23.94 40.98
CA GLY A 462 -13.26 23.00 40.45
C GLY A 462 -13.36 22.80 38.93
N TYR A 463 -14.59 22.82 38.43
CA TYR A 463 -14.80 22.82 36.97
C TYR A 463 -14.13 23.99 36.28
N ASP A 464 -14.37 25.20 36.80
CA ASP A 464 -13.66 26.38 36.23
C ASP A 464 -12.14 26.35 36.20
N LYS A 465 -11.50 25.86 37.27
CA LYS A 465 -10.01 25.91 37.35
C LYS A 465 -9.40 25.01 36.30
N LEU A 466 -10.06 23.88 36.04
CA LEU A 466 -9.50 22.92 35.07
C LEU A 466 -9.79 23.29 33.59
N PHE A 467 -11.08 23.38 33.26
CA PHE A 467 -11.55 23.52 31.90
C PHE A 467 -11.73 24.94 31.42
N ARG A 468 -11.81 25.93 32.32
CA ARG A 468 -11.98 27.32 31.86
C ARG A 468 -10.70 28.09 32.14
N GLU A 469 -9.71 27.47 32.76
CA GLU A 469 -8.49 28.17 33.07
C GLU A 469 -7.27 27.38 32.66
N LEU A 470 -7.03 26.26 33.33
CA LEU A 470 -5.78 25.58 33.05
C LEU A 470 -5.71 25.13 31.59
N LEU A 471 -6.70 24.37 31.14
CA LEU A 471 -6.61 23.76 29.78
C LEU A 471 -6.66 24.81 28.62
N PRO A 472 -7.61 25.78 28.66
CA PRO A 472 -7.53 26.87 27.62
C PRO A 472 -6.23 27.65 27.64
N SER A 473 -5.68 27.91 28.82
CA SER A 473 -4.38 28.61 28.92
CA SER A 473 -4.40 28.63 28.91
C SER A 473 -3.27 27.86 28.24
N THR A 474 -3.25 26.54 28.45
CA THR A 474 -2.20 25.70 27.88
C THR A 474 -2.31 25.68 26.35
N VAL A 475 -3.53 25.52 25.85
CA VAL A 475 -3.78 25.56 24.39
C VAL A 475 -3.33 26.91 23.79
N LYS A 476 -3.64 27.99 24.50
CA LYS A 476 -3.36 29.35 24.04
C LYS A 476 -1.88 29.51 23.98
N GLU A 477 -1.20 28.82 24.88
CA GLU A 477 0.22 28.96 24.92
C GLU A 477 0.99 28.14 23.89
N PHE A 478 0.57 26.91 23.65
CA PHE A 478 1.36 25.93 22.87
C PHE A 478 0.79 25.55 21.50
N ASP A 479 -0.43 25.99 21.23
CA ASP A 479 -1.16 25.69 19.99
C ASP A 479 -2.11 26.89 19.76
N SER A 480 -1.54 28.09 19.64
CA SER A 480 -2.29 29.36 19.65
C SER A 480 -3.23 29.58 18.49
N ASP A 481 -3.04 28.83 17.40
CA ASP A 481 -3.92 28.96 16.25
C ASP A 481 -5.03 27.89 16.19
N ARG A 482 -5.16 27.01 17.20
CA ARG A 482 -6.21 25.99 17.20
C ARG A 482 -7.32 26.31 18.17
N PHE A 483 -8.54 25.93 17.84
CA PHE A 483 -9.69 26.24 18.66
C PHE A 483 -9.70 25.33 19.90
N TYR A 484 -10.21 25.89 21.01
CA TYR A 484 -10.44 25.17 22.26
C TYR A 484 -11.83 25.52 22.69
N VAL A 485 -12.58 24.54 23.19
CA VAL A 485 -13.83 24.81 23.82
C VAL A 485 -13.79 24.02 25.13
N HIS A 486 -14.46 24.50 26.19
CA HIS A 486 -14.34 23.82 27.51
C HIS A 486 -15.01 22.49 27.64
N SER A 487 -16.02 22.26 26.82
CA SER A 487 -16.79 21.03 26.96
C SER A 487 -17.65 20.77 25.75
N SER A 488 -18.03 19.51 25.58
CA SER A 488 -18.98 19.11 24.52
C SER A 488 -20.11 18.28 25.14
N PRO A 489 -21.37 18.73 25.05
CA PRO A 489 -21.83 19.93 24.36
C PRO A 489 -21.62 21.16 25.25
N TYR A 490 -21.23 22.30 24.69
CA TYR A 490 -20.86 23.37 25.59
C TYR A 490 -22.04 24.07 26.30
N LEU A 491 -23.23 24.02 25.71
CA LEU A 491 -24.36 24.64 26.40
C LEU A 491 -25.62 23.83 26.21
N ALA A 492 -25.84 23.34 24.99
CA ALA A 492 -27.15 22.81 24.58
C ALA A 492 -27.39 21.56 25.36
N ASN A 493 -28.64 21.29 25.70
CA ASN A 493 -29.00 20.05 26.35
C ASN A 493 -30.19 19.53 25.61
N TRP A 494 -30.20 18.23 25.34
CA TRP A 494 -31.21 17.61 24.53
C TRP A 494 -32.62 17.74 25.13
N GLY A 495 -32.71 17.98 26.44
CA GLY A 495 -34.00 18.08 27.12
C GLY A 495 -34.51 19.51 27.14
N ARG A 496 -33.76 20.41 26.52
CA ARG A 496 -34.03 21.84 26.60
C ARG A 496 -34.05 22.48 25.22
N PRO A 497 -35.26 22.46 24.57
CA PRO A 497 -35.48 22.90 23.20
C PRO A 497 -34.94 24.28 22.96
N GLU A 498 -34.95 25.13 23.98
CA GLU A 498 -34.50 26.53 23.83
C GLU A 498 -32.98 26.68 23.65
N SER A 499 -32.20 25.70 24.11
CA SER A 499 -30.74 25.72 23.96
C SER A 499 -30.27 25.11 22.64
N TRP A 500 -31.17 24.48 21.87
CA TRP A 500 -30.75 23.73 20.66
C TRP A 500 -30.02 24.53 19.60
N GLY A 501 -30.18 25.86 19.56
CA GLY A 501 -29.53 26.67 18.53
C GLY A 501 -28.22 27.28 19.00
N THR A 502 -27.77 26.82 20.19
CA THR A 502 -26.56 27.36 20.81
C THR A 502 -25.40 26.34 20.80
N GLY A 503 -24.49 26.47 19.85
CA GLY A 503 -23.36 25.54 19.75
C GLY A 503 -23.77 24.11 19.45
N ASP A 504 -22.92 23.16 19.84
CA ASP A 504 -23.10 21.74 19.51
C ASP A 504 -24.02 21.04 20.48
N SER A 505 -24.59 19.92 20.01
CA SER A 505 -25.56 19.10 20.76
C SER A 505 -25.22 17.61 20.80
N HIS A 506 -25.44 16.99 21.96
CA HIS A 506 -25.49 15.54 22.08
C HIS A 506 -26.96 15.24 22.20
N ASN A 507 -27.64 14.96 21.07
CA ASN A 507 -29.09 14.70 21.14
C ASN A 507 -29.35 13.28 21.59
N TRP A 508 -29.39 13.08 22.89
CA TRP A 508 -29.64 11.77 23.43
C TRP A 508 -31.14 11.56 23.71
N GLY A 509 -31.97 12.43 23.12
CA GLY A 509 -33.45 12.26 23.10
C GLY A 509 -33.88 10.98 22.42
N VAL A 510 -33.20 10.64 21.33
CA VAL A 510 -33.26 9.28 20.81
C VAL A 510 -32.36 8.41 21.73
N TRP A 511 -32.84 7.24 22.13
CA TRP A 511 -32.20 6.39 23.13
C TRP A 511 -32.58 6.86 24.51
N TYR A 512 -31.78 7.73 25.14
CA TYR A 512 -32.08 8.10 26.53
C TYR A 512 -33.49 8.71 26.71
N GLY A 513 -33.90 9.54 25.77
CA GLY A 513 -35.20 10.20 25.86
C GLY A 513 -36.32 9.44 25.16
N LYS A 514 -35.95 8.31 24.57
CA LYS A 514 -36.86 7.31 23.97
C LYS A 514 -37.61 7.81 22.74
N LYS A 515 -37.14 8.92 22.19
CA LYS A 515 -37.84 9.59 21.10
C LYS A 515 -37.64 8.80 19.81
N PRO A 516 -38.68 8.79 18.93
CA PRO A 516 -38.62 8.12 17.63
C PRO A 516 -37.56 8.74 16.73
N PHE A 517 -37.03 7.95 15.80
CA PHE A 517 -36.04 8.48 14.85
C PHE A 517 -36.53 9.73 14.09
N GLU A 518 -37.83 9.76 13.78
CA GLU A 518 -38.45 10.91 13.08
C GLU A 518 -38.31 12.26 13.83
N SER A 519 -38.13 12.20 15.18
CA SER A 519 -37.78 13.40 15.99
C SER A 519 -36.53 14.10 15.51
N LEU A 520 -35.65 13.36 14.82
CA LEU A 520 -34.41 13.93 14.25
C LEU A 520 -34.69 14.90 13.11
N ASP A 521 -35.89 14.83 12.53
CA ASP A 521 -36.25 15.74 11.43
C ASP A 521 -36.66 17.08 12.00
N THR A 522 -37.23 17.04 13.20
CA THR A 522 -37.75 18.26 13.87
C THR A 522 -36.80 18.87 14.91
N ASP A 523 -36.16 18.02 15.70
CA ASP A 523 -35.27 18.49 16.78
C ASP A 523 -33.83 18.72 16.28
N LEU A 524 -33.59 19.85 15.63
CA LEU A 524 -32.33 20.13 14.95
C LEU A 524 -31.21 20.87 15.73
N PRO A 525 -29.95 20.40 15.62
CA PRO A 525 -28.84 21.09 16.29
C PRO A 525 -28.03 22.00 15.32
N ARG A 526 -27.14 22.83 15.87
CA ARG A 526 -26.22 23.61 15.00
C ARG A 526 -25.05 22.77 14.51
N PHE A 527 -24.81 21.65 15.20
CA PHE A 527 -23.77 20.66 14.90
C PHE A 527 -24.09 19.53 15.85
N MET A 528 -24.37 18.35 15.31
CA MET A 528 -24.59 17.18 16.13
C MET A 528 -23.28 16.42 16.50
N SER A 529 -22.76 16.67 17.70
CA SER A 529 -21.48 16.12 18.11
C SER A 529 -21.61 14.74 18.72
N GLN A 530 -22.84 14.41 19.12
CA GLN A 530 -23.19 13.01 19.36
C GLN A 530 -24.69 12.74 19.18
N PHE A 531 -24.97 11.56 18.68
CA PHE A 531 -26.27 10.93 18.82
C PHE A 531 -26.02 9.49 18.40
N GLY A 532 -26.84 8.56 18.87
CA GLY A 532 -26.58 7.17 18.64
C GLY A 532 -27.74 6.24 18.98
N PHE A 533 -27.54 4.96 18.67
CA PHE A 533 -28.53 3.91 18.96
C PHE A 533 -27.84 2.55 19.07
N GLN A 534 -28.20 1.74 20.07
CA GLN A 534 -27.54 0.42 20.25
C GLN A 534 -27.90 -0.67 19.21
N SER A 535 -26.95 -1.60 18.95
CA SER A 535 -27.32 -2.86 18.31
C SER A 535 -26.44 -3.99 18.79
N PHE A 536 -27.03 -5.19 18.93
CA PHE A 536 -26.29 -6.42 19.07
C PHE A 536 -25.38 -6.56 17.82
N PRO A 537 -24.14 -7.02 18.02
CA PRO A 537 -23.35 -7.33 16.84
C PRO A 537 -23.81 -8.63 16.19
N GLU A 538 -23.36 -8.92 14.96
CA GLU A 538 -23.76 -10.17 14.28
C GLU A 538 -23.27 -11.43 14.97
N MET A 539 -23.90 -12.56 14.62
CA MET A 539 -23.76 -13.81 15.35
C MET A 539 -22.31 -14.33 15.39
N LYS A 540 -21.57 -14.24 14.29
CA LYS A 540 -20.15 -14.58 14.40
C LYS A 540 -19.45 -13.82 15.54
N THR A 541 -19.82 -12.56 15.83
CA THR A 541 -19.19 -11.89 16.97
C THR A 541 -19.84 -12.33 18.28
N ILE A 542 -21.18 -12.52 18.29
CA ILE A 542 -21.82 -13.18 19.45
C ILE A 542 -21.13 -14.52 19.76
N ALA A 543 -20.85 -15.33 18.73
CA ALA A 543 -20.27 -16.67 18.98
C ALA A 543 -18.89 -16.56 19.57
N ALA A 544 -18.24 -15.41 19.46
CA ALA A 544 -16.92 -15.27 20.00
C ALA A 544 -16.92 -15.16 21.49
N PHE A 545 -18.02 -14.70 22.07
CA PHE A 545 -18.14 -14.67 23.52
C PHE A 545 -19.26 -15.52 24.17
N ALA A 546 -20.09 -16.20 23.39
CA ALA A 546 -21.21 -16.94 23.96
C ALA A 546 -21.32 -18.28 23.24
N ALA A 547 -21.56 -19.33 24.02
CA ALA A 547 -21.90 -20.67 23.46
C ALA A 547 -23.36 -20.70 22.99
N PRO A 548 -23.72 -21.59 22.03
CA PRO A 548 -25.07 -21.51 21.51
C PRO A 548 -26.12 -21.74 22.57
N GLU A 549 -25.73 -22.42 23.66
CA GLU A 549 -26.68 -22.60 24.77
C GLU A 549 -27.08 -21.29 25.41
N ASP A 550 -26.24 -20.25 25.24
CA ASP A 550 -26.49 -18.90 25.80
C ASP A 550 -27.15 -17.91 24.86
N TYR A 551 -27.56 -18.37 23.67
CA TYR A 551 -28.16 -17.49 22.67
C TYR A 551 -29.60 -17.10 23.01
N GLN A 552 -29.72 -16.27 24.06
CA GLN A 552 -30.98 -15.70 24.46
C GLN A 552 -30.65 -14.24 24.81
N ILE A 553 -31.54 -13.29 24.48
CA ILE A 553 -31.35 -11.89 24.85
C ILE A 553 -31.02 -11.72 26.35
N GLU A 554 -31.77 -12.42 27.21
CA GLU A 554 -31.58 -12.25 28.67
C GLU A 554 -30.82 -13.40 29.38
N SER A 555 -30.02 -14.15 28.66
CA SER A 555 -29.20 -15.15 29.31
C SER A 555 -28.13 -14.42 30.11
N GLU A 556 -27.60 -15.11 31.11
CA GLU A 556 -26.58 -14.51 31.94
C GLU A 556 -25.35 -14.07 31.12
N VAL A 557 -24.91 -14.88 30.17
CA VAL A 557 -23.71 -14.53 29.41
C VAL A 557 -24.00 -13.32 28.54
N MET A 558 -25.15 -13.31 27.89
CA MET A 558 -25.62 -12.17 27.10
C MET A 558 -25.70 -10.87 27.92
N ASN A 559 -26.25 -10.91 29.15
CA ASN A 559 -26.26 -9.72 30.04
C ASN A 559 -24.82 -9.28 30.41
N ALA A 560 -23.92 -10.25 30.54
CA ALA A 560 -22.50 -9.94 30.78
C ALA A 560 -21.96 -9.03 29.64
N HIS A 561 -22.64 -9.04 28.51
CA HIS A 561 -22.18 -8.27 27.34
C HIS A 561 -23.11 -7.16 26.90
N GLN A 562 -23.94 -6.72 27.84
CA GLN A 562 -24.82 -5.61 27.62
C GLN A 562 -24.65 -4.76 28.87
N LYS A 563 -23.89 -3.68 28.76
CA LYS A 563 -23.64 -2.82 29.93
C LYS A 563 -24.63 -1.70 30.06
N SER A 564 -25.63 -1.63 29.17
CA SER A 564 -26.79 -0.73 29.32
C SER A 564 -27.97 -1.49 29.94
N SER A 565 -28.38 -1.10 31.14
CA SER A 565 -29.39 -1.89 31.83
C SER A 565 -30.78 -1.76 31.22
N ILE A 566 -31.06 -0.67 30.55
CA ILE A 566 -32.29 -0.55 29.77
C ILE A 566 -32.16 -0.95 28.29
N GLY A 567 -30.97 -1.33 27.86
CA GLY A 567 -30.69 -1.42 26.46
C GLY A 567 -31.53 -2.42 25.69
N ASN A 568 -31.73 -3.62 26.24
CA ASN A 568 -32.43 -4.69 25.53
C ASN A 568 -33.89 -4.39 25.33
N SER A 569 -34.54 -3.87 26.36
CA SER A 569 -35.94 -3.50 26.23
C SER A 569 -36.08 -2.28 25.34
N LEU A 570 -35.14 -1.36 25.44
CA LEU A 570 -35.22 -0.16 24.61
C LEU A 570 -35.11 -0.47 23.11
N ILE A 571 -34.19 -1.40 22.77
CA ILE A 571 -34.08 -1.85 21.39
C ILE A 571 -35.42 -2.48 20.99
N ARG A 572 -36.00 -3.32 21.84
CA ARG A 572 -37.31 -3.92 21.51
C ARG A 572 -38.42 -2.86 21.37
N THR A 573 -38.47 -1.91 22.29
CA THR A 573 -39.41 -0.80 22.15
C THR A 573 -39.25 -0.11 20.80
N TYR A 574 -38.03 0.24 20.42
CA TYR A 574 -37.86 0.89 19.12
C TYR A 574 -38.20 -0.01 17.92
N MET A 575 -37.89 -1.31 18.04
CA MET A 575 -38.11 -2.28 16.95
C MET A 575 -39.59 -2.46 16.60
N GLU A 576 -40.41 -2.50 17.63
CA GLU A 576 -41.86 -2.62 17.50
C GLU A 576 -42.36 -1.43 16.70
N ARG A 577 -41.69 -0.29 16.79
CA ARG A 577 -42.19 0.86 16.06
C ARG A 577 -42.05 0.74 14.53
N ASP A 578 -41.16 -0.14 14.07
CA ASP A 578 -40.85 -0.14 12.65
C ASP A 578 -40.83 -1.49 12.01
N TYR A 579 -40.87 -2.54 12.82
CA TYR A 579 -40.60 -3.86 12.32
C TYR A 579 -41.40 -4.86 13.11
N ILE A 580 -41.57 -6.03 12.51
CA ILE A 580 -42.08 -7.14 13.24
C ILE A 580 -40.92 -7.78 13.97
N ILE A 581 -40.99 -7.73 15.30
CA ILE A 581 -40.08 -8.39 16.22
C ILE A 581 -40.15 -9.89 16.05
N PRO A 582 -39.08 -10.52 15.51
CA PRO A 582 -39.12 -11.99 15.26
C PRO A 582 -38.90 -12.84 16.50
N GLU A 583 -39.18 -14.12 16.36
CA GLU A 583 -39.08 -15.04 17.49
C GLU A 583 -37.69 -15.57 17.79
N SER A 584 -36.93 -15.95 16.76
CA SER A 584 -35.60 -16.54 17.01
C SER A 584 -34.55 -15.46 17.32
N PHE A 585 -33.57 -15.83 18.12
CA PHE A 585 -32.54 -14.88 18.54
C PHE A 585 -31.77 -14.38 17.30
N GLU A 586 -31.35 -15.32 16.45
CA GLU A 586 -30.66 -14.98 15.20
C GLU A 586 -31.47 -13.91 14.42
N ASP A 587 -32.78 -14.12 14.28
CA ASP A 587 -33.62 -13.16 13.52
C ASP A 587 -33.71 -11.77 14.21
N PHE A 588 -33.78 -11.81 15.52
CA PHE A 588 -33.81 -10.55 16.27
C PHE A 588 -32.53 -9.71 16.05
N VAL A 589 -31.39 -10.39 16.05
CA VAL A 589 -30.08 -9.74 15.95
C VAL A 589 -29.96 -9.10 14.58
N TYR A 590 -30.32 -9.88 13.58
CA TYR A 590 -30.38 -9.40 12.21
C TYR A 590 -31.29 -8.17 12.08
N VAL A 591 -32.53 -8.27 12.59
CA VAL A 591 -33.44 -7.09 12.48
C VAL A 591 -32.93 -5.93 13.38
N GLY A 592 -32.29 -6.26 14.49
CA GLY A 592 -31.62 -5.24 15.35
C GLY A 592 -30.54 -4.46 14.59
N LEU A 593 -29.82 -5.14 13.71
CA LEU A 593 -28.84 -4.47 12.85
C LEU A 593 -29.55 -3.54 11.85
N VAL A 594 -30.58 -4.07 11.20
CA VAL A 594 -31.29 -3.26 10.17
C VAL A 594 -31.86 -1.99 10.83
N LEU A 595 -32.50 -2.19 11.98
CA LEU A 595 -33.08 -1.11 12.77
C LEU A 595 -32.11 0.03 13.10
N GLN A 596 -30.96 -0.32 13.65
CA GLN A 596 -29.98 0.68 14.04
C GLN A 596 -29.56 1.43 12.80
N GLY A 597 -29.25 0.68 11.72
CA GLY A 597 -28.77 1.32 10.51
C GLY A 597 -29.77 2.28 9.90
N GLN A 598 -31.03 1.84 9.88
CA GLN A 598 -32.12 2.59 9.23
C GLN A 598 -32.52 3.82 10.02
N GLY A 599 -32.65 3.66 11.32
CA GLY A 599 -32.97 4.79 12.17
C GLY A 599 -31.90 5.85 12.23
N MET A 600 -30.64 5.46 12.43
CA MET A 600 -29.52 6.42 12.52
C MET A 600 -29.30 7.16 11.20
N ARG A 601 -29.34 6.41 10.11
CA ARG A 601 -29.19 7.00 8.78
C ARG A 601 -30.22 8.15 8.51
N HIS A 602 -31.44 7.96 8.99
CA HIS A 602 -32.52 8.94 8.83
C HIS A 602 -32.07 10.22 9.55
N GLY A 603 -31.44 10.04 10.70
CA GLY A 603 -30.78 11.17 11.38
C GLY A 603 -29.67 11.87 10.63
N LEU A 604 -28.68 11.11 10.13
CA LEU A 604 -27.59 11.66 9.35
C LEU A 604 -28.13 12.47 8.18
N GLU A 605 -29.09 11.90 7.46
CA GLU A 605 -29.81 12.57 6.38
C GLU A 605 -30.40 13.93 6.82
N ALA A 606 -31.18 13.94 7.92
CA ALA A 606 -31.78 15.14 8.45
C ALA A 606 -30.74 16.19 8.69
N HIS A 607 -29.57 15.77 9.22
CA HIS A 607 -28.56 16.76 9.60
C HIS A 607 -27.96 17.42 8.36
N ARG A 608 -27.53 16.60 7.40
CA ARG A 608 -27.12 17.09 6.07
C ARG A 608 -28.22 17.95 5.37
N ARG A 609 -29.47 17.47 5.42
CA ARG A 609 -30.57 18.13 4.69
C ARG A 609 -30.76 19.51 5.24
N ASN A 610 -30.51 19.64 6.54
CA ASN A 610 -30.79 20.85 7.29
C ASN A 610 -29.62 21.80 7.41
N ARG A 611 -28.63 21.61 6.53
CA ARG A 611 -27.53 22.54 6.33
CA ARG A 611 -27.52 22.54 6.32
C ARG A 611 -28.04 23.82 5.64
N PRO A 612 -27.54 25.01 6.03
CA PRO A 612 -26.49 25.49 6.95
C PRO A 612 -26.88 25.72 8.42
N TYR A 613 -28.15 25.64 8.78
CA TYR A 613 -28.50 25.72 10.19
C TYR A 613 -27.72 24.63 11.01
N CYS A 614 -27.66 23.40 10.47
CA CYS A 614 -26.80 22.35 10.99
C CYS A 614 -25.56 22.25 10.12
N MET A 615 -24.39 22.17 10.73
CA MET A 615 -23.13 22.11 9.99
C MET A 615 -22.29 20.85 10.28
N GLY A 616 -22.88 19.85 10.91
CA GLY A 616 -22.11 18.66 11.12
C GLY A 616 -22.88 17.60 11.86
N THR A 617 -22.44 16.37 11.68
CA THR A 617 -23.00 15.26 12.41
C THR A 617 -21.94 14.15 12.67
N LEU A 618 -21.75 13.84 13.96
CA LEU A 618 -20.79 12.81 14.42
C LEU A 618 -21.58 11.86 15.32
N TYR A 619 -21.86 10.67 14.81
CA TYR A 619 -22.63 9.70 15.59
C TYR A 619 -21.79 9.00 16.65
N TRP A 620 -22.49 8.56 17.70
CA TRP A 620 -21.88 7.79 18.74
C TRP A 620 -22.34 6.37 18.41
N GLN A 621 -21.45 5.41 18.12
CA GLN A 621 -19.99 5.53 18.22
C GLN A 621 -19.47 4.77 17.02
N LEU A 622 -18.20 4.99 16.66
CA LEU A 622 -17.62 4.26 15.53
C LEU A 622 -17.40 2.74 15.78
N ASN A 623 -16.84 2.43 16.94
CA ASN A 623 -16.12 1.19 17.07
C ASN A 623 -16.24 0.64 18.46
N ASP A 624 -15.67 -0.55 18.64
CA ASP A 624 -15.81 -1.28 19.85
C ASP A 624 -14.44 -1.65 20.38
N SER A 625 -14.30 -1.67 21.71
CA SER A 625 -13.06 -2.16 22.38
C SER A 625 -13.01 -3.65 22.73
N TRP A 626 -14.13 -4.36 22.55
CA TRP A 626 -14.24 -5.82 22.82
C TRP A 626 -15.61 -6.35 22.29
N PRO A 627 -15.88 -7.68 22.33
CA PRO A 627 -17.21 -8.19 21.90
C PRO A 627 -18.33 -7.83 22.89
N VAL A 628 -19.28 -7.02 22.42
CA VAL A 628 -20.26 -6.41 23.30
C VAL A 628 -21.40 -5.84 22.46
N VAL A 629 -22.60 -5.64 23.08
CA VAL A 629 -23.71 -4.89 22.45
C VAL A 629 -23.38 -3.42 22.69
N SER A 630 -23.37 -2.58 21.65
CA SER A 630 -23.03 -1.17 21.85
C SER A 630 -23.69 -0.31 20.76
N TRP A 631 -23.32 0.97 20.75
CA TRP A 631 -23.81 1.92 19.76
C TRP A 631 -22.93 1.95 18.48
N SER A 632 -21.99 1.04 18.37
CA SER A 632 -21.04 1.07 17.28
C SER A 632 -21.65 0.82 15.91
N SER A 633 -20.94 1.32 14.88
CA SER A 633 -21.19 0.92 13.49
C SER A 633 -20.27 -0.21 12.96
N ILE A 634 -19.16 -0.47 13.68
CA ILE A 634 -18.20 -1.53 13.31
C ILE A 634 -17.92 -2.33 14.61
N ASP A 635 -18.09 -3.67 14.59
CA ASP A 635 -17.96 -4.42 15.84
C ASP A 635 -16.47 -4.64 16.16
N TYR A 636 -16.17 -5.18 17.33
CA TYR A 636 -14.80 -5.42 17.77
C TYR A 636 -13.91 -6.07 16.70
N TYR A 637 -14.49 -7.01 15.92
CA TYR A 637 -13.75 -7.76 14.92
C TYR A 637 -13.66 -7.04 13.63
N GLY A 638 -14.25 -5.85 13.54
CA GLY A 638 -14.12 -5.08 12.31
C GLY A 638 -15.20 -5.38 11.27
N ASN A 639 -16.21 -6.17 11.65
CA ASN A 639 -17.35 -6.40 10.78
C ASN A 639 -18.22 -5.11 10.75
N TRP A 640 -18.51 -4.61 9.55
CA TRP A 640 -19.41 -3.44 9.38
C TRP A 640 -20.83 -3.86 9.79
N LYS A 641 -21.43 -3.12 10.72
CA LYS A 641 -22.85 -3.29 10.95
C LYS A 641 -23.60 -2.65 9.78
N ALA A 642 -24.90 -2.90 9.71
CA ALA A 642 -25.69 -2.21 8.69
C ALA A 642 -25.44 -0.69 8.82
N LEU A 643 -25.35 -0.22 10.06
CA LEU A 643 -25.13 1.21 10.27
C LEU A 643 -23.93 1.76 9.47
N HIS A 644 -22.83 1.02 9.36
CA HIS A 644 -21.65 1.52 8.58
C HIS A 644 -21.89 1.73 7.06
N TYR A 645 -22.51 0.74 6.43
CA TYR A 645 -22.98 0.89 5.04
C TYR A 645 -23.94 2.08 4.92
N GLN A 646 -24.87 2.18 5.86
CA GLN A 646 -25.87 3.26 5.83
C GLN A 646 -25.20 4.63 6.05
N ALA A 647 -24.07 4.64 6.75
CA ALA A 647 -23.39 5.90 7.00
C ALA A 647 -22.69 6.33 5.71
N LYS A 648 -22.01 5.36 5.07
CA LYS A 648 -21.41 5.58 3.80
C LYS A 648 -22.42 6.19 2.83
N ARG A 649 -23.57 5.55 2.65
CA ARG A 649 -24.59 6.08 1.75
C ARG A 649 -25.05 7.53 2.14
N ALA A 650 -25.36 7.74 3.43
CA ALA A 650 -25.87 8.99 3.88
C ALA A 650 -24.81 10.11 3.77
N PHE A 651 -23.54 9.75 3.64
CA PHE A 651 -22.45 10.73 3.62
C PHE A 651 -21.87 10.90 2.20
N ALA A 652 -22.41 10.14 1.23
CA ALA A 652 -21.96 10.21 -0.18
C ALA A 652 -21.91 11.69 -0.55
N PRO A 653 -20.85 12.11 -1.22
CA PRO A 653 -20.70 13.53 -1.57
C PRO A 653 -21.97 14.12 -2.24
N VAL A 654 -22.64 13.33 -3.08
CA VAL A 654 -23.94 13.71 -3.61
C VAL A 654 -25.05 12.76 -3.18
N LEU A 655 -26.06 13.28 -2.49
CA LEU A 655 -27.13 12.42 -2.01
C LEU A 655 -28.49 12.91 -2.49
N ILE A 656 -29.27 12.00 -3.07
CA ILE A 656 -30.68 12.26 -3.21
C ILE A 656 -31.39 11.82 -1.97
N ASN A 657 -32.10 12.77 -1.37
CA ASN A 657 -32.77 12.52 -0.11
C ASN A 657 -34.28 12.76 -0.20
N PRO A 658 -35.04 11.70 -0.47
CA PRO A 658 -36.49 11.80 -0.35
C PRO A 658 -36.86 11.76 1.14
N ILE A 659 -37.80 12.59 1.55
CA ILE A 659 -38.21 12.68 2.95
C ILE A 659 -39.71 12.91 2.98
N GLN A 660 -40.43 12.01 3.66
CA GLN A 660 -41.86 12.03 3.64
C GLN A 660 -42.43 12.44 5.01
N GLN A 661 -43.21 13.51 5.01
CA GLN A 661 -43.92 13.97 6.21
C GLN A 661 -45.31 14.49 5.86
N ASN A 662 -46.23 14.37 6.83
CA ASN A 662 -47.59 14.87 6.70
C ASN A 662 -48.17 14.48 5.35
N ASP A 663 -48.16 13.16 5.08
CA ASP A 663 -48.66 12.57 3.83
C ASP A 663 -48.11 13.18 2.51
N SER A 664 -46.86 13.64 2.51
CA SER A 664 -46.31 14.32 1.34
C SER A 664 -44.82 14.05 1.21
N LEU A 665 -44.30 14.11 -0.02
CA LEU A 665 -42.92 13.77 -0.33
C LEU A 665 -42.25 14.98 -0.86
N SER A 666 -41.14 15.42 -0.23
CA SER A 666 -40.20 16.34 -0.85
C SER A 666 -38.96 15.54 -1.18
N VAL A 667 -38.15 16.06 -2.10
CA VAL A 667 -36.92 15.40 -2.47
C VAL A 667 -35.91 16.50 -2.43
N TYR A 668 -34.83 16.29 -1.66
CA TYR A 668 -33.72 17.24 -1.67
C TYR A 668 -32.53 16.60 -2.30
N LEU A 669 -31.77 17.44 -2.98
CA LEU A 669 -30.48 17.06 -3.51
C LEU A 669 -29.42 17.75 -2.65
N ILE A 670 -28.51 16.93 -2.12
CA ILE A 670 -27.54 17.36 -1.12
C ILE A 670 -26.14 17.12 -1.63
N SER A 671 -25.31 18.15 -1.58
CA SER A 671 -23.98 18.04 -2.14
C SER A 671 -22.86 18.64 -1.28
N ASP A 672 -21.77 17.89 -1.10
CA ASP A 672 -20.58 18.41 -0.45
C ASP A 672 -19.44 18.53 -1.44
N ARG A 673 -19.76 18.49 -2.73
CA ARG A 673 -18.79 18.79 -3.78
C ARG A 673 -18.45 20.29 -3.77
N LEU A 674 -17.23 20.64 -4.15
CA LEU A 674 -16.80 22.02 -4.21
C LEU A 674 -17.32 22.71 -5.47
N ASP A 675 -17.77 21.91 -6.45
CA ASP A 675 -18.24 22.44 -7.73
C ASP A 675 -19.75 22.32 -7.87
N THR A 676 -20.34 23.23 -8.61
CA THR A 676 -21.76 23.17 -8.89
C THR A 676 -22.06 22.26 -10.07
N MET A 677 -23.09 21.44 -9.93
CA MET A 677 -23.56 20.68 -11.06
C MET A 677 -24.78 21.39 -11.69
N GLU A 678 -24.82 21.41 -13.02
CA GLU A 678 -25.87 22.11 -13.77
C GLU A 678 -26.59 21.19 -14.74
N GLN A 679 -27.81 21.58 -15.11
CA GLN A 679 -28.67 20.90 -16.11
C GLN A 679 -28.75 19.41 -15.88
N MET A 680 -29.25 19.09 -14.68
CA MET A 680 -29.39 17.74 -14.18
C MET A 680 -30.83 17.40 -14.21
N THR A 681 -31.06 16.09 -14.25
CA THR A 681 -32.36 15.55 -14.26
C THR A 681 -32.55 14.54 -13.13
N LEU A 682 -33.53 14.83 -12.27
CA LEU A 682 -34.04 13.88 -11.30
C LEU A 682 -35.09 13.06 -11.98
N GLU A 683 -34.93 11.75 -11.95
CA GLU A 683 -35.90 10.90 -12.56
C GLU A 683 -36.32 9.92 -11.48
N MET A 684 -37.62 9.63 -11.44
CA MET A 684 -38.22 8.77 -10.42
C MET A 684 -39.29 7.90 -11.05
N LYS A 685 -39.44 6.68 -10.53
CA LYS A 685 -40.55 5.79 -10.92
C LYS A 685 -41.00 4.88 -9.79
N VAL A 686 -42.30 4.68 -9.68
CA VAL A 686 -42.85 3.79 -8.68
C VAL A 686 -42.81 2.38 -9.27
N VAL A 687 -42.40 1.39 -8.48
CA VAL A 687 -42.27 0.02 -8.93
C VAL A 687 -42.91 -0.84 -7.84
N ASP A 688 -43.71 -1.84 -8.20
CA ASP A 688 -44.29 -2.65 -7.14
C ASP A 688 -43.28 -3.72 -6.76
N PHE A 689 -43.68 -4.65 -5.89
CA PHE A 689 -42.75 -5.66 -5.36
C PHE A 689 -42.39 -6.81 -6.33
N ASP A 690 -43.10 -6.89 -7.47
CA ASP A 690 -42.80 -7.89 -8.55
C ASP A 690 -41.97 -7.34 -9.68
N GLY A 691 -41.78 -6.02 -9.70
CA GLY A 691 -41.00 -5.41 -10.76
C GLY A 691 -41.77 -4.47 -11.66
N LYS A 692 -43.10 -4.43 -11.51
CA LYS A 692 -43.97 -3.64 -12.43
C LYS A 692 -44.05 -2.14 -12.13
N THR A 693 -43.64 -1.32 -13.09
CA THR A 693 -43.84 0.13 -12.97
C THR A 693 -45.32 0.49 -12.74
N LEU A 694 -45.55 1.60 -12.04
CA LEU A 694 -46.91 2.12 -11.81
C LEU A 694 -46.82 3.60 -12.12
N GLY A 695 -47.74 4.10 -12.94
CA GLY A 695 -47.60 5.45 -13.54
C GLY A 695 -46.54 5.38 -14.63
N LYS A 696 -46.00 6.52 -15.04
CA LYS A 696 -44.81 6.58 -15.91
C LYS A 696 -43.64 7.24 -15.14
N LYS A 697 -42.49 7.41 -15.81
CA LYS A 697 -41.36 8.14 -15.21
C LYS A 697 -41.73 9.59 -14.88
N ILE A 698 -41.56 10.02 -13.63
CA ILE A 698 -41.61 11.47 -13.34
C ILE A 698 -40.24 12.06 -13.62
N GLN A 699 -40.18 13.12 -14.41
CA GLN A 699 -38.91 13.78 -14.68
C GLN A 699 -38.92 15.24 -14.22
N VAL A 700 -37.83 15.68 -13.60
CA VAL A 700 -37.63 17.10 -13.27
C VAL A 700 -36.31 17.50 -13.91
N HIS A 701 -36.38 18.45 -14.84
CA HIS A 701 -35.28 18.84 -15.71
C HIS A 701 -34.62 20.17 -15.31
N SER A 702 -33.46 20.42 -15.89
CA SER A 702 -32.71 21.68 -15.71
C SER A 702 -32.43 22.09 -14.25
N LEU A 703 -32.14 21.09 -13.39
CA LEU A 703 -31.88 21.37 -11.99
C LEU A 703 -30.41 21.66 -11.85
N GLU A 704 -30.10 22.61 -10.99
CA GLU A 704 -28.71 22.90 -10.64
C GLU A 704 -28.47 22.35 -9.24
N VAL A 705 -27.33 21.71 -9.02
CA VAL A 705 -26.97 21.34 -7.65
C VAL A 705 -25.76 22.18 -7.26
N PRO A 706 -26.00 23.31 -6.57
CA PRO A 706 -24.87 24.17 -6.16
C PRO A 706 -23.97 23.51 -5.09
N ALA A 707 -22.70 23.81 -5.15
CA ALA A 707 -21.68 23.30 -4.25
C ALA A 707 -22.07 23.53 -2.80
N ASN A 708 -21.84 22.52 -1.99
CA ASN A 708 -22.02 22.69 -0.55
C ASN A 708 -23.42 23.16 -0.17
N THR A 709 -24.46 22.61 -0.79
CA THR A 709 -25.83 22.98 -0.42
C THR A 709 -26.81 21.83 -0.37
N SER A 710 -27.90 22.03 0.37
CA SER A 710 -29.03 21.12 0.38
C SER A 710 -30.29 21.92 -0.06
N LYS A 711 -31.00 21.42 -1.07
CA LYS A 711 -32.09 22.19 -1.71
C LYS A 711 -33.20 21.28 -2.11
N CYS A 712 -34.43 21.73 -1.83
CA CYS A 712 -35.61 21.00 -2.29
C CYS A 712 -35.73 21.21 -3.79
N VAL A 713 -35.98 20.12 -4.52
CA VAL A 713 -36.20 20.25 -5.97
C VAL A 713 -37.53 19.67 -6.41
N TYR A 714 -38.27 19.03 -5.51
CA TYR A 714 -39.54 18.39 -5.83
C TYR A 714 -40.41 18.13 -4.57
N ARG A 715 -41.72 18.36 -4.68
CA ARG A 715 -42.69 18.08 -3.60
C ARG A 715 -43.99 17.58 -4.22
N ALA A 716 -44.55 16.52 -3.70
CA ALA A 716 -45.85 16.08 -4.18
C ALA A 716 -46.61 15.34 -3.11
N LYS A 717 -47.90 15.56 -3.06
CA LYS A 717 -48.76 14.99 -2.03
C LYS A 717 -48.87 13.51 -2.34
N LEU A 718 -49.24 12.71 -1.35
CA LEU A 718 -49.43 11.27 -1.60
C LEU A 718 -50.84 10.95 -2.03
N ASP A 719 -51.77 11.74 -1.52
CA ASP A 719 -53.16 11.55 -1.87
C ASP A 719 -53.46 12.10 -3.29
N GLY A 720 -54.06 11.25 -4.12
CA GLY A 720 -54.31 11.57 -5.53
C GLY A 720 -53.10 11.20 -6.35
N TRP A 721 -51.99 10.99 -5.65
CA TRP A 721 -50.70 10.60 -6.23
C TRP A 721 -50.55 9.09 -6.17
N LEU A 722 -51.03 8.48 -5.06
CA LEU A 722 -50.89 7.03 -4.76
C LEU A 722 -51.88 6.58 -3.70
N THR A 723 -52.39 5.35 -3.80
CA THR A 723 -53.40 4.91 -2.81
C THR A 723 -52.77 4.25 -1.55
N PRO A 724 -53.42 4.40 -0.37
CA PRO A 724 -52.95 3.75 0.86
C PRO A 724 -52.47 2.30 0.65
N GLU A 725 -53.11 1.59 -0.28
CA GLU A 725 -52.76 0.20 -0.60
C GLU A 725 -51.49 0.16 -1.46
N ASP A 726 -51.35 1.07 -2.42
CA ASP A 726 -50.13 1.15 -3.24
C ASP A 726 -48.88 1.27 -2.36
N CYS A 727 -48.94 2.22 -1.45
CA CYS A 727 -47.95 2.54 -0.43
C CYS A 727 -47.40 1.34 0.34
N ARG A 728 -48.24 0.34 0.56
CA ARG A 728 -47.81 -0.91 1.19
C ARG A 728 -47.20 -1.98 0.25
N ARG A 729 -47.19 -1.71 -1.07
CA ARG A 729 -46.89 -2.73 -2.09
C ARG A 729 -45.88 -2.26 -3.14
N SER A 730 -45.35 -1.04 -2.97
CA SER A 730 -44.43 -0.42 -3.93
C SER A 730 -43.35 0.48 -3.31
N PHE A 731 -42.33 0.81 -4.09
CA PHE A 731 -41.30 1.74 -3.67
C PHE A 731 -40.99 2.71 -4.79
N LEU A 732 -40.31 3.81 -4.45
CA LEU A 732 -39.92 4.83 -5.40
C LEU A 732 -38.42 4.74 -5.64
N LYS A 733 -38.07 4.65 -6.91
CA LYS A 733 -36.70 4.60 -7.37
C LYS A 733 -36.34 6.01 -7.76
N LEU A 734 -35.17 6.49 -7.35
CA LEU A 734 -34.74 7.81 -7.77
C LEU A 734 -33.35 7.73 -8.35
N ILE A 735 -33.15 8.47 -9.43
CA ILE A 735 -31.83 8.57 -10.02
C ILE A 735 -31.59 10.02 -10.37
N LEU A 736 -30.33 10.40 -10.39
CA LEU A 736 -29.98 11.76 -10.77
C LEU A 736 -28.94 11.58 -11.83
N LYS A 737 -29.16 12.21 -12.97
CA LYS A 737 -28.21 12.13 -14.10
C LYS A 737 -27.85 13.50 -14.64
N ASP A 738 -26.68 13.62 -15.28
CA ASP A 738 -26.33 14.90 -15.91
C ASP A 738 -27.14 15.17 -17.21
N LYS A 739 -26.75 16.23 -17.94
CA LYS A 739 -27.36 16.60 -19.23
C LYS A 739 -27.38 15.38 -20.16
N SER A 740 -26.20 14.88 -20.51
CA SER A 740 -26.06 13.66 -21.35
C SER A 740 -26.80 12.41 -20.85
N GLY A 741 -27.15 12.36 -19.56
CA GLY A 741 -27.83 11.19 -18.98
C GLY A 741 -26.96 10.19 -18.22
N HIS A 742 -25.73 10.56 -17.89
CA HIS A 742 -24.92 9.79 -16.95
C HIS A 742 -25.41 9.88 -15.49
N GLN A 743 -25.62 8.70 -14.87
CA GLN A 743 -26.10 8.58 -13.48
C GLN A 743 -24.99 8.95 -12.48
N VAL A 744 -25.28 9.88 -11.58
CA VAL A 744 -24.34 10.25 -10.51
C VAL A 744 -24.86 9.88 -9.11
N ALA A 745 -26.15 9.63 -8.97
CA ALA A 745 -26.68 9.22 -7.65
C ALA A 745 -28.01 8.53 -7.75
N GLU A 746 -28.27 7.68 -6.79
CA GLU A 746 -29.43 6.84 -6.82
C GLU A 746 -29.99 6.72 -5.40
N SER A 747 -31.30 6.60 -5.23
CA SER A 747 -31.90 6.28 -3.98
CA SER A 747 -31.96 6.37 -3.99
C SER A 747 -33.15 5.42 -4.16
N VAL A 748 -33.66 4.83 -3.10
CA VAL A 748 -34.94 4.15 -3.13
C VAL A 748 -35.76 4.63 -1.92
N HIS A 749 -37.04 4.86 -2.09
CA HIS A 749 -37.88 5.35 -0.98
C HIS A 749 -39.01 4.39 -0.71
N PHE A 750 -39.30 4.16 0.55
CA PHE A 750 -40.48 3.43 0.94
C PHE A 750 -41.45 4.37 1.65
N PHE A 751 -42.72 4.29 1.26
CA PHE A 751 -43.79 5.17 1.73
C PHE A 751 -44.36 4.69 3.05
N ARG A 752 -44.11 3.43 3.41
CA ARG A 752 -44.57 2.86 4.67
C ARG A 752 -43.41 2.26 5.49
N LYS A 753 -43.58 2.24 6.82
CA LYS A 753 -42.74 1.49 7.75
C LYS A 753 -42.71 0.05 7.34
N THR A 754 -41.55 -0.53 7.50
CA THR A 754 -41.33 -1.87 7.08
C THR A 754 -42.34 -2.91 7.66
N LYS A 755 -42.79 -2.76 8.91
CA LYS A 755 -43.75 -3.72 9.48
C LYS A 755 -45.08 -3.69 8.73
N ASP A 756 -45.36 -2.59 8.04
CA ASP A 756 -46.60 -2.40 7.29
C ASP A 756 -46.45 -2.67 5.79
N LEU A 757 -45.26 -3.08 5.32
CA LEU A 757 -45.14 -3.45 3.91
C LEU A 757 -45.70 -4.85 3.72
N GLN A 758 -46.33 -5.06 2.57
CA GLN A 758 -46.87 -6.36 2.14
C GLN A 758 -45.75 -7.13 1.41
N LEU A 759 -44.72 -7.53 2.17
CA LEU A 759 -43.52 -8.14 1.59
C LEU A 759 -43.79 -9.57 1.06
N PRO A 760 -43.41 -9.82 -0.21
CA PRO A 760 -43.68 -11.14 -0.76
C PRO A 760 -42.68 -12.17 -0.26
N PRO A 761 -43.16 -13.38 0.05
CA PRO A 761 -42.22 -14.46 0.29
C PRO A 761 -41.38 -14.60 -0.97
N THR A 762 -40.07 -14.52 -0.85
CA THR A 762 -39.23 -14.65 -2.03
C THR A 762 -37.93 -15.36 -1.71
N SER A 763 -37.19 -15.70 -2.76
CA SER A 763 -36.02 -16.53 -2.66
C SER A 763 -34.82 -15.82 -3.32
N VAL A 764 -33.74 -15.62 -2.56
CA VAL A 764 -32.55 -14.95 -3.09
C VAL A 764 -31.58 -16.01 -3.58
N SER A 765 -31.38 -16.08 -4.89
CA SER A 765 -30.41 -17.04 -5.39
C SER A 765 -29.13 -16.28 -5.73
N TYR A 766 -28.01 -17.00 -5.74
CA TYR A 766 -26.74 -16.40 -6.12
C TYR A 766 -25.84 -17.40 -6.82
N GLN A 767 -24.98 -16.90 -7.70
CA GLN A 767 -23.86 -17.67 -8.20
C GLN A 767 -22.60 -17.06 -7.57
N MET A 768 -21.63 -17.91 -7.25
CA MET A 768 -20.41 -17.50 -6.60
C MET A 768 -19.21 -17.94 -7.43
N LYS A 769 -18.31 -17.01 -7.70
CA LYS A 769 -17.01 -17.33 -8.27
C LYS A 769 -15.98 -17.02 -7.17
N GLN A 770 -15.33 -18.05 -6.63
CA GLN A 770 -14.35 -17.93 -5.56
C GLN A 770 -12.90 -18.16 -6.00
N THR A 771 -12.05 -17.17 -5.75
CA THR A 771 -10.60 -17.33 -5.97
C THR A 771 -9.85 -16.94 -4.70
N ASP A 772 -8.52 -16.97 -4.74
CA ASP A 772 -7.75 -16.70 -3.55
C ASP A 772 -8.03 -15.28 -3.10
N GLY A 773 -8.50 -15.14 -1.86
CA GLY A 773 -8.76 -13.83 -1.29
C GLY A 773 -10.04 -13.14 -1.73
N LYS A 774 -10.83 -13.77 -2.59
CA LYS A 774 -12.02 -13.08 -3.13
C LYS A 774 -13.22 -14.01 -3.44
N CYS A 775 -14.41 -13.50 -3.15
CA CYS A 775 -15.63 -14.16 -3.53
CA CYS A 775 -15.64 -14.16 -3.57
C CYS A 775 -16.53 -13.18 -4.30
N GLU A 776 -16.89 -13.54 -5.54
CA GLU A 776 -17.73 -12.70 -6.34
C GLU A 776 -19.09 -13.37 -6.53
N LEU A 777 -20.11 -12.75 -5.95
CA LEU A 777 -21.48 -13.27 -5.94
C LEU A 777 -22.32 -12.41 -6.86
N THR A 778 -23.20 -13.07 -7.59
CA THR A 778 -24.26 -12.40 -8.32
C THR A 778 -25.57 -12.88 -7.70
N LEU A 779 -26.38 -11.93 -7.23
CA LEU A 779 -27.58 -12.21 -6.48
C LEU A 779 -28.83 -11.97 -7.30
N PHE A 780 -29.78 -12.89 -7.19
CA PHE A 780 -31.06 -12.67 -7.89
C PHE A 780 -32.29 -12.93 -7.05
N SER A 781 -33.28 -12.05 -7.17
CA SER A 781 -34.64 -12.29 -6.64
C SER A 781 -35.64 -11.66 -7.61
N SER A 782 -36.60 -12.46 -8.05
CA SER A 782 -37.65 -11.90 -8.94
C SER A 782 -38.52 -10.91 -8.20
N MET A 783 -38.59 -11.03 -6.86
CA MET A 783 -39.36 -10.08 -6.03
C MET A 783 -38.44 -9.30 -5.07
N LEU A 784 -38.83 -8.07 -4.72
CA LEU A 784 -38.12 -7.24 -3.74
C LEU A 784 -37.71 -8.03 -2.52
N ALA A 785 -36.44 -7.91 -2.12
CA ALA A 785 -36.00 -8.54 -0.87
C ALA A 785 -35.41 -7.45 0.03
N LYS A 786 -36.01 -7.33 1.20
CA LYS A 786 -35.89 -6.12 2.00
C LYS A 786 -34.70 -6.19 2.93
N ASP A 787 -33.90 -5.14 2.87
CA ASP A 787 -32.71 -5.01 3.74
C ASP A 787 -31.87 -6.28 3.84
N ILE A 788 -31.36 -6.79 2.71
CA ILE A 788 -30.73 -8.10 2.77
C ILE A 788 -29.38 -8.08 3.51
N PHE A 789 -29.09 -9.19 4.19
CA PHE A 789 -27.85 -9.36 4.93
C PHE A 789 -27.23 -10.63 4.37
N ILE A 790 -26.11 -10.44 3.69
CA ILE A 790 -25.26 -11.52 3.22
C ILE A 790 -24.30 -11.86 4.36
N GLU A 791 -24.55 -12.98 5.05
CA GLU A 791 -23.81 -13.34 6.25
C GLU A 791 -22.84 -14.50 5.98
N THR A 792 -21.57 -14.32 6.37
CA THR A 792 -20.51 -15.32 6.26
C THR A 792 -19.79 -15.52 7.61
N PRO A 793 -19.31 -16.73 7.91
CA PRO A 793 -18.70 -16.93 9.22
C PRO A 793 -17.29 -16.34 9.37
N LEU A 794 -16.72 -15.83 8.30
CA LEU A 794 -15.34 -15.42 8.31
C LEU A 794 -15.16 -14.03 8.94
N GLN A 795 -14.38 -13.95 10.05
CA GLN A 795 -14.27 -12.69 10.79
C GLN A 795 -13.62 -11.62 9.92
N GLY A 796 -14.09 -10.39 10.05
CA GLY A 796 -13.49 -9.25 9.32
C GLY A 796 -13.64 -9.19 7.79
N ALA A 797 -14.23 -10.22 7.19
CA ALA A 797 -14.60 -10.22 5.76
C ALA A 797 -15.20 -8.86 5.29
N ARG A 798 -14.73 -8.37 4.15
CA ARG A 798 -15.14 -7.03 3.67
C ARG A 798 -16.07 -7.15 2.48
N TYR A 799 -17.14 -6.34 2.41
CA TYR A 799 -18.15 -6.49 1.33
C TYR A 799 -18.23 -5.22 0.51
N SER A 800 -18.21 -5.35 -0.80
CA SER A 800 -18.54 -4.15 -1.63
C SER A 800 -19.85 -3.50 -1.21
N ASP A 801 -20.84 -4.29 -0.75
CA ASP A 801 -22.05 -3.68 -0.19
C ASP A 801 -22.74 -4.75 0.60
N ASN A 802 -23.66 -4.35 1.48
CA ASN A 802 -24.39 -5.31 2.30
C ASN A 802 -25.53 -4.53 2.89
N PHE A 803 -26.53 -5.23 3.43
CA PHE A 803 -27.68 -4.57 4.05
C PHE A 803 -28.32 -3.53 3.15
N PHE A 804 -28.70 -3.98 1.96
CA PHE A 804 -29.30 -3.12 0.97
C PHE A 804 -30.54 -3.85 0.50
N ASP A 805 -31.50 -3.11 -0.04
CA ASP A 805 -32.68 -3.71 -0.62
C ASP A 805 -32.30 -4.42 -1.93
N LEU A 806 -32.69 -5.66 -2.14
CA LEU A 806 -32.42 -6.27 -3.48
C LEU A 806 -33.70 -6.07 -4.33
N LEU A 807 -33.61 -5.30 -5.42
CA LEU A 807 -34.81 -4.91 -6.17
C LEU A 807 -35.25 -6.02 -7.16
N PRO A 808 -36.59 -6.19 -7.34
CA PRO A 808 -37.18 -7.24 -8.17
C PRO A 808 -36.56 -7.30 -9.58
N GLY A 809 -36.12 -8.49 -9.99
CA GLY A 809 -35.49 -8.66 -11.33
C GLY A 809 -34.15 -7.98 -11.59
N GLU A 810 -33.63 -7.21 -10.62
CA GLU A 810 -32.37 -6.49 -10.81
C GLU A 810 -31.19 -7.25 -10.18
N ARG A 811 -30.44 -7.96 -11.02
CA ARG A 811 -29.23 -8.69 -10.65
C ARG A 811 -28.27 -7.82 -9.83
N LYS A 812 -27.63 -8.41 -8.81
CA LYS A 812 -26.72 -7.65 -7.97
C LYS A 812 -25.39 -8.35 -7.75
N LYS A 813 -24.31 -7.66 -8.11
CA LYS A 813 -22.95 -8.16 -7.91
C LYS A 813 -22.36 -7.68 -6.57
N VAL A 814 -21.95 -8.63 -5.72
CA VAL A 814 -21.32 -8.32 -4.43
C VAL A 814 -19.95 -8.97 -4.35
N ILE A 815 -18.91 -8.18 -4.05
CA ILE A 815 -17.59 -8.75 -3.88
C ILE A 815 -17.20 -8.86 -2.38
N ILE A 816 -16.86 -10.07 -1.93
CA ILE A 816 -16.38 -10.28 -0.57
C ILE A 816 -14.87 -10.62 -0.62
N THR A 817 -14.09 -9.93 0.20
CA THR A 817 -12.63 -10.19 0.25
C THR A 817 -12.18 -10.51 1.69
N SER A 818 -11.09 -11.28 1.76
CA SER A 818 -10.48 -11.67 3.01
C SER A 818 -9.27 -12.45 2.62
N PRO A 819 -8.12 -12.18 3.28
CA PRO A 819 -6.97 -13.03 3.02
C PRO A 819 -7.24 -14.50 3.37
N ARG A 820 -8.25 -14.80 4.19
CA ARG A 820 -8.57 -16.19 4.57
C ARG A 820 -9.34 -17.00 3.52
N ILE A 821 -9.80 -16.32 2.47
CA ILE A 821 -10.53 -16.99 1.36
C ILE A 821 -9.58 -17.72 0.43
N LYS A 822 -9.83 -19.00 0.19
CA LYS A 822 -8.93 -19.80 -0.65
C LYS A 822 -9.67 -20.46 -1.81
N LYS A 823 -9.09 -20.49 -3.01
CA LYS A 823 -9.63 -21.25 -4.17
C LYS A 823 -9.94 -22.71 -3.80
N GLY A 824 -11.13 -23.18 -4.18
CA GLY A 824 -11.55 -24.54 -3.87
C GLY A 824 -11.99 -24.70 -2.42
N GLU A 825 -12.76 -23.75 -1.90
CA GLU A 825 -13.17 -23.83 -0.50
C GLU A 825 -14.36 -22.93 -0.26
N GLU A 826 -15.46 -23.29 -0.92
CA GLU A 826 -16.75 -22.56 -0.94
C GLU A 826 -16.96 -21.72 0.36
N LEU A 827 -16.92 -20.40 0.25
CA LEU A 827 -17.21 -19.61 1.43
C LEU A 827 -18.69 -19.79 1.76
N PRO A 828 -19.01 -20.20 3.00
CA PRO A 828 -20.42 -20.26 3.39
C PRO A 828 -21.12 -18.88 3.35
N VAL A 829 -22.30 -18.84 2.76
CA VAL A 829 -23.12 -17.65 2.64
C VAL A 829 -24.50 -18.03 3.11
N ASN A 830 -25.05 -17.20 3.99
CA ASN A 830 -26.44 -17.29 4.43
C ASN A 830 -27.05 -15.93 4.11
N ILE A 831 -28.15 -15.91 3.36
CA ILE A 831 -28.69 -14.62 2.98
C ILE A 831 -30.03 -14.42 3.65
N LYS A 832 -30.12 -13.45 4.55
CA LYS A 832 -31.39 -13.23 5.27
C LYS A 832 -32.04 -11.96 4.73
N HIS A 833 -33.37 -11.88 4.80
CA HIS A 833 -34.09 -10.66 4.44
C HIS A 833 -35.36 -10.55 5.27
N ILE A 834 -35.96 -9.37 5.27
CA ILE A 834 -36.99 -9.07 6.29
C ILE A 834 -38.12 -10.12 6.33
N ARG A 835 -38.72 -10.38 5.16
CA ARG A 835 -39.91 -11.27 5.07
C ARG A 835 -39.69 -12.65 5.66
N GLU A 836 -38.46 -13.15 5.63
CA GLU A 836 -38.14 -14.46 6.22
C GLU A 836 -38.22 -14.51 7.73
N THR A 837 -38.20 -13.34 8.37
CA THR A 837 -38.19 -13.24 9.84
C THR A 837 -39.55 -13.45 10.57
N TYR A 838 -40.64 -13.58 9.79
CA TYR A 838 -41.96 -13.92 10.36
C TYR A 838 -42.75 -14.90 9.47
N LYS A 839 -43.60 -15.72 10.10
CA LYS A 839 -44.48 -16.69 9.44
C LYS A 839 -45.93 -16.30 9.75
N GLY B 2 -7.98 12.66 -22.12
CA GLY B 2 -7.43 13.22 -20.86
C GLY B 2 -8.51 14.02 -20.13
N ASN B 3 -8.11 15.15 -19.51
CA ASN B 3 -9.06 16.08 -18.92
CA ASN B 3 -9.09 16.08 -18.93
C ASN B 3 -9.58 17.01 -20.03
N ASP B 4 -10.57 16.54 -20.79
CA ASP B 4 -11.09 17.32 -21.94
C ASP B 4 -12.54 17.01 -22.00
N THR B 5 -13.25 17.47 -23.04
CA THR B 5 -14.71 17.23 -23.11
C THR B 5 -15.12 15.92 -23.81
N SER B 6 -14.16 15.04 -24.12
CA SER B 6 -14.52 13.74 -24.74
C SER B 6 -15.15 12.79 -23.74
N GLU B 7 -15.94 11.84 -24.20
CA GLU B 7 -16.43 10.85 -23.28
C GLU B 7 -15.82 9.49 -23.68
N VAL B 8 -15.32 8.75 -22.69
CA VAL B 8 -14.69 7.44 -22.97
C VAL B 8 -15.53 6.36 -22.32
N MET B 9 -15.99 5.39 -23.10
CA MET B 9 -16.76 4.25 -22.55
C MET B 9 -15.82 3.04 -22.60
N LEU B 10 -15.44 2.45 -21.47
CA LEU B 10 -14.63 1.23 -21.48
C LEU B 10 -15.50 0.00 -21.83
N LEU B 11 -15.11 -0.80 -22.81
CA LEU B 11 -15.92 -1.99 -23.12
C LEU B 11 -15.35 -3.19 -22.35
N ASP B 12 -15.63 -3.21 -21.06
CA ASP B 12 -14.93 -4.17 -20.17
C ASP B 12 -15.89 -5.10 -19.45
N THR B 13 -17.14 -5.13 -19.88
CA THR B 13 -18.12 -5.99 -19.25
C THR B 13 -19.14 -6.49 -20.26
N GLY B 14 -19.83 -7.58 -19.96
CA GLY B 14 -20.86 -8.08 -20.88
C GLY B 14 -20.28 -8.92 -22.03
N TRP B 15 -19.00 -9.22 -22.01
CA TRP B 15 -18.45 -10.08 -23.05
C TRP B 15 -18.80 -11.57 -22.87
N GLU B 16 -19.04 -12.23 -23.99
CA GLU B 16 -19.24 -13.64 -24.07
C GLU B 16 -18.32 -14.23 -25.13
N PHE B 17 -17.89 -15.46 -24.92
CA PHE B 17 -16.98 -16.17 -25.82
C PHE B 17 -17.55 -17.52 -26.21
N SER B 18 -17.05 -18.08 -27.30
CA SER B 18 -17.47 -19.38 -27.79
C SER B 18 -16.38 -20.06 -28.61
N GLN B 19 -16.25 -21.34 -28.41
CA GLN B 19 -15.42 -22.14 -29.29
C GLN B 19 -16.17 -22.20 -30.61
N SER B 20 -15.51 -21.71 -31.67
CA SER B 20 -16.14 -21.58 -32.98
CA SER B 20 -16.10 -21.60 -33.00
C SER B 20 -16.77 -22.89 -33.45
N GLY B 21 -17.99 -22.81 -33.94
CA GLY B 21 -18.65 -24.02 -34.49
C GLY B 21 -19.52 -24.76 -33.47
N THR B 22 -19.39 -24.46 -32.17
CA THR B 22 -20.20 -25.05 -31.12
C THR B 22 -21.54 -24.28 -30.90
N GLU B 23 -21.61 -23.01 -31.27
CA GLU B 23 -22.79 -22.20 -30.94
C GLU B 23 -23.18 -22.13 -29.43
N LYS B 24 -22.24 -22.53 -28.55
CA LYS B 24 -22.38 -22.37 -27.11
C LYS B 24 -21.58 -21.16 -26.61
N TRP B 25 -22.26 -20.26 -25.90
CA TRP B 25 -21.68 -19.00 -25.41
C TRP B 25 -21.69 -18.96 -23.88
N MET B 26 -20.59 -18.48 -23.30
N MET B 26 -20.62 -18.41 -23.31
CA MET B 26 -20.41 -18.35 -21.85
CA MET B 26 -20.48 -18.31 -21.87
C MET B 26 -19.80 -16.98 -21.57
C MET B 26 -19.79 -16.99 -21.57
N PRO B 27 -19.95 -16.47 -20.32
CA PRO B 27 -19.33 -15.18 -19.98
C PRO B 27 -17.80 -15.19 -20.08
N ALA B 28 -17.23 -14.06 -20.47
CA ALA B 28 -15.78 -13.92 -20.57
C ALA B 28 -15.35 -12.65 -19.79
N THR B 29 -14.07 -12.51 -19.51
CA THR B 29 -13.54 -11.36 -18.81
C THR B 29 -12.60 -10.75 -19.82
N VAL B 30 -12.82 -9.47 -20.10
CA VAL B 30 -12.02 -8.75 -21.04
C VAL B 30 -11.55 -7.46 -20.33
N PRO B 31 -10.24 -7.14 -20.38
CA PRO B 31 -9.16 -7.85 -21.10
C PRO B 31 -8.98 -9.27 -20.55
N GLY B 32 -8.56 -10.22 -21.41
CA GLY B 32 -8.53 -11.65 -20.99
C GLY B 32 -7.94 -12.51 -22.07
N THR B 33 -8.06 -13.81 -21.87
CA THR B 33 -7.43 -14.81 -22.74
C THR B 33 -8.42 -15.96 -22.83
N VAL B 34 -8.44 -16.62 -23.97
CA VAL B 34 -9.23 -17.88 -24.17
C VAL B 34 -9.00 -18.86 -23.01
N HIS B 35 -7.73 -19.10 -22.69
CA HIS B 35 -7.43 -20.03 -21.59
C HIS B 35 -7.99 -19.60 -20.24
N GLN B 36 -7.83 -18.32 -19.86
CA GLN B 36 -8.35 -17.92 -18.56
C GLN B 36 -9.87 -18.05 -18.60
N ASP B 37 -10.50 -17.67 -19.71
CA ASP B 37 -11.94 -17.83 -19.85
C ASP B 37 -12.44 -19.27 -19.66
N LEU B 38 -11.72 -20.25 -20.24
CA LEU B 38 -12.06 -21.68 -20.07
C LEU B 38 -11.88 -22.10 -18.60
N ILE B 39 -10.69 -21.79 -18.07
CA ILE B 39 -10.34 -22.06 -16.66
C ILE B 39 -11.40 -21.52 -15.69
N SER B 40 -11.87 -20.30 -15.90
CA SER B 40 -12.85 -19.74 -14.96
C SER B 40 -14.18 -20.49 -15.02
N HIS B 41 -14.45 -21.20 -16.11
CA HIS B 41 -15.67 -22.05 -16.14
C HIS B 41 -15.31 -23.52 -15.89
N GLU B 42 -14.05 -23.78 -15.57
CA GLU B 42 -13.59 -25.13 -15.22
C GLU B 42 -13.56 -26.00 -16.47
N LEU B 43 -13.32 -25.39 -17.62
CA LEU B 43 -13.33 -26.10 -18.89
C LEU B 43 -11.89 -26.52 -19.30
N LEU B 44 -10.95 -26.18 -18.43
CA LEU B 44 -9.59 -26.64 -18.49
C LEU B 44 -9.19 -26.88 -17.07
N PRO B 45 -8.27 -27.86 -16.84
CA PRO B 45 -7.63 -27.97 -15.52
C PRO B 45 -6.66 -26.82 -15.26
N ASN B 46 -6.12 -26.73 -14.04
CA ASN B 46 -5.03 -25.81 -13.74
C ASN B 46 -3.87 -26.23 -14.62
N PRO B 47 -3.52 -25.40 -15.61
CA PRO B 47 -2.55 -25.68 -16.64
C PRO B 47 -1.14 -25.83 -16.08
N PHE B 48 -0.94 -25.29 -14.89
CA PHE B 48 0.35 -25.27 -14.22
C PHE B 48 0.52 -26.50 -13.31
N TYR B 49 -0.53 -27.26 -13.06
CA TYR B 49 -0.42 -28.40 -12.16
C TYR B 49 0.06 -29.67 -12.90
N GLY B 50 1.05 -30.38 -12.36
CA GLY B 50 1.36 -31.74 -12.74
C GLY B 50 1.68 -31.93 -14.21
N MET B 51 1.05 -32.92 -14.81
CA MET B 51 1.16 -33.23 -16.24
C MET B 51 0.19 -32.39 -17.12
N ASN B 52 -0.38 -31.32 -16.59
CA ASN B 52 -1.49 -30.67 -17.34
C ASN B 52 -1.14 -30.02 -18.65
N GLU B 53 0.13 -29.66 -18.83
CA GLU B 53 0.55 -29.02 -20.08
C GLU B 53 0.04 -29.72 -21.34
N LYS B 54 0.16 -31.04 -21.38
CA LYS B 54 -0.28 -31.84 -22.54
C LYS B 54 -1.81 -31.76 -22.67
N LYS B 55 -2.50 -31.59 -21.56
CA LYS B 55 -3.95 -31.69 -21.57
C LYS B 55 -4.62 -30.41 -22.07
N ILE B 56 -3.84 -29.36 -22.30
CA ILE B 56 -4.49 -28.09 -22.62
C ILE B 56 -4.08 -27.59 -23.99
N GLN B 57 -3.25 -28.34 -24.71
CA GLN B 57 -2.86 -27.97 -26.08
C GLN B 57 -3.99 -27.88 -27.10
N TRP B 58 -5.05 -28.66 -26.89
CA TRP B 58 -6.16 -28.71 -27.87
C TRP B 58 -6.66 -27.30 -28.21
N VAL B 59 -6.63 -26.40 -27.24
CA VAL B 59 -7.10 -25.00 -27.36
C VAL B 59 -6.55 -24.28 -28.58
N GLU B 60 -5.23 -24.43 -28.83
CA GLU B 60 -4.53 -23.82 -29.95
C GLU B 60 -5.02 -24.28 -31.35
N ASN B 61 -5.67 -25.44 -31.48
CA ASN B 61 -6.19 -25.87 -32.78
C ASN B 61 -7.60 -25.38 -33.12
N GLU B 62 -8.31 -24.77 -32.15
CA GLU B 62 -9.68 -24.24 -32.35
C GLU B 62 -9.68 -22.75 -32.64
N ASP B 63 -10.72 -22.28 -33.33
CA ASP B 63 -10.95 -20.85 -33.51
C ASP B 63 -11.84 -20.39 -32.37
N TRP B 64 -11.75 -19.11 -31.95
CA TRP B 64 -12.54 -18.65 -30.79
C TRP B 64 -13.24 -17.36 -31.09
N GLU B 65 -14.47 -17.20 -30.60
CA GLU B 65 -15.28 -16.04 -30.94
C GLU B 65 -15.65 -15.27 -29.70
N TYR B 66 -15.63 -13.94 -29.80
CA TYR B 66 -15.96 -13.01 -28.71
C TYR B 66 -17.01 -12.00 -29.19
N ARG B 67 -17.95 -11.66 -28.35
CA ARG B 67 -18.97 -10.67 -28.71
C ARG B 67 -19.36 -9.91 -27.46
N THR B 68 -19.84 -8.71 -27.68
CA THR B 68 -20.45 -7.96 -26.63
C THR B 68 -21.44 -7.02 -27.31
N SER B 69 -22.41 -6.55 -26.52
CA SER B 69 -23.34 -5.50 -26.93
C SER B 69 -23.17 -4.22 -26.12
N PHE B 70 -23.51 -3.07 -26.68
CA PHE B 70 -23.52 -1.82 -25.94
C PHE B 70 -24.51 -0.84 -26.58
N ILE B 71 -24.93 0.13 -25.76
CA ILE B 71 -25.95 1.11 -26.06
C ILE B 71 -25.29 2.42 -26.40
N VAL B 72 -25.74 3.04 -27.49
CA VAL B 72 -25.31 4.38 -27.86
C VAL B 72 -26.56 5.32 -27.83
N SER B 73 -26.43 6.46 -27.19
CA SER B 73 -27.54 7.37 -27.07
C SER B 73 -27.49 8.31 -28.27
N GLU B 74 -28.56 9.09 -28.39
CA GLU B 74 -28.72 10.07 -29.43
C GLU B 74 -27.66 11.15 -29.24
N GLU B 75 -27.47 11.56 -27.98
CA GLU B 75 -26.46 12.56 -27.66
C GLU B 75 -25.05 12.08 -28.03
N GLN B 76 -24.75 10.82 -27.76
CA GLN B 76 -23.48 10.20 -28.14
C GLN B 76 -23.26 10.20 -29.66
N LEU B 77 -24.28 9.76 -30.39
CA LEU B 77 -24.27 9.81 -31.85
C LEU B 77 -24.10 11.18 -32.45
N ASN B 78 -24.53 12.20 -31.74
CA ASN B 78 -24.32 13.59 -32.17
C ASN B 78 -22.92 14.21 -31.97
N ARG B 79 -21.98 13.47 -31.37
CA ARG B 79 -20.63 14.03 -31.18
C ARG B 79 -19.99 14.05 -32.57
N ASP B 80 -19.01 14.93 -32.81
CA ASP B 80 -18.41 15.01 -34.17
C ASP B 80 -17.73 13.69 -34.58
N GLY B 81 -17.12 12.99 -33.61
CA GLY B 81 -16.26 11.88 -33.93
C GLY B 81 -16.41 10.76 -32.93
N ILE B 82 -16.34 9.53 -33.38
CA ILE B 82 -16.37 8.40 -32.42
C ILE B 82 -15.35 7.35 -32.87
N GLN B 83 -14.44 6.95 -31.95
CA GLN B 83 -13.35 6.01 -32.26
C GLN B 83 -13.49 4.81 -31.36
N LEU B 84 -13.19 3.63 -31.91
CA LEU B 84 -13.07 2.40 -31.18
C LEU B 84 -11.55 2.07 -31.18
N ILE B 85 -10.98 1.88 -29.98
CA ILE B 85 -9.55 1.59 -29.79
C ILE B 85 -9.34 0.21 -29.22
N PHE B 86 -8.59 -0.67 -29.93
CA PHE B 86 -8.13 -1.93 -29.35
C PHE B 86 -6.62 -1.77 -29.01
N GLU B 87 -6.29 -1.74 -27.71
CA GLU B 87 -4.84 -1.64 -27.33
C GLU B 87 -4.09 -2.95 -27.58
N GLY B 88 -4.84 -4.02 -27.87
CA GLY B 88 -4.23 -5.31 -28.14
C GLY B 88 -5.16 -6.39 -28.54
N LEU B 89 -4.92 -6.98 -29.70
CA LEU B 89 -5.64 -8.19 -30.11
C LEU B 89 -4.66 -9.31 -30.41
N ASP B 90 -4.87 -10.47 -29.78
CA ASP B 90 -3.98 -11.62 -29.96
C ASP B 90 -4.68 -12.73 -30.67
N THR B 91 -4.49 -12.91 -31.98
CA THR B 91 -3.61 -12.13 -32.89
C THR B 91 -4.32 -11.95 -34.23
N TYR B 92 -4.82 -13.03 -34.84
CA TYR B 92 -5.49 -12.94 -36.12
C TYR B 92 -6.99 -12.80 -35.84
N ALA B 93 -7.48 -11.57 -35.82
CA ALA B 93 -8.79 -11.23 -35.29
C ALA B 93 -9.54 -10.46 -36.34
N ASP B 94 -10.69 -10.97 -36.75
CA ASP B 94 -11.58 -10.22 -37.63
C ASP B 94 -12.58 -9.50 -36.74
N VAL B 95 -12.63 -8.18 -36.83
CA VAL B 95 -13.48 -7.41 -35.93
C VAL B 95 -14.69 -6.90 -36.68
N TYR B 96 -15.91 -7.25 -36.21
CA TYR B 96 -17.16 -6.91 -36.93
C TYR B 96 -17.98 -6.03 -36.01
N LEU B 97 -18.44 -4.89 -36.50
CA LEU B 97 -19.38 -4.06 -35.73
C LEU B 97 -20.60 -3.76 -36.61
N ASN B 98 -21.77 -4.20 -36.13
CA ASN B 98 -23.06 -3.92 -36.77
C ASN B 98 -22.98 -4.23 -38.27
N GLY B 99 -22.47 -5.43 -38.60
CA GLY B 99 -22.51 -5.94 -39.95
C GLY B 99 -21.30 -5.50 -40.75
N SER B 100 -20.47 -4.62 -40.23
CA SER B 100 -19.28 -4.12 -40.96
C SER B 100 -17.99 -4.75 -40.46
N LEU B 101 -17.13 -5.22 -41.39
CA LEU B 101 -15.78 -5.64 -41.04
C LEU B 101 -14.82 -4.44 -40.83
N LEU B 102 -14.48 -4.12 -39.58
CA LEU B 102 -13.72 -2.90 -39.29
C LEU B 102 -12.23 -3.14 -39.52
N LEU B 103 -11.78 -4.37 -39.25
CA LEU B 103 -10.36 -4.65 -39.16
C LEU B 103 -10.09 -6.14 -39.27
N LYS B 104 -9.03 -6.45 -40.02
CA LYS B 104 -8.44 -7.75 -39.94
C LYS B 104 -7.06 -7.65 -39.25
N ALA B 105 -7.05 -7.84 -37.94
CA ALA B 105 -5.84 -7.60 -37.11
C ALA B 105 -4.88 -8.75 -37.28
N ASP B 106 -3.57 -8.49 -37.22
CA ASP B 106 -2.53 -9.53 -37.52
C ASP B 106 -1.25 -9.20 -36.79
N ASN B 107 -1.35 -8.40 -35.72
CA ASN B 107 -0.18 -8.09 -34.94
C ASN B 107 -0.54 -7.82 -33.50
N MET B 108 -0.17 -8.77 -32.64
CA MET B 108 -0.42 -8.68 -31.21
C MET B 108 0.17 -7.38 -30.58
N PHE B 109 1.28 -6.92 -31.12
CA PHE B 109 2.00 -5.79 -30.52
C PHE B 109 1.49 -4.43 -31.03
N VAL B 110 0.39 -4.43 -31.79
CA VAL B 110 -0.13 -3.15 -32.37
C VAL B 110 -1.46 -2.74 -31.71
N GLY B 111 -1.58 -1.46 -31.34
CA GLY B 111 -2.86 -0.84 -30.95
C GLY B 111 -3.56 -0.26 -32.17
N TYR B 112 -4.86 -0.43 -32.26
CA TYR B 112 -5.55 -0.09 -33.49
C TYR B 112 -6.66 0.88 -33.12
N THR B 113 -6.77 1.99 -33.83
CA THR B 113 -7.77 3.03 -33.59
C THR B 113 -8.64 3.11 -34.82
N LEU B 114 -9.95 2.94 -34.65
CA LEU B 114 -10.85 2.79 -35.76
C LEU B 114 -11.96 3.83 -35.70
N PRO B 115 -12.15 4.60 -36.77
CA PRO B 115 -13.31 5.50 -36.82
C PRO B 115 -14.61 4.73 -36.94
N VAL B 116 -15.55 4.88 -36.02
CA VAL B 116 -16.75 4.01 -36.11
C VAL B 116 -18.14 4.74 -36.13
N LYS B 117 -18.12 6.08 -36.03
CA LYS B 117 -19.35 6.87 -35.91
C LYS B 117 -20.36 6.49 -36.99
N SER B 118 -19.94 6.38 -38.26
CA SER B 118 -20.88 6.10 -39.37
C SER B 118 -21.43 4.70 -39.36
N VAL B 119 -20.82 3.80 -38.59
CA VAL B 119 -21.39 2.45 -38.48
CA VAL B 119 -21.28 2.41 -38.42
C VAL B 119 -22.20 2.19 -37.18
N LEU B 120 -22.05 3.05 -36.18
CA LEU B 120 -22.80 2.93 -34.90
C LEU B 120 -24.25 3.28 -35.10
N ARG B 121 -25.14 2.72 -34.25
CA ARG B 121 -26.57 3.02 -34.36
C ARG B 121 -27.12 3.42 -32.99
N LYS B 122 -28.18 4.24 -32.99
CA LYS B 122 -28.94 4.55 -31.75
C LYS B 122 -29.54 3.32 -31.12
N GLY B 123 -29.31 3.14 -29.82
CA GLY B 123 -29.71 1.92 -29.16
C GLY B 123 -28.63 0.85 -29.08
N GLU B 124 -29.03 -0.40 -29.26
CA GLU B 124 -28.13 -1.53 -29.17
C GLU B 124 -27.17 -1.66 -30.35
N ASN B 125 -25.92 -1.99 -30.05
CA ASN B 125 -24.83 -2.16 -31.04
C ASN B 125 -24.10 -3.47 -30.74
N HIS B 126 -23.64 -4.19 -31.77
CA HIS B 126 -23.09 -5.55 -31.55
C HIS B 126 -21.69 -5.65 -32.09
N LEU B 127 -20.74 -5.90 -31.19
CA LEU B 127 -19.35 -6.06 -31.56
C LEU B 127 -19.03 -7.58 -31.53
N TYR B 128 -18.53 -8.15 -32.61
CA TYR B 128 -18.13 -9.60 -32.66
C TYR B 128 -16.75 -9.66 -33.14
N ILE B 129 -15.96 -10.60 -32.58
CA ILE B 129 -14.57 -10.77 -32.98
C ILE B 129 -14.27 -12.24 -33.10
N TYR B 130 -13.76 -12.60 -34.27
CA TYR B 130 -13.37 -13.96 -34.62
C TYR B 130 -11.84 -14.11 -34.58
N PHE B 131 -11.36 -14.86 -33.60
CA PHE B 131 -9.92 -15.12 -33.50
C PHE B 131 -9.57 -16.40 -34.21
N HIS B 132 -8.95 -16.29 -35.38
CA HIS B 132 -8.44 -17.49 -36.06
C HIS B 132 -7.31 -18.13 -35.22
N SER B 133 -7.33 -19.45 -35.08
CA SER B 133 -6.20 -20.14 -34.46
C SER B 133 -4.89 -19.68 -35.17
N PRO B 134 -3.89 -19.17 -34.42
CA PRO B 134 -2.62 -18.79 -35.02
C PRO B 134 -1.83 -20.00 -35.59
N ILE B 135 -2.11 -21.18 -35.06
CA ILE B 135 -1.64 -22.43 -35.64
C ILE B 135 -2.31 -22.70 -36.98
N ARG B 136 -3.62 -22.86 -37.00
CA ARG B 136 -4.26 -23.18 -38.28
C ARG B 136 -4.04 -22.11 -39.35
N GLN B 137 -3.85 -20.87 -38.92
CA GLN B 137 -3.69 -19.74 -39.82
C GLN B 137 -2.33 -19.79 -40.49
N THR B 138 -1.33 -20.31 -39.78
CA THR B 138 0.02 -20.41 -40.34
C THR B 138 0.52 -21.82 -40.82
N LEU B 139 -0.25 -22.90 -40.61
CA LEU B 139 0.07 -24.18 -41.29
C LEU B 139 0.34 -24.06 -42.78
N PRO B 140 -0.53 -23.36 -43.51
CA PRO B 140 -0.30 -23.34 -44.97
C PRO B 140 0.83 -22.43 -45.33
N GLN B 141 1.08 -21.47 -44.46
CA GLN B 141 2.23 -20.61 -44.63
C GLN B 141 3.50 -21.45 -44.48
N TYR B 142 3.52 -22.29 -43.45
CA TYR B 142 4.66 -23.17 -43.18
C TYR B 142 4.88 -24.18 -44.33
N ALA B 143 3.78 -24.74 -44.82
CA ALA B 143 3.89 -25.76 -45.88
C ALA B 143 4.44 -25.10 -47.12
N SER B 144 4.14 -23.82 -47.32
CA SER B 144 4.70 -23.15 -48.50
C SER B 144 6.18 -22.86 -48.38
N ASN B 145 6.72 -22.87 -47.16
CA ASN B 145 8.06 -22.37 -46.91
C ASN B 145 9.22 -23.26 -47.36
N GLY B 146 9.03 -24.57 -47.37
CA GLY B 146 10.06 -25.50 -47.83
C GLY B 146 11.20 -25.83 -46.85
N PHE B 147 11.17 -25.25 -45.65
CA PHE B 147 12.15 -25.56 -44.58
C PHE B 147 11.44 -25.20 -43.29
N ASN B 148 11.96 -25.67 -42.16
CA ASN B 148 11.42 -25.36 -40.83
C ASN B 148 12.47 -24.43 -40.18
N TYR B 149 12.11 -23.18 -39.85
CA TYR B 149 13.01 -22.30 -39.14
C TYR B 149 13.57 -23.01 -37.87
N PRO B 150 14.82 -22.72 -37.47
CA PRO B 150 15.42 -23.47 -36.31
C PRO B 150 15.10 -22.84 -34.91
N ALA B 151 13.81 -22.68 -34.62
CA ALA B 151 13.32 -22.04 -33.41
C ALA B 151 13.00 -23.17 -32.41
N ASP B 152 14.04 -23.74 -31.77
CA ASP B 152 13.87 -24.87 -30.87
C ASP B 152 13.03 -24.53 -29.64
N ASN B 153 12.91 -23.26 -29.28
CA ASN B 153 12.10 -22.87 -28.12
C ASN B 153 10.60 -22.92 -28.45
N ASP B 154 10.29 -23.06 -29.75
CA ASP B 154 8.91 -23.23 -30.24
C ASP B 154 8.57 -24.74 -30.11
N HIS B 155 7.78 -25.08 -29.12
CA HIS B 155 7.63 -26.49 -28.76
C HIS B 155 6.59 -27.25 -29.57
N HIS B 156 6.94 -27.45 -30.84
CA HIS B 156 6.08 -28.11 -31.78
C HIS B 156 7.02 -28.65 -32.85
N GLU B 157 6.61 -29.71 -33.53
CA GLU B 157 7.45 -30.14 -34.68
C GLU B 157 7.53 -29.02 -35.74
N LYS B 158 6.45 -28.28 -35.94
CA LYS B 158 6.46 -27.17 -36.90
C LYS B 158 6.70 -25.87 -36.19
N HIS B 159 7.77 -25.17 -36.54
CA HIS B 159 8.06 -23.93 -35.83
C HIS B 159 7.31 -22.75 -36.44
N LEU B 160 6.05 -22.61 -36.02
CA LEU B 160 5.11 -21.67 -36.64
C LEU B 160 5.15 -20.27 -36.02
N SER B 161 5.84 -20.15 -34.89
CA SER B 161 5.99 -18.91 -34.19
C SER B 161 6.68 -17.81 -35.04
N VAL B 162 7.65 -18.18 -35.88
CA VAL B 162 8.40 -17.16 -36.61
C VAL B 162 7.50 -16.42 -37.65
N PHE B 163 6.39 -17.05 -38.06
CA PHE B 163 5.46 -16.39 -39.00
C PHE B 163 4.49 -15.40 -38.35
N SER B 164 4.31 -15.45 -37.03
CA SER B 164 3.34 -14.59 -36.38
C SER B 164 4.00 -13.50 -35.54
N ARG B 165 3.44 -12.29 -35.65
CA ARG B 165 3.85 -11.21 -34.71
C ARG B 165 3.01 -11.37 -33.47
N LYS B 166 3.52 -12.26 -32.60
CA LYS B 166 2.87 -12.76 -31.41
C LYS B 166 3.94 -13.16 -30.37
N ALA B 167 3.64 -12.94 -29.08
CA ALA B 167 4.63 -13.21 -28.01
C ALA B 167 5.36 -14.55 -28.21
N PRO B 168 6.66 -14.50 -28.56
CA PRO B 168 7.40 -15.71 -28.87
C PRO B 168 7.28 -16.74 -27.80
N TYR B 169 7.31 -16.32 -26.52
CA TYR B 169 7.32 -17.31 -25.41
C TYR B 169 6.03 -18.08 -25.30
N SER B 170 4.97 -17.64 -25.96
CA SER B 170 3.68 -18.27 -25.77
C SER B 170 3.67 -19.64 -26.45
N TYR B 171 4.60 -19.87 -27.36
CA TYR B 171 4.72 -21.17 -28.00
C TYR B 171 5.63 -22.10 -27.20
N GLY B 172 6.13 -21.63 -26.05
CA GLY B 172 6.97 -22.45 -25.17
C GLY B 172 8.30 -21.78 -25.06
N TRP B 173 9.13 -22.24 -24.12
CA TRP B 173 10.51 -21.76 -23.98
C TRP B 173 11.29 -22.64 -23.00
N ASP B 174 12.62 -22.45 -22.92
CA ASP B 174 13.43 -23.33 -22.05
C ASP B 174 13.19 -23.17 -20.54
N TRP B 175 12.30 -22.25 -20.16
CA TRP B 175 11.70 -22.13 -18.80
C TRP B 175 10.18 -21.98 -18.84
N GLY B 176 9.57 -22.28 -19.99
CA GLY B 176 8.16 -21.82 -20.26
C GLY B 176 7.15 -22.86 -20.70
N ILE B 177 5.94 -22.81 -20.15
CA ILE B 177 4.86 -23.68 -20.64
C ILE B 177 4.40 -23.13 -22.01
N ARG B 178 4.03 -24.02 -22.93
CA ARG B 178 3.38 -23.67 -24.23
C ARG B 178 1.88 -23.45 -23.98
N MET B 179 1.45 -22.18 -24.12
CA MET B 179 0.07 -21.84 -24.01
C MET B 179 -0.18 -20.81 -25.09
N VAL B 180 -0.48 -21.31 -26.30
CA VAL B 180 -0.63 -20.47 -27.50
C VAL B 180 -2.04 -19.89 -27.47
N THR B 181 -2.16 -18.83 -26.70
CA THR B 181 -3.46 -18.32 -26.36
C THR B 181 -3.93 -17.26 -27.40
N SER B 182 -5.17 -16.77 -27.22
CA SER B 182 -5.76 -15.72 -28.06
C SER B 182 -6.70 -14.89 -27.20
N GLY B 183 -7.19 -13.76 -27.74
CA GLY B 183 -8.06 -12.88 -26.97
C GLY B 183 -7.77 -11.41 -27.13
N VAL B 184 -8.68 -10.63 -26.56
CA VAL B 184 -8.62 -9.20 -26.39
C VAL B 184 -7.75 -8.99 -25.19
N TRP B 185 -6.45 -8.91 -25.43
CA TRP B 185 -5.50 -9.00 -24.31
C TRP B 185 -5.15 -7.65 -23.63
N ARG B 186 -5.66 -6.55 -24.15
CA ARG B 186 -5.50 -5.23 -23.56
C ARG B 186 -6.82 -4.48 -23.80
N PRO B 187 -7.05 -3.31 -23.15
CA PRO B 187 -8.45 -2.83 -23.09
C PRO B 187 -9.05 -2.33 -24.43
N VAL B 188 -10.36 -2.21 -24.48
CA VAL B 188 -11.07 -1.76 -25.66
C VAL B 188 -11.87 -0.58 -25.16
N THR B 189 -11.82 0.51 -25.87
CA THR B 189 -12.51 1.72 -25.37
C THR B 189 -13.19 2.43 -26.54
N LEU B 190 -14.28 3.14 -26.22
CA LEU B 190 -15.02 3.85 -27.23
C LEU B 190 -14.94 5.31 -26.82
N ARG B 191 -14.49 6.16 -27.73
CA ARG B 191 -14.26 7.57 -27.38
C ARG B 191 -15.15 8.43 -28.28
N PHE B 192 -16.13 9.07 -27.66
CA PHE B 192 -17.00 10.08 -28.30
C PHE B 192 -16.38 11.47 -28.09
N TYR B 193 -16.12 12.21 -29.16
CA TYR B 193 -15.51 13.54 -29.02
C TYR B 193 -15.97 14.56 -30.06
N ASP B 194 -15.54 15.80 -29.85
CA ASP B 194 -15.77 16.88 -30.80
C ASP B 194 -14.48 17.43 -31.40
N ILE B 195 -14.60 17.83 -32.66
CA ILE B 195 -13.55 18.53 -33.41
C ILE B 195 -12.39 17.68 -33.82
N ALA B 196 -11.61 17.24 -32.83
CA ALA B 196 -10.32 16.60 -33.03
C ALA B 196 -9.93 15.74 -31.80
N THR B 197 -8.94 14.87 -31.98
CA THR B 197 -8.29 14.13 -30.89
C THR B 197 -6.83 14.37 -31.10
N ILE B 198 -6.01 14.19 -30.04
CA ILE B 198 -4.53 14.16 -30.20
C ILE B 198 -4.16 12.70 -30.43
N SER B 199 -3.81 12.34 -31.66
CA SER B 199 -3.32 10.98 -32.00
CA SER B 199 -3.37 10.96 -31.91
C SER B 199 -1.97 10.73 -31.35
N ASP B 200 -1.18 11.79 -31.16
CA ASP B 200 0.14 11.61 -30.53
C ASP B 200 0.67 12.86 -29.88
N TYR B 201 1.23 12.70 -28.68
CA TYR B 201 1.91 13.80 -27.98
C TYR B 201 3.29 13.35 -27.61
N TYR B 202 4.31 14.01 -28.20
CA TYR B 202 5.71 13.68 -28.03
C TYR B 202 6.45 14.89 -27.47
N VAL B 203 7.17 14.67 -26.38
CA VAL B 203 7.88 15.75 -25.69
C VAL B 203 9.33 15.49 -26.04
N ARG B 204 9.88 16.28 -26.95
CA ARG B 204 11.25 16.02 -27.43
C ARG B 204 12.19 16.96 -26.69
N GLN B 205 13.18 16.41 -26.01
CA GLN B 205 14.13 17.18 -25.26
C GLN B 205 15.12 17.72 -26.27
N LEU B 206 15.23 19.04 -26.36
CA LEU B 206 16.21 19.59 -27.29
C LEU B 206 17.57 19.70 -26.65
N SER B 207 17.61 20.09 -25.37
CA SER B 207 18.88 20.18 -24.62
C SER B 207 18.62 20.30 -23.12
N LEU B 208 19.61 19.89 -22.33
CA LEU B 208 19.52 19.92 -20.87
C LEU B 208 20.86 20.34 -20.27
N THR B 209 20.84 21.41 -19.49
CA THR B 209 21.99 21.85 -18.72
C THR B 209 21.39 22.12 -17.35
N ASP B 210 22.23 22.44 -16.38
CA ASP B 210 21.76 22.74 -15.00
C ASP B 210 20.83 23.92 -14.97
N GLU B 211 21.04 24.87 -15.88
CA GLU B 211 20.27 26.14 -15.86
C GLU B 211 18.96 26.08 -16.64
N ASN B 212 18.95 25.25 -17.69
CA ASN B 212 17.84 25.23 -18.63
C ASN B 212 17.63 23.86 -19.30
N ALA B 213 16.36 23.50 -19.41
CA ALA B 213 15.93 22.35 -20.23
C ALA B 213 15.12 22.94 -21.36
N ARG B 214 15.46 22.61 -22.59
CA ARG B 214 14.64 23.08 -23.71
C ARG B 214 13.91 21.90 -24.35
N LEU B 215 12.60 22.06 -24.48
CA LEU B 215 11.75 20.98 -24.96
C LEU B 215 10.96 21.39 -26.20
N SER B 216 10.74 20.43 -27.08
CA SER B 216 9.78 20.67 -28.16
C SER B 216 8.52 19.80 -27.99
N ASN B 217 7.38 20.43 -27.80
CA ASN B 217 6.13 19.70 -27.73
C ASN B 217 5.55 19.42 -29.13
N GLU B 218 5.44 18.15 -29.52
CA GLU B 218 5.12 17.86 -30.91
C GLU B 218 3.87 17.03 -30.91
N LEU B 219 2.79 17.64 -31.42
CA LEU B 219 1.45 17.02 -31.49
C LEU B 219 1.03 16.67 -32.91
N ILE B 220 0.45 15.46 -33.03
CA ILE B 220 -0.35 15.08 -34.19
C ILE B 220 -1.83 15.08 -33.74
N VAL B 221 -2.60 15.91 -34.41
CA VAL B 221 -3.97 16.18 -34.05
C VAL B 221 -4.76 15.82 -35.28
N ASN B 222 -5.81 15.04 -35.08
CA ASN B 222 -6.62 14.55 -36.18
C ASN B 222 -7.98 15.19 -36.11
N GLN B 223 -8.28 16.09 -37.03
CA GLN B 223 -9.58 16.76 -36.97
C GLN B 223 -10.63 16.00 -37.78
N ILE B 224 -11.80 15.83 -37.19
CA ILE B 224 -12.84 15.02 -37.79
C ILE B 224 -13.93 15.87 -38.48
N VAL B 225 -13.85 17.20 -38.36
CA VAL B 225 -14.85 18.11 -38.97
C VAL B 225 -14.35 18.80 -40.26
N PRO B 226 -15.26 19.09 -41.22
CA PRO B 226 -14.82 19.67 -42.52
C PRO B 226 -14.37 21.14 -42.47
N GLN B 227 -15.00 21.97 -41.65
CA GLN B 227 -14.69 23.40 -41.65
C GLN B 227 -13.30 23.70 -41.02
N LYS B 228 -12.69 24.83 -41.37
CA LYS B 228 -11.43 25.20 -40.76
C LYS B 228 -11.76 25.61 -39.33
N ILE B 229 -10.96 25.16 -38.36
CA ILE B 229 -11.23 25.42 -36.92
C ILE B 229 -10.16 26.32 -36.24
N PRO B 230 -10.62 27.46 -35.68
CA PRO B 230 -9.69 28.36 -34.96
C PRO B 230 -9.48 27.82 -33.52
N ALA B 231 -8.23 27.51 -33.16
CA ALA B 231 -7.95 26.93 -31.83
C ALA B 231 -6.59 27.39 -31.25
N GLU B 232 -6.42 27.15 -29.93
CA GLU B 232 -5.13 27.34 -29.30
C GLU B 232 -4.60 26.03 -28.80
N VAL B 233 -3.34 25.75 -29.09
CA VAL B 233 -2.62 24.65 -28.43
C VAL B 233 -1.87 25.17 -27.19
N ARG B 234 -2.23 24.70 -25.98
CA ARG B 234 -1.56 25.05 -24.73
C ARG B 234 -0.84 23.84 -24.07
N VAL B 235 0.36 24.10 -23.60
CA VAL B 235 1.15 23.12 -22.89
C VAL B 235 1.43 23.70 -21.51
N ASN B 236 0.88 23.03 -20.49
CA ASN B 236 1.21 23.31 -19.10
C ASN B 236 2.27 22.32 -18.58
N VAL B 237 3.31 22.86 -17.96
CA VAL B 237 4.33 22.07 -17.36
C VAL B 237 4.25 22.34 -15.87
N SER B 238 4.16 21.27 -15.09
CA SER B 238 4.05 21.41 -13.65
CA SER B 238 4.03 21.38 -13.64
C SER B 238 4.90 20.40 -12.93
N LEU B 239 5.23 20.73 -11.68
CA LEU B 239 6.01 19.76 -10.86
C LEU B 239 5.33 19.59 -9.52
N ASN B 240 4.85 18.36 -9.26
CA ASN B 240 4.17 18.02 -7.99
C ASN B 240 3.11 19.03 -7.65
N GLY B 241 2.31 19.43 -8.64
CA GLY B 241 1.12 20.28 -8.40
C GLY B 241 1.36 21.79 -8.50
N THR B 242 2.58 22.20 -8.85
CA THR B 242 2.85 23.63 -9.09
C THR B 242 3.28 23.89 -10.55
N THR B 243 2.58 24.82 -11.20
CA THR B 243 2.94 25.21 -12.56
C THR B 243 4.31 25.81 -12.61
N VAL B 244 5.09 25.36 -13.55
CA VAL B 244 6.44 25.78 -13.70
C VAL B 244 6.55 26.54 -15.04
N THR B 245 5.85 26.07 -16.08
CA THR B 245 5.87 26.74 -17.37
C THR B 245 4.57 26.55 -18.06
N GLU B 246 4.19 27.56 -18.81
CA GLU B 246 2.97 27.54 -19.56
C GLU B 246 3.19 28.27 -20.90
N VAL B 247 3.03 27.53 -22.01
CA VAL B 247 3.16 28.08 -23.35
C VAL B 247 1.89 27.83 -24.14
N LYS B 248 1.53 28.79 -25.01
CA LYS B 248 0.41 28.62 -25.92
C LYS B 248 0.71 29.11 -27.36
N GLN B 249 -0.03 28.59 -28.33
CA GLN B 249 0.21 28.90 -29.75
C GLN B 249 -1.11 28.91 -30.46
N GLN B 250 -1.40 29.97 -31.20
CA GLN B 250 -2.69 30.08 -31.90
C GLN B 250 -2.59 29.19 -33.14
N VAL B 251 -3.66 28.43 -33.45
CA VAL B 251 -3.63 27.55 -34.65
C VAL B 251 -4.97 27.45 -35.34
N THR B 252 -4.91 27.21 -36.64
CA THR B 252 -6.11 26.97 -37.44
C THR B 252 -6.09 25.53 -37.88
N LEU B 253 -7.02 24.77 -37.32
CA LEU B 253 -7.10 23.35 -37.58
C LEU B 253 -7.75 23.08 -38.93
N GLN B 254 -7.07 22.27 -39.76
CA GLN B 254 -7.60 21.74 -41.04
C GLN B 254 -8.15 20.33 -40.81
N PRO B 255 -9.13 19.91 -41.64
CA PRO B 255 -9.60 18.50 -41.58
C PRO B 255 -8.47 17.48 -41.77
N GLY B 256 -8.54 16.32 -41.09
CA GLY B 256 -7.46 15.33 -41.14
C GLY B 256 -6.29 15.63 -40.20
N ILE B 257 -5.08 15.47 -40.70
CA ILE B 257 -3.89 15.44 -39.86
C ILE B 257 -3.36 16.84 -39.68
N ASN B 258 -3.11 17.24 -38.43
CA ASN B 258 -2.39 18.51 -38.18
C ASN B 258 -1.11 18.28 -37.40
N HIS B 259 0.00 18.88 -37.80
CA HIS B 259 1.28 18.72 -37.11
C HIS B 259 1.59 20.04 -36.41
N ILE B 260 1.85 19.99 -35.10
CA ILE B 260 1.96 21.18 -34.26
C ILE B 260 3.16 21.01 -33.35
N THR B 261 4.00 22.04 -33.36
CA THR B 261 5.19 22.12 -32.52
C THR B 261 5.10 23.37 -31.65
N LEU B 262 5.12 23.20 -30.32
CA LEU B 262 5.33 24.31 -29.37
C LEU B 262 6.58 24.06 -28.55
N PRO B 263 7.53 25.00 -28.58
CA PRO B 263 8.69 24.94 -27.67
C PRO B 263 8.30 25.30 -26.24
N ALA B 264 8.94 24.67 -25.25
CA ALA B 264 8.83 25.09 -23.85
C ALA B 264 10.20 25.02 -23.15
N GLU B 265 10.41 25.85 -22.13
CA GLU B 265 11.69 25.83 -21.39
C GLU B 265 11.42 25.63 -19.92
N VAL B 266 12.27 24.85 -19.28
CA VAL B 266 12.20 24.70 -17.85
C VAL B 266 13.52 25.19 -17.24
N THR B 267 13.45 26.33 -16.54
CA THR B 267 14.65 26.95 -15.96
C THR B 267 15.04 26.15 -14.71
N ASN B 268 16.33 26.03 -14.44
CA ASN B 268 16.80 25.25 -13.27
C ASN B 268 16.08 23.91 -13.10
N PRO B 269 16.13 23.11 -14.16
CA PRO B 269 15.42 21.83 -14.24
C PRO B 269 15.85 20.89 -13.09
N VAL B 270 14.89 20.26 -12.42
CA VAL B 270 15.18 19.19 -11.49
C VAL B 270 15.28 17.83 -12.21
N ARG B 271 16.48 17.26 -12.21
CA ARG B 271 16.78 16.12 -13.06
C ARG B 271 16.17 14.83 -12.54
N TRP B 272 15.82 13.97 -13.48
CA TRP B 272 15.42 12.62 -13.14
C TRP B 272 16.73 11.86 -12.96
N MET B 273 16.84 11.17 -11.82
CA MET B 273 17.99 10.37 -11.47
C MET B 273 17.58 8.93 -11.34
N PRO B 274 18.51 8.00 -11.64
CA PRO B 274 18.32 6.56 -11.53
C PRO B 274 18.44 6.14 -10.08
N ASN B 275 17.90 4.96 -9.80
CA ASN B 275 17.85 4.43 -8.43
C ASN B 275 19.29 4.30 -7.86
N GLY B 276 19.52 4.86 -6.69
CA GLY B 276 20.87 4.94 -6.15
C GLY B 276 21.43 6.37 -6.23
N TRP B 277 21.00 7.15 -7.21
CA TRP B 277 21.56 8.51 -7.38
C TRP B 277 20.60 9.63 -6.99
N GLY B 278 19.49 9.33 -6.37
CA GLY B 278 18.54 10.41 -6.09
C GLY B 278 17.08 10.17 -6.44
N THR B 279 16.31 11.24 -6.49
CA THR B 279 14.89 11.13 -6.80
C THR B 279 14.70 11.00 -8.32
N PRO B 280 13.83 10.08 -8.74
CA PRO B 280 13.39 10.01 -10.14
C PRO B 280 12.28 11.02 -10.42
N THR B 281 12.67 12.31 -10.36
CA THR B 281 11.78 13.43 -10.52
C THR B 281 11.03 13.40 -11.81
N LEU B 282 9.74 13.56 -11.73
CA LEU B 282 8.94 13.56 -12.93
C LEU B 282 8.11 14.77 -12.95
N TYR B 283 8.12 15.43 -14.09
CA TYR B 283 7.27 16.59 -14.33
C TYR B 283 5.99 16.09 -15.01
N ASP B 284 4.91 16.85 -14.88
CA ASP B 284 3.66 16.64 -15.64
C ASP B 284 3.54 17.63 -16.81
N PHE B 285 3.56 17.10 -18.03
CA PHE B 285 3.34 17.91 -19.23
C PHE B 285 1.93 17.65 -19.72
N SER B 286 1.13 18.68 -19.81
CA SER B 286 -0.21 18.53 -20.34
C SER B 286 -0.38 19.42 -21.59
N ALA B 287 -0.74 18.78 -22.70
CA ALA B 287 -1.04 19.45 -23.98
C ALA B 287 -2.56 19.51 -24.18
N GLN B 288 -3.11 20.69 -24.48
CA GLN B 288 -4.55 20.86 -24.68
C GLN B 288 -4.84 21.49 -26.02
N ILE B 289 -5.94 21.05 -26.64
CA ILE B 289 -6.51 21.72 -27.82
C ILE B 289 -7.70 22.47 -27.32
N ALA B 290 -7.62 23.80 -27.37
CA ALA B 290 -8.62 24.63 -26.72
C ALA B 290 -9.34 25.56 -27.69
N CYS B 291 -10.65 25.61 -27.60
CA CYS B 291 -11.38 26.62 -28.33
C CYS B 291 -12.01 27.59 -27.33
N GLY B 292 -11.13 28.52 -26.87
CA GLY B 292 -11.36 29.36 -25.67
C GLY B 292 -11.18 28.51 -24.40
N ASP B 293 -12.26 28.36 -23.63
CA ASP B 293 -12.26 27.50 -22.42
C ASP B 293 -12.63 26.03 -22.78
N ARG B 294 -13.31 25.80 -23.92
CA ARG B 294 -13.70 24.43 -24.29
C ARG B 294 -12.49 23.58 -24.71
N ILE B 295 -12.11 22.62 -23.86
CA ILE B 295 -10.93 21.80 -24.13
C ILE B 295 -11.40 20.53 -24.81
N VAL B 296 -11.36 20.54 -26.15
CA VAL B 296 -11.81 19.40 -26.98
C VAL B 296 -10.89 18.14 -26.86
N ALA B 297 -9.59 18.36 -26.68
CA ALA B 297 -8.68 17.22 -26.51
C ALA B 297 -7.56 17.60 -25.59
N GLU B 298 -7.12 16.62 -24.80
CA GLU B 298 -6.04 16.83 -23.85
C GLU B 298 -5.22 15.56 -23.73
N GLN B 299 -3.92 15.70 -23.54
CA GLN B 299 -3.14 14.51 -23.33
C GLN B 299 -1.97 14.88 -22.46
N SER B 300 -1.66 14.01 -21.48
CA SER B 300 -0.55 14.30 -20.58
CA SER B 300 -0.56 14.28 -20.53
C SER B 300 0.49 13.19 -20.57
N HIS B 301 1.71 13.56 -20.24
CA HIS B 301 2.76 12.59 -19.97
C HIS B 301 3.50 13.01 -18.72
N ARG B 302 4.01 12.03 -17.97
CA ARG B 302 4.99 12.27 -16.96
C ARG B 302 6.33 12.28 -17.68
N ILE B 303 7.16 13.32 -17.44
CA ILE B 303 8.43 13.46 -18.16
C ILE B 303 9.57 13.59 -17.19
N GLY B 304 10.64 12.88 -17.44
CA GLY B 304 11.81 13.12 -16.64
C GLY B 304 12.84 13.84 -17.50
N LEU B 305 13.49 14.85 -16.91
CA LEU B 305 14.52 15.58 -17.60
C LEU B 305 15.85 14.97 -17.21
N ARG B 306 16.50 14.34 -18.17
CA ARG B 306 17.81 13.76 -17.94
C ARG B 306 18.42 13.49 -19.29
N THR B 307 19.70 13.23 -19.33
CA THR B 307 20.26 12.74 -20.57
C THR B 307 20.71 11.34 -20.32
N ILE B 308 20.38 10.48 -21.28
CA ILE B 308 20.89 9.13 -21.34
C ILE B 308 21.66 9.04 -22.68
N ARG B 309 22.94 8.73 -22.55
CA ARG B 309 23.77 8.54 -23.72
C ARG B 309 24.49 7.20 -23.59
N VAL B 310 24.19 6.22 -24.46
CA VAL B 310 24.92 4.94 -24.50
C VAL B 310 26.21 5.12 -25.26
N VAL B 311 27.33 4.75 -24.63
CA VAL B 311 28.62 4.99 -25.26
C VAL B 311 29.12 3.62 -25.74
N ASN B 312 29.26 3.51 -27.05
CA ASN B 312 29.70 2.30 -27.70
C ASN B 312 30.75 2.71 -28.74
N GLU B 313 31.98 2.85 -28.31
CA GLU B 313 33.00 3.46 -29.12
C GLU B 313 34.26 2.62 -29.06
N LYS B 314 35.09 2.79 -30.09
CA LYS B 314 36.35 2.10 -30.14
C LYS B 314 37.22 2.74 -29.09
N ASP B 315 37.89 1.91 -28.32
CA ASP B 315 38.82 2.42 -27.33
C ASP B 315 39.92 1.40 -27.18
N LYS B 316 40.90 1.70 -26.32
CA LYS B 316 42.11 0.89 -26.20
C LYS B 316 41.80 -0.53 -25.82
N ASP B 317 40.58 -0.76 -25.33
CA ASP B 317 40.19 -2.08 -24.87
C ASP B 317 39.34 -2.87 -25.88
N GLY B 318 38.89 -2.18 -26.92
CA GLY B 318 38.04 -2.74 -27.97
C GLY B 318 36.94 -1.78 -28.34
N GLU B 319 35.73 -2.15 -27.92
CA GLU B 319 34.60 -1.25 -28.07
C GLU B 319 33.80 -1.19 -26.79
N SER B 320 33.63 0.03 -26.28
CA SER B 320 33.00 0.18 -24.95
C SER B 320 31.51 -0.14 -25.06
N PHE B 321 30.82 -0.17 -23.93
CA PHE B 321 29.38 -0.40 -23.91
C PHE B 321 28.84 -0.04 -22.54
N TYR B 322 28.56 1.25 -22.34
CA TYR B 322 28.09 1.71 -21.03
C TYR B 322 27.11 2.89 -21.16
N PHE B 323 26.42 3.14 -20.07
CA PHE B 323 25.40 4.18 -20.04
C PHE B 323 25.91 5.42 -19.29
N GLU B 324 25.78 6.57 -19.93
CA GLU B 324 26.12 7.85 -19.32
CA GLU B 324 26.12 7.84 -19.32
C GLU B 324 24.82 8.55 -18.96
N VAL B 325 24.60 8.77 -17.67
CA VAL B 325 23.33 9.30 -17.21
C VAL B 325 23.54 10.65 -16.55
N ASN B 326 22.91 11.71 -17.12
CA ASN B 326 23.20 13.10 -16.76
C ASN B 326 24.72 13.37 -16.74
N GLY B 327 25.40 12.98 -17.82
CA GLY B 327 26.84 13.28 -17.94
C GLY B 327 27.70 12.36 -17.08
N ILE B 328 27.11 11.45 -16.29
CA ILE B 328 27.94 10.62 -15.39
C ILE B 328 27.89 9.18 -15.83
N PRO B 329 29.06 8.51 -15.96
CA PRO B 329 29.04 7.08 -16.29
C PRO B 329 28.39 6.28 -15.17
N MET B 330 27.42 5.45 -15.52
CA MET B 330 26.63 4.74 -14.55
C MET B 330 26.82 3.25 -14.73
N PHE B 331 27.54 2.60 -13.82
CA PHE B 331 27.59 1.16 -13.81
C PHE B 331 26.15 0.57 -13.70
N ALA B 332 25.78 -0.28 -14.65
CA ALA B 332 24.43 -0.88 -14.70
C ALA B 332 24.32 -2.08 -13.80
N LYS B 333 23.23 -2.17 -13.03
CA LYS B 333 23.05 -3.30 -12.14
C LYS B 333 21.60 -3.77 -12.27
N GLY B 334 21.40 -5.00 -12.72
CA GLY B 334 20.05 -5.38 -13.04
C GLY B 334 19.89 -6.80 -13.53
N ALA B 335 18.78 -7.02 -14.26
CA ALA B 335 18.43 -8.33 -14.73
C ALA B 335 17.67 -8.27 -16.05
N ASN B 336 17.63 -9.41 -16.76
CA ASN B 336 16.72 -9.63 -17.88
C ASN B 336 15.34 -10.01 -17.36
N TYR B 337 14.34 -9.25 -17.78
CA TYR B 337 12.94 -9.52 -17.44
C TYR B 337 12.21 -10.30 -18.52
N ILE B 338 11.37 -11.24 -18.10
CA ILE B 338 10.48 -12.00 -18.95
C ILE B 338 9.00 -11.74 -18.58
N PRO B 339 8.06 -12.28 -19.36
CA PRO B 339 6.65 -12.08 -18.89
C PRO B 339 6.38 -12.67 -17.51
N GLN B 340 5.48 -12.03 -16.74
CA GLN B 340 5.21 -12.49 -15.42
C GLN B 340 4.23 -13.67 -15.37
N ASP B 341 3.61 -13.96 -16.52
CA ASP B 341 2.63 -15.06 -16.55
C ASP B 341 2.53 -15.61 -17.92
N ALA B 342 2.14 -16.89 -18.02
CA ALA B 342 1.66 -17.48 -19.26
C ALA B 342 0.42 -16.73 -19.90
N LEU B 343 -0.40 -16.10 -19.05
CA LEU B 343 -1.66 -15.44 -19.45
C LEU B 343 -1.50 -13.98 -19.09
N LEU B 344 -1.14 -13.16 -20.07
CA LEU B 344 -0.75 -11.79 -19.77
C LEU B 344 -1.78 -10.91 -19.07
N PRO B 345 -3.06 -11.02 -19.43
CA PRO B 345 -3.97 -10.15 -18.64
C PRO B 345 -4.16 -10.56 -17.18
N ASN B 346 -3.60 -11.72 -16.77
CA ASN B 346 -3.74 -12.17 -15.37
C ASN B 346 -2.79 -11.39 -14.44
N VAL B 347 -1.77 -10.74 -14.98
CA VAL B 347 -0.87 -9.99 -14.15
C VAL B 347 -1.57 -8.69 -13.69
N THR B 348 -1.81 -8.54 -12.39
CA THR B 348 -2.60 -7.42 -11.83
C THR B 348 -1.69 -6.17 -11.62
N THR B 349 -2.30 -5.01 -11.43
CA THR B 349 -1.51 -3.82 -11.06
C THR B 349 -0.59 -4.15 -9.89
N GLU B 350 -1.12 -4.82 -8.87
CA GLU B 350 -0.37 -5.12 -7.63
C GLU B 350 0.86 -5.98 -7.90
N ARG B 351 0.74 -7.00 -8.72
CA ARG B 351 1.92 -7.79 -9.14
C ARG B 351 3.00 -6.96 -9.81
N TYR B 352 2.57 -6.02 -10.66
CA TYR B 352 3.54 -5.17 -11.34
C TYR B 352 4.21 -4.30 -10.33
N GLN B 353 3.44 -3.79 -9.34
CA GLN B 353 4.03 -2.89 -8.33
C GLN B 353 5.06 -3.64 -7.47
N THR B 354 4.76 -4.87 -7.14
CA THR B 354 5.63 -5.69 -6.32
C THR B 354 6.92 -6.12 -6.98
N LEU B 355 6.84 -6.40 -8.26
CA LEU B 355 8.02 -6.63 -9.10
C LEU B 355 8.96 -5.38 -9.07
N PHE B 356 8.40 -4.20 -9.27
CA PHE B 356 9.26 -3.03 -9.17
C PHE B 356 9.89 -2.82 -7.78
N ARG B 357 9.14 -3.15 -6.73
CA ARG B 357 9.66 -3.08 -5.37
C ARG B 357 10.80 -4.08 -5.22
N ASP B 358 10.59 -5.30 -5.75
CA ASP B 358 11.61 -6.37 -5.76
C ASP B 358 12.90 -5.90 -6.45
N MET B 359 12.77 -5.10 -7.51
CA MET B 359 13.95 -4.60 -8.20
C MET B 359 14.58 -3.47 -7.41
N LYS B 360 13.76 -2.51 -6.96
CA LYS B 360 14.31 -1.36 -6.24
C LYS B 360 15.06 -1.83 -4.97
N GLU B 361 14.47 -2.76 -4.21
CA GLU B 361 15.02 -3.20 -2.94
C GLU B 361 16.31 -4.04 -3.13
N ALA B 362 16.52 -4.55 -4.35
CA ALA B 362 17.74 -5.24 -4.65
C ALA B 362 18.77 -4.32 -5.25
N ASN B 363 18.52 -3.02 -5.12
CA ASN B 363 19.46 -1.97 -5.54
C ASN B 363 19.71 -1.90 -7.05
N MET B 364 18.75 -2.37 -7.83
CA MET B 364 18.95 -2.42 -9.28
C MET B 364 18.69 -1.07 -9.90
N ASN B 365 19.37 -0.75 -11.02
CA ASN B 365 19.16 0.51 -11.73
C ASN B 365 18.80 0.25 -13.18
N MET B 366 18.53 -1.01 -13.53
CA MET B 366 18.24 -1.34 -14.92
C MET B 366 17.57 -2.70 -15.07
N VAL B 367 16.66 -2.73 -16.01
CA VAL B 367 16.01 -3.93 -16.49
C VAL B 367 16.02 -3.96 -18.05
N ARG B 368 16.26 -5.15 -18.59
CA ARG B 368 16.18 -5.38 -20.02
C ARG B 368 14.95 -6.18 -20.26
N ILE B 369 14.06 -5.68 -21.12
CA ILE B 369 12.82 -6.41 -21.48
C ILE B 369 13.22 -7.29 -22.67
N TRP B 370 13.43 -8.56 -22.39
CA TRP B 370 13.96 -9.48 -23.37
C TRP B 370 12.98 -9.78 -24.47
N GLY B 371 13.53 -10.03 -25.65
CA GLY B 371 12.75 -10.06 -26.88
C GLY B 371 11.89 -11.26 -27.20
N GLY B 372 11.76 -12.23 -26.29
CA GLY B 372 10.81 -13.34 -26.45
C GLY B 372 9.49 -13.07 -25.71
N GLY B 373 9.37 -11.89 -25.08
CA GLY B 373 8.16 -11.57 -24.33
C GLY B 373 7.18 -10.68 -25.11
N THR B 374 6.85 -9.53 -24.50
CA THR B 374 6.04 -8.45 -25.13
C THR B 374 6.65 -7.07 -24.96
N TYR B 375 6.28 -6.13 -25.84
CA TYR B 375 6.53 -4.72 -25.47
C TYR B 375 5.63 -4.50 -24.26
N GLU B 376 6.21 -4.14 -23.10
CA GLU B 376 5.43 -4.16 -21.87
C GLU B 376 4.37 -3.07 -21.84
N ASN B 377 3.46 -3.23 -20.92
CA ASN B 377 2.33 -2.35 -20.88
C ASN B 377 2.72 -0.98 -20.34
N ASN B 378 1.86 0.01 -20.51
CA ASN B 378 2.19 1.33 -20.03
C ASN B 378 2.55 1.37 -18.53
N LEU B 379 1.80 0.64 -17.69
CA LEU B 379 2.06 0.62 -16.26
C LEU B 379 3.53 0.26 -15.93
N PHE B 380 4.05 -0.75 -16.61
CA PHE B 380 5.40 -1.25 -16.36
C PHE B 380 6.38 -0.11 -16.53
N TYR B 381 6.26 0.65 -17.60
CA TYR B 381 7.15 1.79 -17.85
CA TYR B 381 7.18 1.77 -17.81
C TYR B 381 6.82 2.91 -16.89
N ASP B 382 5.55 3.04 -16.49
CA ASP B 382 5.27 4.10 -15.53
C ASP B 382 6.05 3.82 -14.19
N LEU B 383 6.02 2.54 -13.79
CA LEU B 383 6.72 2.11 -12.57
C LEU B 383 8.22 2.27 -12.63
N ALA B 384 8.82 2.01 -13.78
CA ALA B 384 10.28 2.16 -13.95
C ALA B 384 10.64 3.65 -13.92
N ASP B 385 9.73 4.48 -14.49
CA ASP B 385 9.87 5.97 -14.42
C ASP B 385 9.96 6.42 -12.94
N GLU B 386 8.98 6.00 -12.13
CA GLU B 386 8.94 6.48 -10.75
C GLU B 386 9.84 5.68 -9.81
N ASN B 387 10.48 4.61 -10.32
CA ASN B 387 11.45 3.92 -9.50
C ASN B 387 12.88 4.09 -9.93
N GLY B 388 13.16 4.94 -10.91
CA GLY B 388 14.56 5.17 -11.36
C GLY B 388 15.21 3.97 -12.06
N ILE B 389 14.43 3.15 -12.74
CA ILE B 389 15.02 1.94 -13.28
C ILE B 389 15.12 2.19 -14.78
N LEU B 390 16.34 2.21 -15.32
CA LEU B 390 16.50 2.35 -16.78
C LEU B 390 15.91 1.10 -17.50
N VAL B 391 15.26 1.33 -18.65
CA VAL B 391 14.74 0.22 -19.45
C VAL B 391 15.49 0.06 -20.79
N TRP B 392 16.00 -1.16 -21.02
CA TRP B 392 16.60 -1.57 -22.29
C TRP B 392 15.47 -2.39 -22.96
N GLN B 393 14.96 -1.90 -24.09
CA GLN B 393 13.83 -2.57 -24.74
C GLN B 393 14.31 -3.33 -25.99
N ASP B 394 14.23 -4.66 -25.97
CA ASP B 394 14.47 -5.44 -27.18
C ASP B 394 13.23 -5.25 -28.03
N PHE B 395 13.39 -5.32 -29.36
CA PHE B 395 12.21 -5.68 -30.19
C PHE B 395 11.91 -7.19 -30.02
N MET B 396 10.73 -7.65 -30.41
CA MET B 396 10.28 -8.92 -29.95
C MET B 396 10.73 -10.00 -30.95
N PHE B 397 12.05 -10.22 -31.02
CA PHE B 397 12.63 -11.27 -31.79
C PHE B 397 13.73 -11.94 -30.99
N ALA B 398 13.75 -13.28 -30.92
CA ALA B 398 14.71 -14.00 -30.07
C ALA B 398 15.02 -15.40 -30.52
N CYS B 399 16.32 -15.69 -30.57
CA CYS B 399 16.86 -17.04 -30.64
C CYS B 399 16.64 -17.81 -31.96
N THR B 400 16.07 -17.14 -32.96
CA THR B 400 15.95 -17.74 -34.28
C THR B 400 16.00 -16.68 -35.36
N PRO B 401 16.55 -17.02 -36.52
CA PRO B 401 16.32 -16.11 -37.65
C PRO B 401 14.84 -16.03 -37.95
N TYR B 402 14.41 -14.92 -38.55
CA TYR B 402 12.98 -14.74 -38.84
C TYR B 402 12.81 -14.60 -40.37
N PRO B 403 11.55 -14.62 -40.87
CA PRO B 403 11.24 -14.17 -42.24
C PRO B 403 11.64 -12.73 -42.52
N SER B 404 11.76 -12.40 -43.80
CA SER B 404 12.06 -11.05 -44.17
C SER B 404 11.38 -10.63 -45.47
N ASP B 405 10.27 -11.29 -45.79
CA ASP B 405 9.54 -10.97 -47.00
C ASP B 405 8.80 -9.64 -46.82
N PRO B 406 8.35 -9.01 -47.93
CA PRO B 406 7.70 -7.71 -47.78
C PRO B 406 6.54 -7.61 -46.81
N THR B 407 5.64 -8.59 -46.84
CA THR B 407 4.45 -8.54 -45.98
C THR B 407 4.80 -8.59 -44.51
N PHE B 408 5.64 -9.55 -44.13
CA PHE B 408 6.15 -9.66 -42.76
C PHE B 408 6.87 -8.36 -42.26
N LEU B 409 7.77 -7.84 -43.10
CA LEU B 409 8.46 -6.58 -42.82
C LEU B 409 7.49 -5.43 -42.55
N LYS B 410 6.43 -5.38 -43.35
CA LYS B 410 5.37 -4.39 -43.18
C LYS B 410 4.65 -4.50 -41.80
N ARG B 411 4.36 -5.74 -41.37
CA ARG B 411 3.77 -5.97 -40.05
C ARG B 411 4.77 -5.50 -38.99
N VAL B 412 6.05 -5.82 -39.21
CA VAL B 412 7.06 -5.44 -38.21
C VAL B 412 7.18 -3.93 -38.11
N GLU B 413 7.13 -3.26 -39.26
CA GLU B 413 7.17 -1.81 -39.28
C GLU B 413 6.06 -1.21 -38.45
N ALA B 414 4.85 -1.72 -38.64
CA ALA B 414 3.70 -1.20 -37.91
C ALA B 414 3.86 -1.32 -36.40
N GLU B 415 4.37 -2.46 -35.94
CA GLU B 415 4.58 -2.64 -34.50
C GLU B 415 5.71 -1.74 -33.97
N ALA B 416 6.73 -1.49 -34.82
CA ALA B 416 7.87 -0.69 -34.43
C ALA B 416 7.49 0.75 -34.22
N VAL B 417 6.79 1.31 -35.19
CA VAL B 417 6.30 2.64 -35.08
C VAL B 417 5.34 2.79 -33.90
N TYR B 418 4.43 1.84 -33.75
CA TYR B 418 3.39 1.94 -32.73
C TYR B 418 4.04 1.89 -31.35
N ASN B 419 4.96 0.94 -31.13
CA ASN B 419 5.57 0.87 -29.81
C ASN B 419 6.55 2.00 -29.51
N ILE B 420 7.30 2.46 -30.50
CA ILE B 420 8.26 3.57 -30.27
C ILE B 420 7.52 4.81 -29.88
N ARG B 421 6.44 5.14 -30.61
CA ARG B 421 5.61 6.27 -30.22
C ARG B 421 4.89 6.07 -28.87
N ARG B 422 4.54 4.82 -28.58
CA ARG B 422 3.90 4.56 -27.30
C ARG B 422 4.90 4.79 -26.15
N LEU B 423 6.17 4.40 -26.37
CA LEU B 423 7.15 4.38 -25.25
C LEU B 423 8.10 5.59 -25.15
N ARG B 424 8.20 6.37 -26.23
CA ARG B 424 9.31 7.38 -26.36
C ARG B 424 9.28 8.55 -25.37
N ASN B 425 8.21 8.71 -24.59
CA ASN B 425 8.11 9.76 -23.60
C ASN B 425 8.55 9.37 -22.15
N HIS B 426 8.86 8.07 -21.93
CA HIS B 426 9.27 7.56 -20.62
C HIS B 426 10.73 7.86 -20.36
N ALA B 427 10.98 8.51 -19.23
CA ALA B 427 12.33 8.81 -18.68
C ALA B 427 13.15 7.56 -18.54
N SER B 428 12.46 6.46 -18.25
CA SER B 428 13.13 5.22 -17.98
C SER B 428 13.65 4.58 -19.28
N LEU B 429 12.98 4.81 -20.40
CA LEU B 429 13.43 4.16 -21.64
C LEU B 429 14.82 4.60 -22.04
N ALA B 430 15.74 3.63 -22.17
CA ALA B 430 17.18 3.91 -22.31
C ALA B 430 17.77 3.57 -23.70
N MET B 431 17.34 2.47 -24.32
CA MET B 431 17.84 2.06 -25.65
C MET B 431 16.89 0.99 -26.23
N TRP B 432 17.09 0.67 -27.50
CA TRP B 432 16.32 -0.30 -28.20
C TRP B 432 17.35 -1.26 -28.72
N CYS B 433 16.96 -2.52 -28.82
CA CYS B 433 17.85 -3.51 -29.31
C CYS B 433 17.14 -4.46 -30.27
N GLY B 434 17.68 -4.65 -31.47
CA GLY B 434 16.96 -5.37 -32.53
C GLY B 434 16.41 -6.73 -32.14
N ASN B 435 17.22 -7.54 -31.44
CA ASN B 435 16.84 -8.88 -31.10
C ASN B 435 17.71 -9.45 -30.00
N ASN B 436 17.30 -10.60 -29.51
CA ASN B 436 18.13 -11.39 -28.62
C ASN B 436 18.85 -12.53 -29.35
N GLU B 437 20.18 -12.47 -29.38
CA GLU B 437 21.06 -13.60 -29.78
C GLU B 437 20.96 -14.06 -31.20
N ILE B 438 20.23 -13.34 -32.03
CA ILE B 438 19.96 -13.85 -33.39
C ILE B 438 21.25 -13.97 -34.24
N LEU B 439 22.12 -12.95 -34.20
CA LEU B 439 23.38 -12.99 -35.00
C LEU B 439 24.31 -14.07 -34.46
N GLU B 440 24.39 -14.13 -33.14
CA GLU B 440 25.07 -15.24 -32.47
C GLU B 440 24.54 -16.61 -32.97
N ALA B 441 23.22 -16.76 -33.02
CA ALA B 441 22.64 -18.03 -33.47
C ALA B 441 23.07 -18.34 -34.92
N LEU B 442 23.11 -17.30 -35.75
CA LEU B 442 23.39 -17.45 -37.16
C LEU B 442 24.85 -17.80 -37.37
N LYS B 443 25.71 -17.19 -36.56
CA LYS B 443 27.15 -17.40 -36.72
C LYS B 443 27.63 -18.69 -36.06
N TYR B 444 27.01 -19.10 -34.94
CA TYR B 444 27.64 -20.08 -34.04
C TYR B 444 26.85 -21.27 -33.59
N TRP B 445 25.56 -21.32 -33.89
CA TRP B 445 24.81 -22.44 -33.32
C TRP B 445 24.68 -23.57 -34.29
N GLY B 446 25.48 -23.51 -35.37
CA GLY B 446 25.55 -24.58 -36.36
C GLY B 446 24.29 -24.74 -37.19
N PHE B 447 23.70 -23.62 -37.59
CA PHE B 447 22.54 -23.65 -38.51
C PHE B 447 22.91 -23.95 -39.94
N GLU B 448 24.11 -23.53 -40.35
CA GLU B 448 24.56 -23.76 -41.73
C GLU B 448 24.52 -25.26 -42.11
N LYS B 449 24.62 -26.14 -41.12
CA LYS B 449 24.58 -27.58 -41.40
C LYS B 449 23.13 -28.06 -41.49
N LYS B 450 22.16 -27.20 -41.18
CA LYS B 450 20.76 -27.65 -41.14
C LYS B 450 20.00 -27.29 -42.40
N PHE B 451 20.54 -26.38 -43.20
CA PHE B 451 19.86 -25.85 -44.36
C PHE B 451 20.82 -25.82 -45.58
N THR B 452 20.28 -25.74 -46.79
CA THR B 452 21.08 -25.60 -48.00
C THR B 452 21.76 -24.22 -48.01
N PRO B 453 22.92 -24.10 -48.70
CA PRO B 453 23.61 -22.81 -48.70
C PRO B 453 22.74 -21.64 -49.19
N GLU B 454 21.77 -21.94 -50.06
CA GLU B 454 20.90 -20.90 -50.64
C GLU B 454 19.95 -20.35 -49.59
N VAL B 455 19.33 -21.25 -48.84
CA VAL B 455 18.45 -20.91 -47.74
C VAL B 455 19.23 -20.17 -46.66
N TYR B 456 20.36 -20.73 -46.25
CA TYR B 456 21.23 -20.08 -45.28
C TYR B 456 21.55 -18.63 -45.72
N GLN B 457 22.00 -18.42 -46.95
CA GLN B 457 22.26 -17.06 -47.44
C GLN B 457 21.01 -16.17 -47.47
N GLY B 458 19.87 -16.76 -47.82
CA GLY B 458 18.60 -16.05 -47.74
C GLY B 458 18.34 -15.56 -46.30
N LEU B 459 18.61 -16.44 -45.33
CA LEU B 459 18.50 -16.08 -43.92
C LEU B 459 19.50 -14.98 -43.52
N MET B 460 20.70 -15.03 -44.06
CA MET B 460 21.72 -13.97 -43.79
C MET B 460 21.32 -12.61 -44.32
N HIS B 461 20.85 -12.52 -45.57
CA HIS B 461 20.44 -11.21 -46.11
C HIS B 461 19.10 -10.75 -45.43
N GLY B 462 18.28 -11.73 -45.04
CA GLY B 462 17.06 -11.38 -44.30
C GLY B 462 17.35 -10.69 -42.97
N TYR B 463 18.48 -11.06 -42.35
CA TYR B 463 18.87 -10.59 -41.06
C TYR B 463 19.07 -9.10 -41.19
N ASP B 464 19.84 -8.72 -42.21
CA ASP B 464 20.20 -7.35 -42.44
C ASP B 464 19.00 -6.52 -42.80
N LYS B 465 18.09 -7.07 -43.61
CA LYS B 465 16.92 -6.29 -44.03
C LYS B 465 16.10 -5.88 -42.81
N LEU B 466 15.94 -6.79 -41.84
CA LEU B 466 15.16 -6.47 -40.61
C LEU B 466 15.96 -5.67 -39.55
N PHE B 467 17.08 -6.24 -39.08
CA PHE B 467 17.79 -5.70 -37.94
C PHE B 467 18.81 -4.61 -38.28
N ARG B 468 19.38 -4.63 -39.49
CA ARG B 468 20.31 -3.60 -39.95
C ARG B 468 19.69 -2.52 -40.86
N GLU B 469 18.42 -2.66 -41.26
CA GLU B 469 17.80 -1.60 -42.10
C GLU B 469 16.48 -1.06 -41.53
N LEU B 470 15.45 -1.91 -41.54
CA LEU B 470 14.08 -1.53 -41.07
C LEU B 470 14.00 -0.98 -39.62
N LEU B 471 14.39 -1.80 -38.66
CA LEU B 471 14.42 -1.38 -37.24
C LEU B 471 15.24 -0.09 -36.94
N PRO B 472 16.54 -0.06 -37.35
CA PRO B 472 17.29 1.19 -37.12
C PRO B 472 16.78 2.43 -37.80
N SER B 473 16.23 2.31 -39.01
CA SER B 473 15.64 3.46 -39.67
CA SER B 473 15.66 3.48 -39.66
C SER B 473 14.40 3.90 -38.89
N THR B 474 13.65 2.95 -38.40
CA THR B 474 12.49 3.36 -37.65
C THR B 474 12.91 4.07 -36.34
N VAL B 475 13.89 3.51 -35.62
CA VAL B 475 14.44 4.19 -34.43
C VAL B 475 14.96 5.62 -34.77
N LYS B 476 15.67 5.73 -35.88
CA LYS B 476 16.24 7.01 -36.35
C LYS B 476 15.14 8.04 -36.62
N GLU B 477 14.04 7.60 -37.24
CA GLU B 477 12.96 8.52 -37.52
C GLU B 477 12.09 8.91 -36.30
N PHE B 478 11.83 7.96 -35.42
CA PHE B 478 10.80 8.20 -34.39
C PHE B 478 11.33 8.37 -32.95
N ASP B 479 12.60 8.06 -32.75
CA ASP B 479 13.23 8.11 -31.42
C ASP B 479 14.71 8.46 -31.61
N SER B 480 14.95 9.56 -32.34
CA SER B 480 16.27 9.91 -32.88
C SER B 480 17.39 10.13 -31.85
N ASP B 481 17.06 10.33 -30.57
CA ASP B 481 18.13 10.50 -29.57
C ASP B 481 18.37 9.30 -28.70
N ARG B 482 17.73 8.19 -29.04
CA ARG B 482 17.94 6.97 -28.29
C ARG B 482 18.78 6.01 -29.04
N PHE B 483 19.66 5.33 -28.32
CA PHE B 483 20.53 4.32 -28.90
C PHE B 483 19.73 3.11 -29.43
N TYR B 484 20.26 2.56 -30.52
CA TYR B 484 19.84 1.29 -31.11
C TYR B 484 21.04 0.46 -31.42
N VAL B 485 20.93 -0.83 -31.14
CA VAL B 485 21.91 -1.84 -31.54
C VAL B 485 21.15 -3.04 -32.15
N HIS B 486 21.72 -3.64 -33.18
CA HIS B 486 20.96 -4.64 -33.97
C HIS B 486 20.72 -5.96 -33.24
N SER B 487 21.55 -6.25 -32.24
CA SER B 487 21.48 -7.52 -31.54
C SER B 487 22.18 -7.47 -30.18
N SER B 488 21.77 -8.35 -29.27
CA SER B 488 22.56 -8.55 -28.08
C SER B 488 22.82 -10.04 -27.96
N PRO B 489 24.10 -10.44 -27.81
CA PRO B 489 25.31 -9.60 -27.83
C PRO B 489 25.66 -9.31 -29.30
N TYR B 490 26.26 -8.16 -29.57
CA TYR B 490 26.38 -7.74 -30.95
C TYR B 490 27.58 -8.36 -31.69
N LEU B 491 28.62 -8.73 -30.95
CA LEU B 491 29.78 -9.39 -31.55
C LEU B 491 30.42 -10.44 -30.62
N ALA B 492 30.65 -10.08 -29.35
CA ALA B 492 31.26 -10.99 -28.41
C ALA B 492 30.52 -12.32 -28.33
N ASN B 493 31.29 -13.40 -28.26
CA ASN B 493 30.80 -14.76 -28.11
C ASN B 493 31.61 -15.43 -27.00
N TRP B 494 30.96 -16.23 -26.17
CA TRP B 494 31.57 -16.67 -24.93
C TRP B 494 32.74 -17.65 -25.08
N GLY B 495 32.82 -18.33 -26.22
CA GLY B 495 33.93 -19.26 -26.45
C GLY B 495 35.03 -18.59 -27.26
N ARG B 496 34.92 -17.28 -27.51
CA ARG B 496 35.95 -16.59 -28.30
C ARG B 496 36.62 -15.44 -27.56
N PRO B 497 37.70 -15.76 -26.80
CA PRO B 497 38.39 -14.80 -25.94
C PRO B 497 38.72 -13.48 -26.61
N GLU B 498 39.11 -13.54 -27.89
CA GLU B 498 39.48 -12.40 -28.70
C GLU B 498 38.32 -11.41 -28.92
N SER B 499 37.11 -11.85 -28.58
CA SER B 499 35.95 -11.01 -28.80
C SER B 499 35.39 -10.38 -27.52
N TRP B 500 35.92 -10.75 -26.36
CA TRP B 500 35.30 -10.28 -25.10
C TRP B 500 35.41 -8.76 -24.94
N GLY B 501 36.44 -8.15 -25.53
CA GLY B 501 36.64 -6.71 -25.37
C GLY B 501 35.75 -5.84 -26.22
N THR B 502 34.82 -6.44 -26.95
CA THR B 502 34.03 -5.70 -27.96
C THR B 502 32.52 -5.72 -27.65
N GLY B 503 32.06 -4.57 -27.15
CA GLY B 503 30.69 -4.39 -26.65
C GLY B 503 30.26 -5.38 -25.58
N ASP B 504 28.98 -5.77 -25.62
CA ASP B 504 28.36 -6.58 -24.58
C ASP B 504 28.53 -8.08 -24.71
N SER B 505 28.48 -8.81 -23.60
CA SER B 505 28.58 -10.27 -23.66
C SER B 505 27.40 -10.95 -23.07
N HIS B 506 27.13 -12.12 -23.61
CA HIS B 506 26.29 -13.10 -22.98
C HIS B 506 27.25 -14.19 -22.60
N ASN B 507 27.76 -14.18 -21.35
CA ASN B 507 28.67 -15.21 -20.88
C ASN B 507 28.02 -16.49 -20.45
N TRP B 508 27.64 -17.28 -21.44
CA TRP B 508 27.08 -18.58 -21.18
C TRP B 508 28.22 -19.60 -21.04
N GLY B 509 29.45 -19.13 -20.90
CA GLY B 509 30.56 -20.01 -20.45
C GLY B 509 30.18 -20.71 -19.18
N VAL B 510 29.73 -19.93 -18.22
CA VAL B 510 29.09 -20.49 -17.01
C VAL B 510 27.68 -20.95 -17.39
N TRP B 511 27.36 -22.12 -16.89
CA TRP B 511 26.15 -22.84 -17.21
C TRP B 511 26.42 -23.63 -18.52
N TYR B 512 26.32 -23.00 -19.70
CA TYR B 512 26.34 -23.83 -20.92
C TYR B 512 27.70 -24.45 -21.16
N GLY B 513 28.76 -23.67 -21.03
CA GLY B 513 30.10 -24.19 -21.18
C GLY B 513 30.67 -24.88 -19.96
N LYS B 514 29.82 -25.34 -19.03
CA LYS B 514 30.27 -25.91 -17.74
C LYS B 514 31.45 -25.20 -17.01
N LYS B 515 31.84 -23.99 -17.41
CA LYS B 515 32.93 -23.33 -16.68
C LYS B 515 32.56 -23.10 -15.18
N PRO B 516 33.57 -23.13 -14.27
CA PRO B 516 33.35 -22.79 -12.84
C PRO B 516 33.08 -21.31 -12.64
N PHE B 517 32.38 -20.99 -11.57
CA PHE B 517 32.08 -19.61 -11.24
C PHE B 517 33.33 -18.73 -11.14
N GLU B 518 34.45 -19.32 -10.71
CA GLU B 518 35.71 -18.57 -10.62
C GLU B 518 36.17 -18.03 -11.96
N SER B 519 35.69 -18.61 -13.08
CA SER B 519 36.01 -18.09 -14.43
C SER B 519 35.55 -16.68 -14.67
N LEU B 520 34.47 -16.27 -13.97
CA LEU B 520 33.93 -14.90 -14.01
C LEU B 520 34.87 -13.83 -13.50
N ASP B 521 35.84 -14.24 -12.71
CA ASP B 521 36.93 -13.35 -12.26
C ASP B 521 37.96 -13.11 -13.37
N THR B 522 38.15 -14.10 -14.24
CA THR B 522 39.12 -13.92 -15.33
C THR B 522 38.54 -13.52 -16.70
N ASP B 523 37.32 -13.99 -17.01
CA ASP B 523 36.69 -13.82 -18.34
C ASP B 523 35.70 -12.66 -18.26
N LEU B 524 36.20 -11.44 -18.45
CA LEU B 524 35.48 -10.21 -18.19
C LEU B 524 34.95 -9.62 -19.48
N PRO B 525 33.72 -9.06 -19.47
CA PRO B 525 33.12 -8.40 -20.62
C PRO B 525 33.24 -6.90 -20.49
N ARG B 526 33.00 -6.19 -21.56
CA ARG B 526 32.82 -4.75 -21.44
C ARG B 526 31.54 -4.38 -20.78
N PHE B 527 30.55 -5.27 -20.84
CA PHE B 527 29.24 -5.10 -20.23
C PHE B 527 28.61 -6.48 -20.24
N MET B 528 28.11 -6.94 -19.11
CA MET B 528 27.44 -8.25 -19.09
C MET B 528 25.90 -8.11 -19.22
N SER B 529 25.41 -8.33 -20.43
CA SER B 529 24.00 -8.24 -20.75
C SER B 529 23.28 -9.55 -20.46
N GLN B 530 24.03 -10.64 -20.32
CA GLN B 530 23.45 -11.87 -19.82
C GLN B 530 24.45 -12.80 -19.21
N PHE B 531 24.07 -13.43 -18.10
CA PHE B 531 24.76 -14.60 -17.59
C PHE B 531 23.82 -15.18 -16.52
N GLY B 532 23.96 -16.47 -16.20
CA GLY B 532 22.99 -17.07 -15.28
C GLY B 532 23.19 -18.51 -14.87
N PHE B 533 22.25 -18.98 -14.04
CA PHE B 533 22.33 -20.33 -13.48
C PHE B 533 20.96 -20.75 -12.98
N GLN B 534 20.61 -22.01 -13.19
CA GLN B 534 19.28 -22.50 -12.85
C GLN B 534 19.11 -22.90 -11.40
N SER B 535 17.86 -22.86 -10.91
CA SER B 535 17.54 -23.46 -9.60
C SER B 535 16.14 -23.95 -9.51
N PHE B 536 15.98 -25.09 -8.83
CA PHE B 536 14.66 -25.53 -8.45
C PHE B 536 14.15 -24.45 -7.50
N PRO B 537 12.89 -24.05 -7.66
CA PRO B 537 12.37 -23.10 -6.69
C PRO B 537 12.13 -23.84 -5.35
N GLU B 538 11.97 -23.08 -4.26
CA GLU B 538 11.79 -23.65 -2.89
C GLU B 538 10.56 -24.54 -2.84
N MET B 539 10.41 -25.37 -1.79
CA MET B 539 9.39 -26.42 -1.73
C MET B 539 7.95 -25.97 -1.78
N LYS B 540 7.61 -24.81 -1.20
CA LYS B 540 6.18 -24.41 -1.29
C LYS B 540 5.74 -24.21 -2.76
N THR B 541 6.67 -23.73 -3.59
CA THR B 541 6.43 -23.62 -5.06
C THR B 541 6.35 -25.01 -5.75
N ILE B 542 7.19 -25.96 -5.36
CA ILE B 542 7.17 -27.28 -5.99
C ILE B 542 5.87 -27.91 -5.62
N ALA B 543 5.43 -27.67 -4.39
CA ALA B 543 4.18 -28.24 -3.91
C ALA B 543 2.94 -27.66 -4.65
N ALA B 544 3.10 -26.54 -5.37
CA ALA B 544 1.98 -25.97 -6.14
C ALA B 544 1.76 -26.75 -7.45
N PHE B 545 2.79 -27.44 -7.92
CA PHE B 545 2.61 -28.16 -9.12
C PHE B 545 2.77 -29.69 -8.96
N ALA B 546 3.27 -30.16 -7.83
CA ALA B 546 3.63 -31.57 -7.68
C ALA B 546 3.08 -32.10 -6.37
N ALA B 547 2.54 -33.32 -6.38
CA ALA B 547 2.20 -34.04 -5.14
C ALA B 547 3.46 -34.70 -4.51
N PRO B 548 3.46 -34.92 -3.16
CA PRO B 548 4.66 -35.40 -2.46
C PRO B 548 5.29 -36.71 -2.99
N GLU B 549 4.47 -37.69 -3.43
CA GLU B 549 4.99 -38.93 -4.04
C GLU B 549 5.84 -38.68 -5.27
N ASP B 550 5.81 -37.43 -5.78
CA ASP B 550 6.55 -37.05 -6.98
C ASP B 550 7.73 -36.17 -6.67
N TYR B 551 8.04 -36.03 -5.38
CA TYR B 551 9.22 -35.27 -5.00
C TYR B 551 10.52 -36.01 -5.31
N GLN B 552 10.78 -36.25 -6.58
CA GLN B 552 12.10 -36.70 -7.00
C GLN B 552 12.65 -35.79 -8.10
N ILE B 553 13.97 -35.62 -8.17
CA ILE B 553 14.52 -34.77 -9.23
C ILE B 553 14.02 -35.16 -10.62
N GLU B 554 13.79 -36.48 -10.83
CA GLU B 554 13.56 -36.94 -12.17
C GLU B 554 12.22 -37.59 -12.32
N SER B 555 11.25 -37.26 -11.47
CA SER B 555 9.95 -37.83 -11.61
C SER B 555 9.31 -37.23 -12.89
N GLU B 556 8.29 -37.87 -13.45
CA GLU B 556 7.63 -37.36 -14.65
C GLU B 556 7.08 -35.92 -14.50
N VAL B 557 6.42 -35.62 -13.38
CA VAL B 557 5.89 -34.28 -13.09
C VAL B 557 7.02 -33.27 -12.98
N MET B 558 8.07 -33.63 -12.26
CA MET B 558 9.25 -32.78 -12.20
C MET B 558 9.87 -32.54 -13.58
N ASN B 559 9.88 -33.54 -14.45
CA ASN B 559 10.45 -33.34 -15.77
C ASN B 559 9.49 -32.36 -16.53
N ALA B 560 8.20 -32.52 -16.33
CA ALA B 560 7.21 -31.61 -16.94
C ALA B 560 7.49 -30.14 -16.55
N HIS B 561 8.36 -29.92 -15.54
CA HIS B 561 8.62 -28.56 -15.01
C HIS B 561 10.10 -28.18 -15.06
N GLN B 562 10.84 -28.89 -15.91
CA GLN B 562 12.23 -28.62 -16.14
C GLN B 562 12.37 -28.65 -17.69
N LYS B 563 12.47 -27.47 -18.33
CA LYS B 563 12.45 -27.40 -19.81
C LYS B 563 13.84 -27.34 -20.37
N SER B 564 14.85 -27.50 -19.51
CA SER B 564 16.26 -27.52 -19.89
C SER B 564 16.66 -29.01 -19.73
N SER B 565 16.96 -29.69 -20.85
CA SER B 565 17.03 -31.15 -20.85
C SER B 565 18.37 -31.53 -20.21
N ILE B 566 19.28 -30.56 -20.15
CA ILE B 566 20.57 -30.77 -19.50
C ILE B 566 20.64 -30.11 -18.11
N GLY B 567 19.59 -29.40 -17.73
CA GLY B 567 19.57 -28.67 -16.46
C GLY B 567 19.94 -29.44 -15.18
N ASN B 568 19.30 -30.58 -14.94
CA ASN B 568 19.51 -31.29 -13.68
C ASN B 568 20.95 -31.79 -13.51
N SER B 569 21.56 -32.26 -14.58
CA SER B 569 22.93 -32.71 -14.51
C SER B 569 23.90 -31.53 -14.38
N LEU B 570 23.61 -30.38 -14.99
CA LEU B 570 24.45 -29.21 -14.75
C LEU B 570 24.38 -28.73 -13.31
N ILE B 571 23.18 -28.75 -12.73
CA ILE B 571 22.99 -28.34 -11.34
C ILE B 571 23.83 -29.25 -10.43
N ARG B 572 23.69 -30.56 -10.60
CA ARG B 572 24.45 -31.56 -9.84
C ARG B 572 25.95 -31.48 -10.03
N THR B 573 26.39 -31.31 -11.28
CA THR B 573 27.82 -31.11 -11.60
C THR B 573 28.40 -29.97 -10.81
N TYR B 574 27.84 -28.77 -11.00
CA TYR B 574 28.24 -27.54 -10.29
C TYR B 574 28.16 -27.60 -8.75
N MET B 575 27.11 -28.25 -8.24
CA MET B 575 26.86 -28.46 -6.81
C MET B 575 28.02 -29.25 -6.15
N GLU B 576 28.41 -30.36 -6.76
CA GLU B 576 29.55 -31.19 -6.26
C GLU B 576 30.84 -30.39 -6.12
N ARG B 577 31.02 -29.37 -6.97
CA ARG B 577 32.27 -28.63 -6.95
C ARG B 577 32.40 -27.78 -5.69
N ASP B 578 31.28 -27.47 -5.06
CA ASP B 578 31.32 -26.60 -3.92
C ASP B 578 30.63 -27.13 -2.68
N TYR B 579 29.82 -28.17 -2.81
CA TYR B 579 28.93 -28.59 -1.72
C TYR B 579 28.92 -30.08 -1.76
N ILE B 580 28.40 -30.68 -0.68
CA ILE B 580 28.19 -32.10 -0.62
C ILE B 580 26.77 -32.31 -1.06
N ILE B 581 26.57 -33.07 -2.13
CA ILE B 581 25.24 -33.23 -2.71
C ILE B 581 24.42 -34.04 -1.74
N PRO B 582 23.30 -33.45 -1.27
CA PRO B 582 22.44 -34.07 -0.28
C PRO B 582 21.69 -35.26 -0.82
N GLU B 583 21.33 -36.19 0.07
CA GLU B 583 20.52 -37.33 -0.31
C GLU B 583 19.05 -36.98 -0.55
N SER B 584 18.47 -36.13 0.29
CA SER B 584 17.02 -35.88 0.16
C SER B 584 16.66 -34.81 -0.91
N PHE B 585 15.50 -34.97 -1.51
CA PHE B 585 15.02 -34.01 -2.53
C PHE B 585 15.00 -32.61 -1.89
N GLU B 586 14.34 -32.48 -0.73
CA GLU B 586 14.20 -31.17 -0.04
C GLU B 586 15.51 -30.51 0.27
N ASP B 587 16.49 -31.29 0.75
CA ASP B 587 17.81 -30.74 1.03
C ASP B 587 18.49 -30.29 -0.23
N PHE B 588 18.27 -31.07 -1.29
CA PHE B 588 18.89 -30.78 -2.59
C PHE B 588 18.39 -29.41 -3.11
N VAL B 589 17.11 -29.18 -2.89
CA VAL B 589 16.44 -27.99 -3.39
C VAL B 589 17.02 -26.82 -2.64
N TYR B 590 17.13 -26.97 -1.31
CA TYR B 590 17.72 -25.93 -0.49
C TYR B 590 19.18 -25.60 -0.90
N VAL B 591 20.00 -26.65 -1.04
CA VAL B 591 21.40 -26.43 -1.44
C VAL B 591 21.44 -25.86 -2.86
N GLY B 592 20.51 -26.27 -3.71
CA GLY B 592 20.53 -25.69 -5.07
C GLY B 592 20.31 -24.19 -5.04
N LEU B 593 19.47 -23.71 -4.10
CA LEU B 593 19.17 -22.28 -4.06
C LEU B 593 20.43 -21.58 -3.56
N VAL B 594 21.06 -22.15 -2.55
CA VAL B 594 22.28 -21.55 -2.01
C VAL B 594 23.32 -21.46 -3.08
N LEU B 595 23.51 -22.59 -3.79
CA LEU B 595 24.47 -22.67 -4.92
C LEU B 595 24.23 -21.61 -5.97
N GLN B 596 23.00 -21.52 -6.47
CA GLN B 596 22.68 -20.48 -7.51
C GLN B 596 23.02 -19.07 -6.98
N GLY B 597 22.59 -18.77 -5.74
CA GLY B 597 22.93 -17.48 -5.09
C GLY B 597 24.42 -17.17 -4.96
N GLN B 598 25.21 -18.09 -4.43
CA GLN B 598 26.61 -17.80 -4.15
C GLN B 598 27.39 -17.71 -5.43
N GLY B 599 27.11 -18.62 -6.38
CA GLY B 599 27.88 -18.64 -7.64
C GLY B 599 27.63 -17.40 -8.45
N MET B 600 26.36 -17.12 -8.70
CA MET B 600 26.00 -15.88 -9.38
C MET B 600 26.50 -14.63 -8.71
N ARG B 601 26.38 -14.50 -7.37
CA ARG B 601 26.81 -13.24 -6.79
C ARG B 601 28.34 -13.04 -6.92
N HIS B 602 29.07 -14.14 -6.90
CA HIS B 602 30.53 -14.11 -7.23
C HIS B 602 30.73 -13.40 -8.58
N GLY B 603 29.92 -13.77 -9.55
CA GLY B 603 29.92 -13.10 -10.85
C GLY B 603 29.64 -11.60 -10.77
N LEU B 604 28.53 -11.24 -10.10
CA LEU B 604 28.12 -9.82 -9.98
C LEU B 604 29.23 -8.99 -9.37
N GLU B 605 29.97 -9.57 -8.41
CA GLU B 605 31.09 -8.85 -7.73
C GLU B 605 32.27 -8.61 -8.66
N ALA B 606 32.70 -9.67 -9.36
CA ALA B 606 33.68 -9.54 -10.43
C ALA B 606 33.37 -8.41 -11.41
N HIS B 607 32.10 -8.29 -11.80
CA HIS B 607 31.72 -7.27 -12.78
C HIS B 607 31.83 -5.90 -12.21
N ARG B 608 31.33 -5.71 -10.99
CA ARG B 608 31.58 -4.48 -10.26
C ARG B 608 33.07 -4.15 -9.98
N ARG B 609 33.78 -5.12 -9.46
CA ARG B 609 35.20 -4.93 -9.12
C ARG B 609 36.06 -4.56 -10.32
N ASN B 610 35.58 -4.92 -11.52
CA ASN B 610 36.36 -4.71 -12.75
C ASN B 610 35.91 -3.52 -13.56
N ARG B 611 35.15 -2.63 -12.89
CA ARG B 611 34.84 -1.32 -13.44
C ARG B 611 36.14 -0.50 -13.47
N PRO B 612 36.42 0.24 -14.54
CA PRO B 612 35.52 0.62 -15.63
C PRO B 612 35.65 -0.18 -16.92
N TYR B 613 36.55 -1.17 -16.97
CA TYR B 613 36.59 -2.13 -18.10
C TYR B 613 35.21 -2.76 -18.32
N CYS B 614 34.61 -3.24 -17.24
CA CYS B 614 33.25 -3.69 -17.27
C CYS B 614 32.38 -2.59 -16.72
N MET B 615 31.31 -2.26 -17.43
CA MET B 615 30.44 -1.19 -17.02
C MET B 615 29.00 -1.64 -16.67
N GLY B 616 28.77 -2.93 -16.55
CA GLY B 616 27.41 -3.31 -16.21
C GLY B 616 27.17 -4.78 -16.09
N THR B 617 26.16 -5.16 -15.34
CA THR B 617 25.86 -6.57 -15.23
C THR B 617 24.34 -6.79 -15.12
N LEU B 618 23.82 -7.57 -16.07
CA LEU B 618 22.40 -7.89 -16.11
C LEU B 618 22.30 -9.39 -16.21
N TYR B 619 21.82 -10.02 -15.14
CA TYR B 619 21.74 -11.46 -15.08
C TYR B 619 20.49 -12.02 -15.74
N TRP B 620 20.58 -13.28 -16.17
CA TRP B 620 19.45 -14.06 -16.66
C TRP B 620 19.05 -15.04 -15.52
N GLN B 621 17.83 -14.96 -14.92
CA GLN B 621 16.73 -14.04 -15.35
C GLN B 621 16.13 -13.46 -14.07
N LEU B 622 15.40 -12.31 -14.15
CA LEU B 622 14.77 -11.80 -12.94
C LEU B 622 13.64 -12.75 -12.42
N ASN B 623 12.77 -13.15 -13.32
CA ASN B 623 11.49 -13.66 -12.87
C ASN B 623 10.94 -14.84 -13.66
N ASP B 624 9.80 -15.36 -13.20
CA ASP B 624 9.19 -16.58 -13.78
C ASP B 624 7.73 -16.32 -14.28
N SER B 625 7.34 -17.00 -15.34
CA SER B 625 6.00 -16.90 -15.92
C SER B 625 5.03 -17.98 -15.37
N TRP B 626 5.57 -18.95 -14.64
CA TRP B 626 4.80 -20.05 -14.07
C TRP B 626 5.73 -20.84 -13.14
N PRO B 627 5.16 -21.77 -12.39
CA PRO B 627 5.96 -22.58 -11.48
C PRO B 627 6.83 -23.56 -12.30
N VAL B 628 8.15 -23.42 -12.17
CA VAL B 628 9.07 -24.19 -13.00
C VAL B 628 10.50 -24.10 -12.44
N VAL B 629 11.41 -24.94 -12.93
CA VAL B 629 12.86 -24.75 -12.65
C VAL B 629 13.38 -23.68 -13.60
N SER B 630 14.11 -22.69 -13.11
CA SER B 630 14.64 -21.69 -14.04
C SER B 630 15.80 -20.95 -13.49
N TRP B 631 16.22 -19.97 -14.26
CA TRP B 631 17.35 -19.12 -13.92
C TRP B 631 16.97 -17.95 -13.02
N SER B 632 15.70 -17.81 -12.63
CA SER B 632 15.19 -16.61 -11.94
C SER B 632 15.78 -16.40 -10.58
N SER B 633 15.79 -15.16 -10.09
CA SER B 633 16.03 -14.85 -8.67
C SER B 633 14.71 -14.75 -7.86
N ILE B 634 13.59 -14.69 -8.58
CA ILE B 634 12.25 -14.66 -7.95
C ILE B 634 11.35 -15.68 -8.65
N ASP B 635 10.70 -16.54 -7.89
CA ASP B 635 9.88 -17.59 -8.48
C ASP B 635 8.46 -17.06 -8.83
N TYR B 636 7.65 -17.89 -9.47
CA TYR B 636 6.40 -17.34 -10.02
C TYR B 636 5.48 -16.69 -8.95
N TYR B 637 5.56 -17.19 -7.71
CA TYR B 637 4.75 -16.68 -6.61
C TYR B 637 5.34 -15.49 -5.89
N GLY B 638 6.47 -14.97 -6.38
CA GLY B 638 7.05 -13.82 -5.78
C GLY B 638 8.05 -14.20 -4.69
N ASN B 639 8.26 -15.48 -4.41
CA ASN B 639 9.23 -15.84 -3.34
C ASN B 639 10.65 -15.50 -3.78
N TRP B 640 11.34 -14.62 -3.05
CA TRP B 640 12.76 -14.36 -3.34
C TRP B 640 13.58 -15.65 -3.14
N LYS B 641 14.34 -16.05 -4.16
CA LYS B 641 15.32 -17.12 -4.02
C LYS B 641 16.59 -16.59 -3.38
N ALA B 642 17.51 -17.47 -2.97
CA ALA B 642 18.81 -16.98 -2.41
C ALA B 642 19.45 -15.92 -3.33
N LEU B 643 19.43 -16.20 -4.62
CA LEU B 643 19.90 -15.24 -5.59
C LEU B 643 19.34 -13.85 -5.41
N HIS B 644 18.05 -13.68 -5.09
CA HIS B 644 17.61 -12.26 -5.01
C HIS B 644 18.27 -11.51 -3.84
N TYR B 645 18.37 -12.18 -2.67
CA TYR B 645 19.06 -11.61 -1.53
C TYR B 645 20.49 -11.28 -1.89
N GLN B 646 21.12 -12.19 -2.61
CA GLN B 646 22.52 -12.02 -2.94
C GLN B 646 22.75 -10.96 -3.98
N ALA B 647 21.80 -10.79 -4.94
CA ALA B 647 21.88 -9.64 -5.86
C ALA B 647 21.80 -8.33 -5.10
N LYS B 648 20.89 -8.27 -4.13
CA LYS B 648 20.73 -7.10 -3.30
C LYS B 648 22.06 -6.74 -2.63
N ARG B 649 22.69 -7.71 -2.00
CA ARG B 649 24.00 -7.50 -1.35
C ARG B 649 25.08 -7.14 -2.34
N ALA B 650 25.14 -7.86 -3.45
CA ALA B 650 26.20 -7.60 -4.41
C ALA B 650 25.98 -6.29 -5.13
N PHE B 651 24.75 -5.76 -5.10
CA PHE B 651 24.46 -4.44 -5.72
C PHE B 651 24.46 -3.26 -4.74
N ALA B 652 24.69 -3.50 -3.45
CA ALA B 652 24.72 -2.41 -2.44
C ALA B 652 25.61 -1.26 -2.90
N PRO B 653 25.12 -0.02 -2.81
CA PRO B 653 25.91 1.13 -3.27
C PRO B 653 27.39 1.16 -2.83
N VAL B 654 27.70 0.62 -1.63
CA VAL B 654 29.10 0.44 -1.17
C VAL B 654 29.30 -1.00 -0.74
N LEU B 655 30.22 -1.66 -1.41
CA LEU B 655 30.43 -3.05 -1.16
C LEU B 655 31.89 -3.24 -0.84
N ILE B 656 32.15 -3.94 0.26
CA ILE B 656 33.49 -4.42 0.53
C ILE B 656 33.56 -5.78 -0.15
N ASN B 657 34.51 -5.92 -1.08
CA ASN B 657 34.64 -7.14 -1.83
C ASN B 657 35.95 -7.90 -1.54
N PRO B 658 35.94 -8.83 -0.58
CA PRO B 658 37.14 -9.67 -0.47
C PRO B 658 37.24 -10.63 -1.67
N ILE B 659 38.41 -10.69 -2.28
CA ILE B 659 38.60 -11.66 -3.38
C ILE B 659 39.91 -12.45 -3.23
N GLN B 660 39.77 -13.75 -3.06
CA GLN B 660 40.87 -14.67 -2.85
C GLN B 660 41.16 -15.54 -4.08
N GLN B 661 42.42 -15.48 -4.54
CA GLN B 661 42.92 -16.28 -5.64
C GLN B 661 44.39 -16.52 -5.38
N ASN B 662 44.88 -17.71 -5.74
CA ASN B 662 46.33 -18.05 -5.69
C ASN B 662 46.89 -17.85 -4.27
N ASP B 663 46.27 -18.52 -3.30
CA ASP B 663 46.62 -18.42 -1.86
C ASP B 663 46.73 -16.99 -1.34
N SER B 664 46.20 -16.03 -2.07
CA SER B 664 46.30 -14.66 -1.67
C SER B 664 44.90 -14.05 -1.55
N LEU B 665 44.73 -13.09 -0.65
CA LEU B 665 43.46 -12.42 -0.46
C LEU B 665 43.66 -10.95 -0.77
N SER B 666 42.82 -10.34 -1.62
CA SER B 666 42.78 -8.85 -1.73
C SER B 666 41.45 -8.32 -1.25
N VAL B 667 41.38 -7.02 -1.04
CA VAL B 667 40.12 -6.42 -0.63
C VAL B 667 39.87 -5.16 -1.43
N TYR B 668 38.74 -5.16 -2.13
CA TYR B 668 38.31 -3.98 -2.90
C TYR B 668 37.18 -3.25 -2.20
N LEU B 669 37.22 -1.95 -2.35
CA LEU B 669 36.17 -1.05 -1.95
C LEU B 669 35.51 -0.50 -3.23
N ILE B 670 34.21 -0.77 -3.37
CA ILE B 670 33.50 -0.57 -4.63
C ILE B 670 32.35 0.34 -4.32
N SER B 671 32.33 1.51 -4.97
CA SER B 671 31.30 2.50 -4.75
C SER B 671 30.47 2.86 -6.00
N ASP B 672 29.16 2.97 -5.86
CA ASP B 672 28.33 3.64 -6.87
C ASP B 672 27.74 4.98 -6.41
N ARG B 673 28.24 5.50 -5.30
CA ARG B 673 27.83 6.81 -4.83
C ARG B 673 28.40 7.89 -5.70
N LEU B 674 27.69 9.00 -5.80
CA LEU B 674 28.15 10.17 -6.56
C LEU B 674 29.21 10.99 -5.80
N ASP B 675 29.36 10.72 -4.50
CA ASP B 675 30.28 11.45 -3.65
C ASP B 675 31.46 10.60 -3.20
N THR B 676 32.54 11.30 -2.90
CA THR B 676 33.72 10.66 -2.37
C THR B 676 33.75 10.59 -0.84
N MET B 677 33.88 9.37 -0.32
CA MET B 677 34.04 9.13 1.12
C MET B 677 35.52 9.18 1.46
N GLU B 678 35.89 9.94 2.48
CA GLU B 678 37.31 10.01 2.92
C GLU B 678 37.54 9.70 4.41
N GLN B 679 38.81 9.43 4.74
CA GLN B 679 39.22 9.22 6.14
C GLN B 679 38.40 8.03 6.64
N MET B 680 38.37 7.00 5.79
CA MET B 680 37.65 5.77 6.09
C MET B 680 38.59 4.74 6.71
N THR B 681 37.99 3.80 7.45
CA THR B 681 38.73 2.75 8.09
C THR B 681 38.19 1.38 7.77
N LEU B 682 39.03 0.57 7.15
CA LEU B 682 38.69 -0.83 7.00
C LEU B 682 39.28 -1.62 8.16
N GLU B 683 38.48 -2.51 8.73
CA GLU B 683 38.86 -3.26 9.89
C GLU B 683 38.41 -4.71 9.71
N MET B 684 39.28 -5.67 9.97
CA MET B 684 38.98 -7.07 9.70
C MET B 684 39.39 -7.95 10.87
N LYS B 685 38.74 -9.09 11.04
CA LYS B 685 39.23 -10.08 11.98
C LYS B 685 38.84 -11.46 11.59
N VAL B 686 39.72 -12.40 11.86
CA VAL B 686 39.45 -13.78 11.62
C VAL B 686 38.76 -14.20 12.87
N VAL B 687 37.72 -15.01 12.72
CA VAL B 687 36.86 -15.37 13.80
C VAL B 687 36.59 -16.79 13.45
N ASP B 688 36.77 -17.70 14.39
CA ASP B 688 36.47 -19.09 14.12
C ASP B 688 35.00 -19.39 14.31
N PHE B 689 34.56 -20.61 14.00
CA PHE B 689 33.14 -20.92 13.97
C PHE B 689 32.49 -21.00 15.38
N ASP B 690 33.25 -20.63 16.42
CA ASP B 690 32.76 -20.63 17.80
C ASP B 690 32.77 -19.25 18.34
N GLY B 691 33.32 -18.31 17.57
CA GLY B 691 33.26 -16.93 17.97
C GLY B 691 34.59 -16.40 18.45
N LYS B 692 35.56 -17.30 18.61
CA LYS B 692 36.88 -16.87 19.09
C LYS B 692 37.63 -16.07 18.00
N THR B 693 38.05 -14.85 18.32
CA THR B 693 38.87 -14.10 17.40
C THR B 693 40.22 -14.75 17.34
N LEU B 694 40.72 -15.02 16.13
CA LEU B 694 42.06 -15.58 15.93
C LEU B 694 42.97 -14.42 15.56
N GLY B 695 44.08 -14.26 16.29
CA GLY B 695 44.95 -13.08 16.13
C GLY B 695 44.31 -11.77 16.58
N LYS B 696 44.95 -10.64 16.24
CA LYS B 696 44.40 -9.31 16.53
C LYS B 696 43.51 -8.82 15.37
N LYS B 697 42.72 -7.76 15.60
CA LYS B 697 42.11 -7.02 14.50
C LYS B 697 43.23 -6.58 13.57
N ILE B 698 42.92 -6.44 12.28
CA ILE B 698 43.76 -5.76 11.28
C ILE B 698 43.07 -4.43 10.98
N GLN B 699 43.82 -3.38 10.64
CA GLN B 699 43.24 -2.05 10.54
C GLN B 699 43.89 -1.28 9.40
N VAL B 700 43.08 -0.70 8.53
CA VAL B 700 43.63 0.08 7.44
C VAL B 700 42.93 1.42 7.50
N HIS B 701 43.72 2.45 7.78
CA HIS B 701 43.19 3.79 8.07
C HIS B 701 43.47 4.71 6.89
N SER B 702 42.86 5.89 6.92
CA SER B 702 43.08 6.93 5.92
C SER B 702 42.58 6.56 4.51
N LEU B 703 41.72 5.53 4.42
CA LEU B 703 41.26 5.03 3.13
C LEU B 703 40.30 6.03 2.54
N GLU B 704 40.51 6.36 1.27
CA GLU B 704 39.55 7.12 0.50
C GLU B 704 38.73 6.19 -0.43
N VAL B 705 37.40 6.33 -0.44
CA VAL B 705 36.56 5.61 -1.41
C VAL B 705 35.97 6.61 -2.42
N PRO B 706 36.68 6.83 -3.57
CA PRO B 706 36.20 7.83 -4.50
C PRO B 706 34.90 7.40 -5.20
N ALA B 707 34.16 8.40 -5.68
CA ALA B 707 32.89 8.21 -6.38
C ALA B 707 33.05 7.25 -7.55
N ASN B 708 32.17 6.26 -7.64
CA ASN B 708 32.01 5.46 -8.85
C ASN B 708 33.32 4.75 -9.23
N THR B 709 34.02 4.19 -8.25
CA THR B 709 35.27 3.47 -8.53
C THR B 709 35.28 2.17 -7.78
N SER B 710 36.07 1.23 -8.28
CA SER B 710 36.44 0.00 -7.55
CA SER B 710 36.41 0.00 -7.56
C SER B 710 37.92 0.03 -7.30
N LYS B 711 38.34 -0.13 -6.03
CA LYS B 711 39.78 0.04 -5.70
C LYS B 711 40.32 -1.00 -4.71
N CYS B 712 41.51 -1.50 -4.97
CA CYS B 712 42.16 -2.46 -4.04
C CYS B 712 42.74 -1.68 -2.88
N VAL B 713 42.63 -2.20 -1.67
CA VAL B 713 43.08 -1.44 -0.49
C VAL B 713 43.83 -2.31 0.52
N TYR B 714 43.80 -3.62 0.29
CA TYR B 714 44.49 -4.53 1.16
C TYR B 714 44.80 -5.77 0.37
N ARG B 715 45.98 -6.32 0.60
CA ARG B 715 46.39 -7.57 -0.03
C ARG B 715 47.34 -8.24 0.96
N ALA B 716 47.23 -9.55 1.12
CA ALA B 716 48.12 -10.31 1.99
C ALA B 716 47.99 -11.76 1.56
N LYS B 717 49.11 -12.51 1.54
CA LYS B 717 49.04 -13.96 1.29
C LYS B 717 48.54 -14.68 2.54
N LEU B 718 47.97 -15.85 2.37
CA LEU B 718 47.48 -16.65 3.47
C LEU B 718 48.57 -17.48 4.17
N ASP B 719 49.55 -17.92 3.38
CA ASP B 719 50.67 -18.65 3.91
C ASP B 719 51.45 -17.79 4.92
N GLY B 720 51.52 -18.27 6.16
CA GLY B 720 52.11 -17.49 7.24
C GLY B 720 51.15 -16.47 7.83
N TRP B 721 49.86 -16.62 7.53
CA TRP B 721 48.77 -15.91 8.22
C TRP B 721 47.84 -16.95 8.82
N LEU B 722 47.38 -17.89 7.98
CA LEU B 722 46.48 -18.93 8.44
C LEU B 722 46.96 -20.22 7.86
N THR B 723 46.84 -21.28 8.64
CA THR B 723 47.17 -22.63 8.25
C THR B 723 46.00 -23.23 7.43
N PRO B 724 46.21 -24.39 6.76
CA PRO B 724 45.05 -24.97 6.10
C PRO B 724 43.93 -25.40 7.02
N GLU B 725 44.27 -25.82 8.23
CA GLU B 725 43.24 -26.16 9.19
C GLU B 725 42.48 -24.88 9.57
N ASP B 726 43.21 -23.78 9.81
CA ASP B 726 42.58 -22.49 10.13
C ASP B 726 41.51 -22.14 9.09
N CYS B 727 41.84 -22.38 7.81
CA CYS B 727 41.02 -21.96 6.67
C CYS B 727 39.76 -22.76 6.57
N ARG B 728 39.77 -23.97 7.10
CA ARG B 728 38.57 -24.82 7.15
C ARG B 728 37.69 -24.52 8.36
N ARG B 729 38.17 -23.65 9.25
CA ARG B 729 37.61 -23.48 10.61
C ARG B 729 37.23 -22.07 10.96
N SER B 730 37.46 -21.12 10.07
CA SER B 730 37.22 -19.72 10.42
C SER B 730 36.77 -18.89 9.23
N PHE B 731 36.25 -17.69 9.52
CA PHE B 731 35.85 -16.76 8.47
C PHE B 731 36.50 -15.39 8.75
N LEU B 732 36.54 -14.54 7.75
CA LEU B 732 36.98 -13.17 7.98
C LEU B 732 35.76 -12.27 8.00
N LYS B 733 35.69 -11.40 8.99
CA LYS B 733 34.65 -10.41 9.09
C LYS B 733 35.29 -9.11 8.61
N LEU B 734 34.56 -8.28 7.85
CA LEU B 734 35.12 -7.04 7.31
C LEU B 734 34.15 -5.87 7.46
N ILE B 735 34.64 -4.74 7.96
CA ILE B 735 33.78 -3.65 8.37
C ILE B 735 34.45 -2.39 7.85
N LEU B 736 33.66 -1.45 7.35
CA LEU B 736 34.20 -0.19 6.87
C LEU B 736 33.52 0.91 7.62
N LYS B 737 34.28 1.80 8.27
CA LYS B 737 33.67 2.92 8.98
C LYS B 737 34.21 4.28 8.58
N ASP B 738 33.45 5.35 8.90
CA ASP B 738 33.82 6.73 8.54
C ASP B 738 34.97 7.34 9.38
N LYS B 739 35.28 8.62 9.14
CA LYS B 739 36.14 9.41 10.04
C LYS B 739 35.74 9.20 11.52
N SER B 740 34.44 9.27 11.81
CA SER B 740 33.94 9.29 13.18
C SER B 740 33.51 7.94 13.72
N GLY B 741 33.99 6.84 13.13
CA GLY B 741 33.71 5.49 13.67
C GLY B 741 32.37 4.80 13.35
N HIS B 742 31.48 5.44 12.59
CA HIS B 742 30.16 4.84 12.26
C HIS B 742 30.27 3.78 11.15
N GLN B 743 29.70 2.59 11.36
CA GLN B 743 29.70 1.52 10.32
C GLN B 743 29.00 1.96 9.02
N VAL B 744 29.63 1.77 7.85
CA VAL B 744 28.91 2.00 6.57
C VAL B 744 28.79 0.79 5.61
N ALA B 745 29.57 -0.26 5.83
CA ALA B 745 29.39 -1.52 5.08
C ALA B 745 30.02 -2.66 5.86
N GLU B 746 29.58 -3.86 5.58
CA GLU B 746 30.18 -5.07 6.16
C GLU B 746 30.12 -6.24 5.20
N SER B 747 31.11 -7.13 5.26
CA SER B 747 31.05 -8.37 4.50
CA SER B 747 31.09 -8.36 4.49
C SER B 747 31.63 -9.51 5.34
N VAL B 748 31.53 -10.73 4.83
CA VAL B 748 32.05 -11.91 5.47
C VAL B 748 32.75 -12.70 4.35
N HIS B 749 33.97 -13.17 4.60
CA HIS B 749 34.72 -13.96 3.63
C HIS B 749 34.99 -15.37 4.16
N PHE B 750 34.76 -16.38 3.31
CA PHE B 750 35.21 -17.71 3.62
C PHE B 750 36.45 -18.06 2.79
N PHE B 751 37.36 -18.84 3.39
CA PHE B 751 38.69 -19.13 2.84
C PHE B 751 38.70 -20.37 1.99
N ARG B 752 37.77 -21.28 2.24
CA ARG B 752 37.68 -22.49 1.48
C ARG B 752 36.25 -22.61 0.94
N LYS B 753 36.04 -23.56 0.01
CA LYS B 753 34.73 -23.92 -0.50
C LYS B 753 33.89 -24.50 0.61
N THR B 754 32.58 -24.33 0.53
CA THR B 754 31.72 -24.78 1.62
C THR B 754 31.84 -26.27 1.95
N LYS B 755 31.99 -27.12 0.93
CA LYS B 755 32.11 -28.57 1.16
C LYS B 755 33.40 -28.93 1.90
N ASP B 756 34.33 -27.99 1.92
CA ASP B 756 35.57 -28.20 2.61
C ASP B 756 35.49 -27.76 4.07
N LEU B 757 34.53 -26.89 4.39
CA LEU B 757 34.45 -26.27 5.72
C LEU B 757 34.19 -27.29 6.81
N GLN B 758 34.83 -27.10 7.96
CA GLN B 758 34.60 -27.98 9.10
C GLN B 758 33.45 -27.38 9.90
N LEU B 759 32.22 -27.63 9.48
CA LEU B 759 31.06 -26.98 10.08
C LEU B 759 30.66 -27.67 11.36
N PRO B 760 30.45 -26.89 12.44
CA PRO B 760 30.07 -27.52 13.70
C PRO B 760 28.59 -27.86 13.71
N PRO B 761 28.17 -28.77 14.61
CA PRO B 761 26.78 -29.20 14.69
C PRO B 761 25.99 -28.12 15.47
N THR B 762 25.97 -26.93 14.87
CA THR B 762 25.27 -25.80 15.39
C THR B 762 23.85 -26.10 15.77
N SER B 763 23.39 -25.49 16.86
CA SER B 763 22.00 -25.66 17.26
C SER B 763 21.37 -24.28 17.14
N VAL B 764 20.62 -24.03 16.09
CA VAL B 764 20.03 -22.67 15.90
C VAL B 764 18.80 -22.51 16.75
N SER B 765 18.70 -21.44 17.54
CA SER B 765 17.43 -21.18 18.26
C SER B 765 16.80 -19.85 17.88
N TYR B 766 15.50 -19.76 18.05
CA TYR B 766 14.86 -18.51 17.66
C TYR B 766 13.67 -18.17 18.53
N GLN B 767 13.57 -16.89 18.85
CA GLN B 767 12.31 -16.34 19.39
C GLN B 767 11.50 -15.63 18.29
N MET B 768 10.17 -15.75 18.44
CA MET B 768 9.21 -15.23 17.49
C MET B 768 8.18 -14.33 18.17
N LYS B 769 7.99 -13.13 17.63
CA LYS B 769 7.04 -12.14 18.14
C LYS B 769 6.11 -11.80 16.96
N GLN B 770 4.91 -12.39 16.99
CA GLN B 770 3.97 -12.35 15.88
C GLN B 770 2.85 -11.30 16.09
N THR B 771 2.66 -10.41 15.13
CA THR B 771 1.51 -9.53 15.14
C THR B 771 0.69 -9.64 13.81
N ASP B 772 -0.26 -8.73 13.61
CA ASP B 772 -1.07 -8.70 12.38
C ASP B 772 -0.21 -8.34 11.19
N GLY B 773 -0.19 -9.25 10.22
CA GLY B 773 0.53 -9.01 8.99
C GLY B 773 2.04 -9.08 9.10
N LYS B 774 2.58 -9.51 10.24
CA LYS B 774 4.03 -9.46 10.49
C LYS B 774 4.53 -10.41 11.60
N CYS B 775 5.70 -11.05 11.36
CA CYS B 775 6.36 -11.90 12.35
CA CYS B 775 6.38 -11.87 12.37
C CYS B 775 7.80 -11.43 12.53
N GLU B 776 8.22 -11.16 13.77
CA GLU B 776 9.63 -10.84 14.05
C GLU B 776 10.28 -12.08 14.62
N LEU B 777 11.29 -12.57 13.93
CA LEU B 777 12.12 -13.68 14.37
C LEU B 777 13.44 -13.12 14.91
N THR B 778 13.90 -13.67 16.04
CA THR B 778 15.27 -13.39 16.46
C THR B 778 15.93 -14.72 16.52
N LEU B 779 17.04 -14.84 15.81
CA LEU B 779 17.77 -16.09 15.72
C LEU B 779 19.10 -16.02 16.46
N PHE B 780 19.46 -17.12 17.15
CA PHE B 780 20.74 -17.17 17.87
C PHE B 780 21.40 -18.53 17.79
N SER B 781 22.70 -18.48 17.58
CA SER B 781 23.53 -19.64 17.79
CA SER B 781 23.55 -19.65 17.73
C SER B 781 24.91 -19.24 18.30
N SER B 782 25.49 -20.10 19.14
CA SER B 782 26.82 -19.87 19.66
C SER B 782 27.87 -20.32 18.62
N MET B 783 27.45 -21.16 17.68
CA MET B 783 28.32 -21.59 16.57
C MET B 783 27.75 -21.20 15.20
N LEU B 784 28.65 -21.07 14.22
CA LEU B 784 28.29 -20.70 12.83
C LEU B 784 27.20 -21.65 12.25
N ALA B 785 26.22 -21.04 11.58
CA ALA B 785 25.18 -21.74 10.87
C ALA B 785 25.30 -21.18 9.47
N LYS B 786 25.60 -22.06 8.52
CA LYS B 786 26.03 -21.65 7.17
C LYS B 786 24.84 -21.46 6.22
N ASP B 787 24.74 -20.29 5.59
CA ASP B 787 23.62 -20.06 4.61
C ASP B 787 22.28 -20.49 5.15
N ILE B 788 21.79 -19.92 6.25
CA ILE B 788 20.51 -20.49 6.74
C ILE B 788 19.37 -20.07 5.78
N PHE B 789 18.36 -20.89 5.69
CA PHE B 789 17.14 -20.57 4.96
C PHE B 789 16.06 -20.57 6.00
N ILE B 790 15.33 -19.45 6.18
CA ILE B 790 14.10 -19.45 7.01
C ILE B 790 12.88 -19.73 6.12
N GLU B 791 12.35 -20.94 6.22
CA GLU B 791 11.35 -21.43 5.33
C GLU B 791 9.95 -21.46 5.99
N THR B 792 8.96 -20.86 5.33
CA THR B 792 7.55 -20.72 5.80
C THR B 792 6.54 -21.11 4.70
N PRO B 793 5.36 -21.63 5.07
CA PRO B 793 4.55 -22.17 4.00
C PRO B 793 3.69 -21.12 3.29
N LEU B 794 3.75 -19.82 3.67
CA LEU B 794 2.87 -18.84 3.03
C LEU B 794 3.49 -18.34 1.75
N GLN B 795 2.74 -18.48 0.67
CA GLN B 795 3.20 -18.02 -0.64
C GLN B 795 3.41 -16.53 -0.57
N GLY B 796 4.56 -16.09 -1.08
CA GLY B 796 4.80 -14.67 -1.26
C GLY B 796 5.20 -13.89 -0.02
N ALA B 797 5.41 -14.60 1.09
CA ALA B 797 5.96 -13.95 2.28
C ALA B 797 7.26 -13.18 2.01
N ARG B 798 7.37 -11.99 2.54
CA ARG B 798 8.57 -11.18 2.33
C ARG B 798 9.47 -11.20 3.58
N TYR B 799 10.78 -11.03 3.43
CA TYR B 799 11.68 -11.13 4.56
C TYR B 799 12.64 -10.01 4.57
N SER B 800 12.88 -9.40 5.73
CA SER B 800 13.99 -8.39 5.81
C SER B 800 15.32 -9.02 5.35
N ASP B 801 15.50 -10.32 5.56
CA ASP B 801 16.72 -10.99 5.09
C ASP B 801 16.49 -12.46 5.16
N ASN B 802 17.26 -13.21 4.36
CA ASN B 802 17.20 -14.64 4.29
C ASN B 802 18.47 -15.15 3.54
N PHE B 803 18.75 -16.45 3.66
CA PHE B 803 19.93 -17.06 3.01
C PHE B 803 21.25 -16.28 3.35
N PHE B 804 21.47 -16.09 4.64
CA PHE B 804 22.68 -15.47 5.18
C PHE B 804 23.35 -16.44 6.16
N ASP B 805 24.58 -16.14 6.49
CA ASP B 805 25.29 -16.90 7.52
C ASP B 805 24.92 -16.34 8.88
N LEU B 806 24.44 -17.18 9.78
CA LEU B 806 24.21 -16.76 11.16
C LEU B 806 25.53 -16.87 11.91
N LEU B 807 26.16 -15.76 12.23
CA LEU B 807 27.47 -15.81 12.86
C LEU B 807 27.45 -16.29 14.38
N PRO B 808 28.56 -16.90 14.85
CA PRO B 808 28.64 -17.31 16.27
C PRO B 808 28.42 -16.15 17.26
N GLY B 809 27.42 -16.26 18.12
CA GLY B 809 27.23 -15.26 19.19
C GLY B 809 26.61 -13.97 18.70
N GLU B 810 26.22 -13.94 17.43
CA GLU B 810 25.66 -12.72 16.85
C GLU B 810 24.18 -12.89 16.48
N ARG B 811 23.31 -12.53 17.43
CA ARG B 811 21.86 -12.52 17.24
C ARG B 811 21.44 -11.76 15.95
N LYS B 812 20.34 -12.17 15.35
CA LYS B 812 19.90 -11.68 14.04
C LYS B 812 18.37 -11.55 14.05
N LYS B 813 17.86 -10.34 13.83
CA LYS B 813 16.41 -10.07 13.78
C LYS B 813 15.95 -10.23 12.32
N VAL B 814 14.94 -11.06 12.07
CA VAL B 814 14.33 -11.13 10.74
C VAL B 814 12.85 -10.81 10.86
N ILE B 815 12.39 -9.92 10.00
CA ILE B 815 10.97 -9.62 9.87
C ILE B 815 10.36 -10.35 8.67
N ILE B 816 9.22 -10.94 8.88
CA ILE B 816 8.51 -11.59 7.79
C ILE B 816 7.17 -10.90 7.68
N THR B 817 6.82 -10.45 6.48
CA THR B 817 5.50 -9.84 6.27
C THR B 817 4.68 -10.58 5.25
N SER B 818 3.37 -10.49 5.44
CA SER B 818 2.39 -11.10 4.58
C SER B 818 1.02 -10.70 5.11
N PRO B 819 0.06 -10.34 4.22
CA PRO B 819 -1.35 -10.15 4.68
C PRO B 819 -2.00 -11.39 5.31
N ARG B 820 -1.48 -12.59 5.09
CA ARG B 820 -2.11 -13.76 5.73
C ARG B 820 -1.63 -14.06 7.17
N ILE B 821 -0.53 -13.43 7.59
CA ILE B 821 -0.08 -13.53 8.99
C ILE B 821 -1.10 -12.78 9.91
N LYS B 822 -1.70 -13.53 10.82
CA LYS B 822 -2.64 -12.99 11.80
C LYS B 822 -2.09 -13.22 13.23
N LYS B 823 -2.14 -12.17 14.05
CA LYS B 823 -1.88 -12.25 15.49
C LYS B 823 -2.56 -13.47 16.12
N GLY B 824 -1.79 -14.36 16.74
CA GLY B 824 -2.39 -15.47 17.50
C GLY B 824 -2.65 -16.78 16.78
N GLU B 825 -2.23 -16.87 15.51
CA GLU B 825 -2.26 -18.12 14.74
C GLU B 825 -0.81 -18.35 14.24
N GLU B 826 -0.03 -19.18 14.96
CA GLU B 826 1.45 -19.16 14.85
C GLU B 826 2.02 -19.59 13.49
N LEU B 827 2.94 -18.78 12.96
CA LEU B 827 3.48 -19.04 11.62
C LEU B 827 4.48 -20.21 11.65
N PRO B 828 4.21 -21.30 10.90
CA PRO B 828 5.18 -22.41 10.85
C PRO B 828 6.50 -21.92 10.28
N VAL B 829 7.60 -22.30 10.94
CA VAL B 829 8.94 -21.91 10.57
C VAL B 829 9.83 -23.13 10.56
N ASN B 830 10.60 -23.28 9.50
CA ASN B 830 11.55 -24.36 9.45
C ASN B 830 12.86 -23.73 9.06
N ILE B 831 13.89 -23.88 9.90
CA ILE B 831 15.22 -23.29 9.62
C ILE B 831 16.13 -24.39 9.08
N LYS B 832 16.87 -24.12 8.00
CA LYS B 832 17.77 -25.10 7.41
C LYS B 832 19.13 -24.45 7.31
N HIS B 833 20.18 -25.25 7.43
CA HIS B 833 21.55 -24.73 7.20
C HIS B 833 22.45 -25.87 6.68
N ILE B 834 23.58 -25.55 6.09
CA ILE B 834 24.36 -26.56 5.33
C ILE B 834 24.67 -27.87 6.08
N ARG B 835 25.09 -27.74 7.33
CA ARG B 835 25.64 -28.89 8.06
C ARG B 835 24.56 -29.93 8.19
N GLU B 836 23.30 -29.50 8.13
CA GLU B 836 22.21 -30.46 8.28
C GLU B 836 21.97 -31.34 7.04
N THR B 837 22.63 -30.99 5.93
CA THR B 837 22.25 -31.55 4.60
C THR B 837 23.05 -32.82 4.21
N TYR B 838 23.97 -33.26 5.07
CA TYR B 838 24.79 -34.44 4.75
C TYR B 838 25.33 -35.20 5.98
N LYS B 839 25.80 -36.40 5.68
CA LYS B 839 26.46 -37.29 6.61
C LYS B 839 27.94 -37.44 6.21
N LEU B 840 28.88 -36.97 7.02
CA LEU B 840 30.33 -37.10 6.75
C LEU B 840 30.81 -38.49 7.11
N GLU B 841 31.68 -39.05 6.27
CA GLU B 841 32.00 -40.47 6.31
C GLU B 841 33.31 -40.77 7.04
#